data_1PWQ
#
_entry.id   1PWQ
#
_cell.length_a   96.700
_cell.length_b   137.400
_cell.length_c   98.300
_cell.angle_alpha   90.00
_cell.angle_beta   98.00
_cell.angle_gamma   90.00
#
_symmetry.space_group_name_H-M   'P 1 21 1'
#
loop_
_entity.id
_entity.type
_entity.pdbx_description
1 polymer 'Lethal factor'
2 non-polymer 'ZINC ION'
3 non-polymer N-(SULFANYLACETYL)TYROSYLPROLYLMETHIONINAMIDE
#
_entity_poly.entity_id   1
_entity_poly.type   'polypeptide(L)'
_entity_poly.pdbx_seq_one_letter_code
;AGGHGDVGMHVKEKEKNKDENKRKDEERNKTQEEHLKEIMKHIVKIEVKGEEAVKKEAAEKLLEKVPSDVLEMYKAIGGK
IYIVDGDITKHISLEALSEDKKKIKDIYGKDALLHEHYVYAKEGYEPVLVIQSSEDYVENTEKALNVYYEIGKILSRDIL
SKINQPYQKFLDVLNTIKNASDSDGQDLLFTNQLKEHPTDFSVEFLEQNSNEVQEVFAKAFAYYIEPQHRDVLQLYAPEA
FNYMDKFNEQEINLSLEELKDQRMLSRYEKWEKIKQHYQHWSDSLSEEGRGLLKKLQIPIEPKKDDIIHSLSQEEKELLK
RIQIDSSDFLSTEEKEFLKKLQIDIRDSLSEEEKELLNRIQVDSSNPLSEKEKEFLKKLKLDIQPYDINQRLQDTGGLID
SPSINLDVRKQYKRDIQNIDALLHQSIGSTLYNKIYLYENMNINNLTATLGADLVDSTDNTKINRGIFNEFKKNFKYSIS
SNYMIVDINERPALDNERLKWRIQLSPDTRAGYLENGKLILQRNIGLEIKDVQIIKQSEKEYIRIDAKVVPKSKIDTKIQ
EAQLNINQEWNKALGLPKYTKLITFNVHNRYASNIVESAYLILNEWKNNIQSDLIKKVTNYLVDGNGRFVFTDITLPNIA
EQYTHQDEIYEQVHSKGLYVPESRSILLHGPSKGVELRNDSEGFIHEFGHAVDDYAGYLLDKNQSDLVTNSKKFIDIFKE
EGSNLTSYGRTNEAEFFAEAFRLMHSTDHAERLKVQKNAPKTFQFINDQIKFIINS
;
_entity_poly.pdbx_strand_id   A,B
#
# COMPACT_ATOMS: atom_id res chain seq x y z
N GLU A 27 21.78 17.46 -31.36
CA GLU A 27 21.43 16.07 -31.67
C GLU A 27 22.67 15.16 -31.65
N ARG A 28 23.85 15.78 -31.69
CA ARG A 28 25.12 15.05 -31.64
C ARG A 28 26.19 15.84 -30.85
N ASN A 29 26.76 16.87 -31.49
CA ASN A 29 27.75 17.69 -30.80
C ASN A 29 27.07 18.51 -29.71
N LYS A 30 25.83 18.93 -30.04
CA LYS A 30 24.97 19.76 -29.21
C LYS A 30 24.89 19.31 -27.78
N THR A 31 25.41 18.17 -27.52
CA THR A 31 25.19 17.70 -26.20
C THR A 31 26.46 17.69 -25.31
N GLN A 32 27.23 16.57 -25.45
CA GLN A 32 28.46 16.19 -24.71
C GLN A 32 29.57 17.21 -24.62
N GLU A 33 29.92 17.87 -25.71
CA GLU A 33 31.02 18.81 -25.62
C GLU A 33 30.63 20.18 -25.06
N GLU A 34 29.46 20.68 -25.49
CA GLU A 34 29.02 22.04 -25.09
C GLU A 34 28.12 22.09 -23.88
N HIS A 35 27.59 20.95 -23.54
CA HIS A 35 26.76 20.91 -22.41
C HIS A 35 27.67 20.58 -21.23
N LEU A 36 28.67 19.74 -21.52
CA LEU A 36 29.65 19.32 -20.52
C LEU A 36 30.27 20.56 -19.90
N LYS A 37 30.84 21.40 -20.74
CA LYS A 37 31.48 22.63 -20.32
C LYS A 37 30.63 23.38 -19.28
N GLU A 38 29.31 23.16 -19.30
CA GLU A 38 28.41 23.80 -18.35
C GLU A 38 28.49 23.07 -17.01
N ILE A 39 28.40 21.74 -17.04
CA ILE A 39 28.48 20.94 -15.83
C ILE A 39 29.92 21.01 -15.32
N MET A 40 30.82 21.42 -16.20
CA MET A 40 32.23 21.57 -15.84
C MET A 40 32.41 22.78 -14.92
N LYS A 41 31.87 23.93 -15.32
CA LYS A 41 31.99 25.17 -14.55
C LYS A 41 31.30 25.18 -13.18
N HIS A 42 30.24 24.38 -13.03
CA HIS A 42 29.49 24.32 -11.78
C HIS A 42 30.12 23.43 -10.70
N ILE A 43 30.21 22.13 -10.97
CA ILE A 43 30.76 21.19 -9.97
C ILE A 43 32.24 20.90 -10.08
N VAL A 44 32.82 21.19 -11.24
CA VAL A 44 34.24 20.95 -11.44
C VAL A 44 35.03 22.18 -10.98
N LYS A 45 35.62 22.10 -9.79
CA LYS A 45 36.40 23.21 -9.24
C LYS A 45 37.90 22.94 -9.26
N ILE A 46 38.66 23.97 -9.62
CA ILE A 46 40.11 23.87 -9.68
C ILE A 46 40.78 24.73 -8.61
N GLU A 47 42.01 24.37 -8.25
CA GLU A 47 42.76 25.10 -7.24
C GLU A 47 44.26 24.84 -7.30
N VAL A 48 44.89 25.20 -8.42
CA VAL A 48 46.34 24.99 -8.58
C VAL A 48 47.10 26.15 -8.07
N LYS A 49 48.36 26.11 -8.38
CA LYS A 49 49.13 27.18 -7.83
C LYS A 49 49.46 28.24 -8.90
N GLY A 50 50.33 27.83 -9.82
CA GLY A 50 50.76 28.71 -10.87
C GLY A 50 50.46 28.14 -12.25
N GLU A 51 50.58 29.01 -13.24
CA GLU A 51 50.27 28.65 -14.61
C GLU A 51 48.93 27.85 -14.79
N GLU A 52 47.82 28.42 -14.31
CA GLU A 52 46.42 27.98 -14.39
C GLU A 52 46.03 27.59 -15.85
N ALA A 53 46.70 26.61 -16.45
CA ALA A 53 46.47 26.37 -17.88
C ALA A 53 46.14 24.95 -18.32
N VAL A 54 47.18 24.17 -18.59
CA VAL A 54 46.99 22.80 -19.05
C VAL A 54 46.58 21.90 -17.89
N LYS A 55 46.81 22.38 -16.67
CA LYS A 55 46.44 21.63 -15.45
C LYS A 55 44.94 21.30 -15.52
N LYS A 56 44.18 22.20 -16.14
CA LYS A 56 42.74 22.03 -16.31
C LYS A 56 42.45 21.20 -17.57
N GLU A 57 43.47 20.91 -18.35
CA GLU A 57 43.31 20.11 -19.57
C GLU A 57 43.22 18.60 -19.26
N ALA A 58 44.29 18.03 -18.70
CA ALA A 58 44.31 16.62 -18.37
C ALA A 58 43.14 16.33 -17.45
N ALA A 59 42.84 17.28 -16.57
CA ALA A 59 41.74 17.15 -15.63
C ALA A 59 40.39 17.28 -16.35
N GLU A 60 40.37 18.05 -17.44
CA GLU A 60 39.16 18.21 -18.22
C GLU A 60 39.10 17.05 -19.19
N LYS A 61 40.26 16.62 -19.68
CA LYS A 61 40.32 15.50 -20.59
C LYS A 61 39.94 14.26 -19.77
N LEU A 62 40.68 14.07 -18.67
CA LEU A 62 40.43 12.95 -17.76
C LEU A 62 38.96 12.76 -17.49
N LEU A 63 38.30 13.82 -17.03
CA LEU A 63 36.88 13.77 -16.71
C LEU A 63 35.95 13.74 -17.93
N GLU A 64 36.50 13.85 -19.14
CA GLU A 64 35.67 13.83 -20.33
C GLU A 64 35.31 12.39 -20.68
N LYS A 65 36.30 11.51 -20.61
CA LYS A 65 36.09 10.11 -20.94
C LYS A 65 34.90 9.48 -20.21
N VAL A 66 34.49 10.10 -19.10
CA VAL A 66 33.37 9.61 -18.30
C VAL A 66 32.02 10.14 -18.83
N PRO A 67 30.95 9.32 -18.77
CA PRO A 67 29.63 9.74 -19.25
C PRO A 67 29.19 10.95 -18.46
N SER A 68 28.99 12.06 -19.16
CA SER A 68 28.57 13.31 -18.54
C SER A 68 27.40 13.10 -17.60
N ASP A 69 26.49 12.21 -17.96
CA ASP A 69 25.32 11.93 -17.13
C ASP A 69 25.62 11.48 -15.68
N VAL A 70 26.74 10.79 -15.46
CA VAL A 70 27.08 10.38 -14.10
C VAL A 70 27.60 11.61 -13.39
N LEU A 71 28.18 12.53 -14.17
CA LEU A 71 28.73 13.75 -13.63
C LEU A 71 27.62 14.65 -13.13
N GLU A 72 26.48 14.64 -13.83
CA GLU A 72 25.33 15.44 -13.43
C GLU A 72 24.73 14.86 -12.16
N MET A 73 24.71 13.54 -12.07
CA MET A 73 24.17 12.90 -10.88
C MET A 73 25.04 13.30 -9.69
N TYR A 74 26.35 13.37 -9.88
CA TYR A 74 27.21 13.75 -8.77
C TYR A 74 26.76 15.13 -8.33
N LYS A 75 26.36 15.94 -9.29
CA LYS A 75 25.89 17.27 -8.96
C LYS A 75 24.65 17.12 -8.08
N ALA A 76 23.76 16.23 -8.49
CA ALA A 76 22.51 15.96 -7.78
C ALA A 76 22.72 15.77 -6.27
N ILE A 77 23.30 14.64 -5.86
CA ILE A 77 23.54 14.38 -4.45
C ILE A 77 24.40 15.47 -3.83
N GLY A 78 24.68 16.50 -4.63
CA GLY A 78 25.46 17.64 -4.20
C GLY A 78 26.88 17.26 -3.86
N GLY A 79 27.76 17.28 -4.86
CA GLY A 79 29.15 16.92 -4.65
C GLY A 79 30.09 17.66 -5.59
N LYS A 80 31.05 18.39 -5.03
CA LYS A 80 31.99 19.16 -5.84
C LYS A 80 33.29 18.39 -6.05
N ILE A 81 34.06 18.77 -7.07
CA ILE A 81 35.34 18.12 -7.36
C ILE A 81 36.52 19.10 -7.23
N TYR A 82 37.64 18.63 -6.69
CA TYR A 82 38.82 19.46 -6.49
C TYR A 82 40.11 18.91 -7.10
N ILE A 83 40.67 19.67 -8.03
CA ILE A 83 41.92 19.31 -8.71
C ILE A 83 43.03 20.18 -8.14
N VAL A 84 43.77 19.64 -7.18
CA VAL A 84 44.86 20.36 -6.51
C VAL A 84 46.29 19.91 -6.76
N ASP A 85 47.22 20.47 -5.97
CA ASP A 85 48.65 20.17 -6.02
C ASP A 85 49.18 19.60 -4.70
N GLY A 86 50.26 18.81 -4.82
CA GLY A 86 50.90 18.22 -3.65
C GLY A 86 50.08 17.17 -2.92
N ASP A 87 50.28 17.09 -1.60
CA ASP A 87 49.54 16.15 -0.78
C ASP A 87 48.05 16.52 -0.78
N ILE A 88 47.24 15.74 -1.49
CA ILE A 88 45.83 16.04 -1.55
C ILE A 88 45.21 16.20 -0.15
N THR A 89 45.65 15.40 0.81
CA THR A 89 45.08 15.51 2.16
C THR A 89 45.40 16.86 2.74
N LYS A 90 46.36 17.56 2.17
CA LYS A 90 46.69 18.86 2.72
C LYS A 90 45.73 19.93 2.23
N HIS A 91 44.49 19.55 1.86
CA HIS A 91 43.56 20.58 1.36
C HIS A 91 42.15 20.61 1.93
N ILE A 92 41.83 21.84 2.29
CA ILE A 92 40.57 22.30 2.86
C ILE A 92 39.47 21.23 3.14
N SER A 93 38.68 20.86 2.13
CA SER A 93 37.62 19.84 2.33
C SER A 93 38.11 18.48 2.87
N LEU A 94 39.39 18.13 2.76
CA LEU A 94 39.62 16.81 3.28
C LEU A 94 40.38 16.73 4.63
N GLU A 95 40.65 17.86 5.31
CA GLU A 95 41.47 17.64 6.49
C GLU A 95 40.70 17.17 7.74
N ALA A 96 39.38 16.88 7.71
CA ALA A 96 38.67 16.51 8.95
C ALA A 96 38.93 15.09 9.46
N LEU A 97 38.55 14.10 8.66
CA LEU A 97 38.76 12.70 9.04
C LEU A 97 40.14 12.56 9.67
N SER A 98 40.19 11.93 10.85
CA SER A 98 41.45 11.75 11.56
C SER A 98 42.18 10.47 11.16
N GLU A 99 43.06 9.98 12.04
CA GLU A 99 43.81 8.75 11.79
C GLU A 99 42.85 7.56 11.68
N ASP A 100 41.56 7.83 11.87
CA ASP A 100 40.52 6.80 11.79
C ASP A 100 40.53 6.23 10.36
N LYS A 101 40.38 7.13 9.38
CA LYS A 101 40.39 6.79 7.94
C LYS A 101 41.63 7.42 7.28
N LYS A 102 42.72 6.65 7.19
CA LYS A 102 43.97 7.16 6.61
C LYS A 102 44.62 6.13 5.67
N LYS A 103 44.16 4.88 5.73
CA LYS A 103 44.71 3.80 4.90
C LYS A 103 43.70 3.35 3.84
N ILE A 104 43.72 4.04 2.69
CA ILE A 104 42.84 3.73 1.58
C ILE A 104 43.51 2.74 0.65
N LYS A 105 42.79 1.68 0.30
CA LYS A 105 43.28 0.67 -0.61
C LYS A 105 43.00 1.12 -2.03
N ASP A 106 43.84 0.68 -2.98
CA ASP A 106 43.62 1.06 -4.37
C ASP A 106 42.89 -0.04 -5.09
N ILE A 107 42.56 0.22 -6.34
CA ILE A 107 41.86 -0.75 -7.17
C ILE A 107 42.47 -2.13 -6.99
N TYR A 108 43.74 -2.26 -7.36
CA TYR A 108 44.49 -3.49 -7.27
C TYR A 108 44.53 -4.19 -5.92
N GLY A 109 44.44 -3.43 -4.83
CA GLY A 109 44.44 -4.06 -3.52
C GLY A 109 45.62 -3.70 -2.63
N LYS A 110 46.60 -3.02 -3.22
CA LYS A 110 47.79 -2.60 -2.49
C LYS A 110 47.32 -1.54 -1.51
N ASP A 111 48.22 -0.96 -0.74
CA ASP A 111 47.83 0.05 0.24
C ASP A 111 48.51 1.41 0.14
N ALA A 112 48.07 2.21 -0.83
CA ALA A 112 48.62 3.53 -1.02
C ALA A 112 47.98 4.47 -0.01
N LEU A 113 48.81 5.14 0.79
CA LEU A 113 48.31 6.06 1.80
C LEU A 113 47.83 7.40 1.24
N LEU A 114 47.01 8.08 2.03
CA LEU A 114 46.43 9.36 1.66
C LEU A 114 47.45 10.40 1.25
N HIS A 115 48.14 11.00 2.23
CA HIS A 115 49.14 12.03 1.94
C HIS A 115 50.41 11.47 1.30
N GLU A 116 50.19 10.54 0.38
CA GLU A 116 51.25 9.87 -0.35
C GLU A 116 50.58 9.39 -1.64
N HIS A 117 49.27 9.59 -1.69
CA HIS A 117 48.44 9.20 -2.83
C HIS A 117 48.19 10.39 -3.75
N TYR A 118 47.18 10.25 -4.62
CA TYR A 118 46.85 11.32 -5.56
C TYR A 118 45.36 11.54 -5.79
N VAL A 119 44.54 10.66 -5.20
CA VAL A 119 43.10 10.79 -5.36
C VAL A 119 42.31 10.21 -4.19
N TYR A 120 41.20 10.87 -3.86
CA TYR A 120 40.32 10.39 -2.82
C TYR A 120 38.92 10.91 -3.08
N ALA A 121 37.93 10.32 -2.42
CA ALA A 121 36.54 10.74 -2.59
C ALA A 121 35.78 10.65 -1.27
N LYS A 122 35.52 11.80 -0.67
CA LYS A 122 34.79 11.86 0.59
C LYS A 122 33.42 11.18 0.54
N GLU A 123 33.18 10.32 1.52
CA GLU A 123 31.94 9.56 1.66
C GLU A 123 31.11 10.13 2.80
N GLY A 124 30.21 11.06 2.49
CA GLY A 124 29.37 11.66 3.52
C GLY A 124 28.25 12.51 2.94
N TYR A 125 27.40 13.04 3.81
CA TYR A 125 26.27 13.88 3.36
C TYR A 125 26.71 15.13 2.61
N GLU A 126 28.01 15.20 2.31
CA GLU A 126 28.61 16.31 1.56
C GLU A 126 29.67 15.72 0.63
N PRO A 127 29.22 15.03 -0.44
CA PRO A 127 30.09 14.40 -1.43
C PRO A 127 31.25 15.27 -1.90
N VAL A 128 32.47 14.78 -1.65
CA VAL A 128 33.69 15.47 -2.04
C VAL A 128 34.63 14.49 -2.72
N LEU A 129 35.33 14.97 -3.72
CA LEU A 129 36.24 14.14 -4.49
C LEU A 129 37.46 14.95 -4.86
N VAL A 130 38.63 14.55 -4.37
CA VAL A 130 39.84 15.29 -4.72
C VAL A 130 40.86 14.50 -5.49
N ILE A 131 41.27 15.08 -6.61
CA ILE A 131 42.24 14.50 -7.51
C ILE A 131 43.38 15.50 -7.62
N GLN A 132 44.61 15.00 -7.51
CA GLN A 132 45.79 15.85 -7.62
C GLN A 132 46.01 16.19 -9.10
N SER A 133 46.75 17.26 -9.36
CA SER A 133 46.99 17.62 -10.75
C SER A 133 48.05 16.74 -11.36
N SER A 134 48.27 16.93 -12.65
CA SER A 134 49.28 16.18 -13.40
C SER A 134 49.38 16.83 -14.78
N GLU A 135 50.52 16.63 -15.43
CA GLU A 135 50.77 17.18 -16.76
C GLU A 135 49.97 16.45 -17.87
N ASP A 136 50.19 15.14 -18.05
CA ASP A 136 49.46 14.38 -19.08
C ASP A 136 49.22 12.89 -18.80
N TYR A 137 47.95 12.53 -18.63
CA TYR A 137 47.54 11.15 -18.37
C TYR A 137 47.54 10.30 -19.61
N VAL A 138 48.04 10.87 -20.71
CA VAL A 138 48.09 10.16 -21.98
C VAL A 138 49.12 9.04 -21.89
N GLU A 139 50.37 9.42 -21.63
CA GLU A 139 51.44 8.44 -21.51
C GLU A 139 51.07 7.46 -20.38
N ASN A 140 50.65 8.00 -19.24
CA ASN A 140 50.25 7.18 -18.10
C ASN A 140 48.89 6.52 -18.35
N THR A 141 48.60 5.43 -17.65
CA THR A 141 47.32 4.75 -17.84
C THR A 141 46.84 4.06 -16.57
N GLU A 142 47.75 3.75 -15.65
CA GLU A 142 47.37 3.06 -14.42
C GLU A 142 46.85 3.99 -13.34
N LYS A 143 47.15 5.28 -13.45
CA LYS A 143 46.68 6.25 -12.47
C LYS A 143 45.24 6.64 -12.78
N ALA A 144 45.01 7.05 -14.02
CA ALA A 144 43.68 7.46 -14.49
C ALA A 144 42.76 6.33 -14.13
N LEU A 145 43.30 5.12 -14.17
CA LEU A 145 42.52 3.96 -13.82
C LEU A 145 42.01 4.23 -12.41
N ASN A 146 42.91 4.22 -11.42
CA ASN A 146 42.50 4.47 -10.04
C ASN A 146 41.50 5.63 -9.96
N VAL A 147 41.86 6.80 -10.48
CA VAL A 147 40.92 7.90 -10.46
C VAL A 147 39.59 7.29 -10.85
N TYR A 148 39.49 6.88 -12.12
CA TYR A 148 38.26 6.28 -12.62
C TYR A 148 37.66 5.27 -11.69
N TYR A 149 38.48 4.64 -10.90
CA TYR A 149 38.02 3.64 -9.94
C TYR A 149 37.30 4.27 -8.77
N GLU A 150 37.87 5.35 -8.25
CA GLU A 150 37.24 6.08 -7.15
C GLU A 150 35.92 6.66 -7.62
N ILE A 151 35.91 7.26 -8.83
CA ILE A 151 34.69 7.76 -9.40
C ILE A 151 33.73 6.62 -9.23
N GLY A 152 34.18 5.45 -9.67
CA GLY A 152 33.37 4.27 -9.55
C GLY A 152 32.76 4.27 -8.17
N LYS A 153 33.57 4.01 -7.16
CA LYS A 153 33.09 4.00 -5.80
C LYS A 153 32.02 5.08 -5.62
N ILE A 154 32.22 6.26 -6.19
CA ILE A 154 31.22 7.32 -6.07
C ILE A 154 29.87 6.87 -6.61
N LEU A 155 29.81 6.67 -7.91
CA LEU A 155 28.58 6.22 -8.54
C LEU A 155 28.01 4.99 -7.82
N SER A 156 28.88 4.05 -7.51
CA SER A 156 28.46 2.83 -6.87
C SER A 156 28.17 2.91 -5.39
N ARG A 157 28.33 4.09 -4.78
CA ARG A 157 28.13 4.17 -3.33
C ARG A 157 27.47 5.43 -2.82
N ASP A 158 27.51 6.47 -3.64
CA ASP A 158 26.95 7.77 -3.27
C ASP A 158 25.73 8.11 -4.10
N ILE A 159 25.64 7.54 -5.30
CA ILE A 159 24.52 7.81 -6.19
C ILE A 159 23.50 6.68 -6.32
N LEU A 160 23.95 5.59 -6.94
CA LEU A 160 23.10 4.44 -7.14
C LEU A 160 22.57 3.94 -5.80
N SER A 161 23.36 4.13 -4.76
CA SER A 161 22.95 3.69 -3.43
C SER A 161 21.71 4.48 -3.01
N LYS A 162 21.41 5.56 -3.72
CA LYS A 162 20.25 6.36 -3.37
C LYS A 162 18.99 6.06 -4.20
N ILE A 163 19.06 5.04 -5.05
CA ILE A 163 17.90 4.63 -5.86
C ILE A 163 17.78 3.11 -5.83
N ASN A 164 18.61 2.48 -5.03
CA ASN A 164 18.61 1.02 -4.81
C ASN A 164 19.27 0.14 -5.88
N GLN A 165 20.47 0.54 -6.28
CA GLN A 165 21.25 -0.20 -7.25
C GLN A 165 22.66 -0.16 -6.69
N PRO A 166 23.52 -1.12 -7.05
CA PRO A 166 23.28 -2.25 -7.95
C PRO A 166 22.27 -3.17 -7.31
N TYR A 167 21.64 -4.04 -8.12
CA TYR A 167 20.64 -4.96 -7.56
C TYR A 167 20.67 -6.32 -8.22
N GLN A 168 19.50 -6.79 -8.60
CA GLN A 168 19.36 -8.10 -9.21
C GLN A 168 19.97 -8.15 -10.60
N LYS A 169 19.84 -7.08 -11.37
CA LYS A 169 20.39 -7.10 -12.70
C LYS A 169 21.91 -7.27 -12.63
N PHE A 170 22.57 -6.45 -11.81
CA PHE A 170 24.01 -6.51 -11.66
C PHE A 170 24.46 -7.76 -10.90
N LEU A 171 23.59 -8.32 -10.06
CA LEU A 171 23.95 -9.52 -9.34
C LEU A 171 24.10 -10.63 -10.35
N ASP A 172 23.09 -10.76 -11.19
CA ASP A 172 23.06 -11.79 -12.22
C ASP A 172 24.36 -11.84 -13.03
N VAL A 173 25.04 -10.71 -13.11
CA VAL A 173 26.28 -10.66 -13.86
C VAL A 173 27.45 -11.07 -13.01
N LEU A 174 27.35 -10.87 -11.70
CA LEU A 174 28.42 -11.28 -10.81
C LEU A 174 28.45 -12.80 -10.69
N ASN A 175 27.27 -13.41 -10.65
CA ASN A 175 27.16 -14.85 -10.54
C ASN A 175 27.67 -15.56 -11.79
N THR A 176 27.23 -15.14 -12.96
CA THR A 176 27.68 -15.74 -14.20
C THR A 176 29.19 -15.78 -14.16
N ILE A 177 29.76 -14.77 -13.51
CA ILE A 177 31.21 -14.65 -13.40
C ILE A 177 31.84 -15.71 -12.49
N LYS A 178 31.17 -16.07 -11.40
CA LYS A 178 31.72 -17.07 -10.49
C LYS A 178 31.57 -18.50 -11.00
N ASN A 179 30.44 -18.79 -11.64
CA ASN A 179 30.19 -20.12 -12.18
C ASN A 179 30.31 -20.17 -13.70
N ALA A 180 31.49 -20.53 -14.20
CA ALA A 180 31.70 -20.61 -15.63
C ALA A 180 32.98 -21.34 -16.01
N SER A 181 33.19 -21.47 -17.32
CA SER A 181 34.36 -22.12 -17.91
C SER A 181 35.66 -21.59 -17.28
N ASP A 182 36.09 -20.42 -17.76
CA ASP A 182 37.31 -19.75 -17.34
C ASP A 182 37.26 -19.20 -15.90
N SER A 183 38.11 -19.74 -15.03
CA SER A 183 38.18 -19.31 -13.63
C SER A 183 39.24 -18.21 -13.43
N ASP A 184 39.38 -17.35 -14.44
CA ASP A 184 40.35 -16.24 -14.41
C ASP A 184 39.63 -14.90 -14.38
N GLY A 185 38.55 -14.79 -15.15
CA GLY A 185 37.77 -13.57 -15.16
C GLY A 185 37.35 -13.24 -13.74
N GLN A 186 37.27 -14.27 -12.90
CA GLN A 186 36.90 -14.06 -11.51
C GLN A 186 38.04 -13.30 -10.89
N ASP A 187 39.23 -13.89 -10.97
CA ASP A 187 40.44 -13.32 -10.41
C ASP A 187 40.64 -11.85 -10.74
N LEU A 188 39.95 -11.37 -11.78
CA LEU A 188 40.10 -9.99 -12.20
C LEU A 188 39.24 -8.96 -11.48
N LEU A 189 38.02 -9.36 -11.12
CA LEU A 189 37.12 -8.43 -10.45
C LEU A 189 36.80 -8.81 -9.00
N PHE A 190 36.57 -10.11 -8.78
CA PHE A 190 36.22 -10.63 -7.47
C PHE A 190 37.25 -10.43 -6.35
N THR A 191 36.74 -10.13 -5.16
CA THR A 191 37.58 -9.88 -4.01
C THR A 191 38.17 -11.13 -3.38
N ASN A 192 39.00 -10.89 -2.37
CA ASN A 192 39.66 -11.95 -1.66
C ASN A 192 38.64 -12.77 -0.85
N GLN A 193 37.35 -12.63 -1.16
CA GLN A 193 36.31 -13.38 -0.44
C GLN A 193 35.02 -13.58 -1.22
N LEU A 194 34.87 -12.88 -2.34
CA LEU A 194 33.66 -13.04 -3.13
C LEU A 194 33.85 -14.34 -3.89
N LYS A 195 35.10 -14.70 -4.13
CA LYS A 195 35.41 -15.93 -4.84
C LYS A 195 34.98 -17.16 -4.04
N GLU A 196 35.36 -17.19 -2.78
CA GLU A 196 35.06 -18.31 -1.90
C GLU A 196 33.60 -18.60 -1.61
N HIS A 197 32.79 -17.56 -1.37
CA HIS A 197 31.37 -17.75 -1.05
C HIS A 197 30.85 -19.03 -1.71
N PRO A 198 30.27 -19.93 -0.90
CA PRO A 198 29.70 -21.22 -1.32
C PRO A 198 28.68 -21.16 -2.48
N THR A 199 27.47 -20.73 -2.16
CA THR A 199 26.37 -20.63 -3.12
C THR A 199 26.36 -19.32 -3.87
N ASP A 200 25.50 -19.21 -4.88
CA ASP A 200 25.40 -17.97 -5.66
C ASP A 200 25.06 -16.81 -4.69
N PHE A 201 25.33 -15.59 -5.13
CA PHE A 201 25.07 -14.41 -4.29
C PHE A 201 23.59 -14.05 -4.29
N SER A 202 22.93 -14.30 -3.17
CA SER A 202 21.50 -13.98 -3.05
C SER A 202 21.30 -12.51 -2.75
N VAL A 203 20.25 -11.93 -3.33
CA VAL A 203 19.94 -10.54 -3.12
C VAL A 203 20.09 -10.23 -1.64
N GLU A 204 19.70 -11.16 -0.79
CA GLU A 204 19.83 -10.96 0.62
C GLU A 204 21.31 -10.69 0.93
N PHE A 205 22.18 -11.31 0.14
CA PHE A 205 23.63 -11.15 0.29
C PHE A 205 24.06 -9.74 -0.04
N LEU A 206 23.42 -9.14 -1.05
CA LEU A 206 23.74 -7.78 -1.45
C LEU A 206 23.48 -6.87 -0.25
N GLU A 207 22.64 -7.36 0.65
CA GLU A 207 22.23 -6.64 1.86
C GLU A 207 23.26 -6.73 3.00
N GLN A 208 23.92 -7.88 3.12
CA GLN A 208 24.90 -8.11 4.20
C GLN A 208 26.37 -7.86 3.84
N ASN A 209 26.73 -8.01 2.55
CA ASN A 209 28.11 -7.78 2.13
C ASN A 209 28.24 -6.64 1.12
N SER A 210 27.19 -5.83 1.05
CA SER A 210 27.10 -4.66 0.16
C SER A 210 28.41 -3.85 0.02
N ASN A 211 29.02 -3.52 1.16
CA ASN A 211 30.27 -2.77 1.14
C ASN A 211 31.28 -3.40 0.17
N GLU A 212 31.07 -4.69 -0.13
CA GLU A 212 31.93 -5.48 -1.02
C GLU A 212 31.46 -5.55 -2.45
N VAL A 213 30.15 -5.64 -2.63
CA VAL A 213 29.55 -5.71 -3.95
C VAL A 213 29.77 -4.39 -4.70
N GLN A 214 29.38 -3.30 -4.07
CA GLN A 214 29.55 -1.99 -4.68
C GLN A 214 30.98 -1.95 -5.15
N GLU A 215 31.87 -2.34 -4.24
CA GLU A 215 33.29 -2.35 -4.52
C GLU A 215 33.54 -2.87 -5.92
N VAL A 216 32.98 -4.04 -6.22
CA VAL A 216 33.17 -4.68 -7.52
C VAL A 216 32.59 -3.92 -8.69
N PHE A 217 31.33 -3.53 -8.56
CA PHE A 217 30.70 -2.78 -9.64
C PHE A 217 31.58 -1.62 -10.05
N ALA A 218 32.40 -1.14 -9.11
CA ALA A 218 33.29 -0.03 -9.37
C ALA A 218 34.45 -0.43 -10.26
N LYS A 219 35.19 -1.46 -9.84
CA LYS A 219 36.31 -1.91 -10.65
C LYS A 219 35.85 -2.03 -12.09
N ALA A 220 34.69 -2.66 -12.27
CA ALA A 220 34.14 -2.85 -13.60
C ALA A 220 33.97 -1.53 -14.35
N PHE A 221 33.66 -0.46 -13.62
CA PHE A 221 33.46 0.83 -14.25
C PHE A 221 34.80 1.30 -14.78
N ALA A 222 35.74 1.53 -13.87
CA ALA A 222 37.09 1.98 -14.22
C ALA A 222 37.65 1.27 -15.47
N TYR A 223 37.77 -0.04 -15.41
CA TYR A 223 38.33 -0.82 -16.50
C TYR A 223 37.68 -0.47 -17.81
N TYR A 224 36.34 -0.35 -17.74
CA TYR A 224 35.52 -0.03 -18.91
C TYR A 224 35.77 1.41 -19.35
N ILE A 225 36.01 2.26 -18.38
CA ILE A 225 36.23 3.67 -18.65
C ILE A 225 37.62 3.91 -19.20
N GLU A 226 38.63 3.36 -18.53
CA GLU A 226 40.02 3.51 -18.95
C GLU A 226 40.27 2.76 -20.26
N PRO A 227 40.30 3.49 -21.41
CA PRO A 227 40.52 2.89 -22.72
C PRO A 227 41.32 1.60 -22.75
N GLN A 228 42.64 1.71 -22.83
CA GLN A 228 43.48 0.51 -22.92
C GLN A 228 43.06 -0.65 -22.00
N HIS A 229 42.57 -0.35 -20.78
CA HIS A 229 42.14 -1.42 -19.86
C HIS A 229 40.76 -2.00 -20.24
N ARG A 230 40.12 -1.38 -21.23
CA ARG A 230 38.80 -1.81 -21.70
C ARG A 230 38.92 -3.17 -22.39
N ASP A 231 39.96 -3.34 -23.20
CA ASP A 231 40.18 -4.59 -23.92
C ASP A 231 40.36 -5.77 -22.97
N VAL A 232 41.16 -5.57 -21.93
CA VAL A 232 41.38 -6.61 -20.94
C VAL A 232 40.05 -7.06 -20.36
N LEU A 233 39.15 -6.09 -20.18
CA LEU A 233 37.82 -6.36 -19.63
C LEU A 233 37.00 -7.22 -20.62
N GLN A 234 37.15 -6.94 -21.90
CA GLN A 234 36.44 -7.69 -22.93
C GLN A 234 37.21 -8.97 -23.26
N LEU A 235 38.19 -9.30 -22.43
CA LEU A 235 39.00 -10.49 -22.66
C LEU A 235 38.80 -11.53 -21.58
N TYR A 236 38.72 -11.08 -20.33
CA TYR A 236 38.53 -12.01 -19.22
C TYR A 236 37.25 -11.71 -18.42
N ALA A 237 36.44 -10.78 -18.93
CA ALA A 237 35.18 -10.44 -18.27
C ALA A 237 34.05 -10.74 -19.25
N PRO A 238 33.31 -11.82 -19.00
CA PRO A 238 32.20 -12.21 -19.87
C PRO A 238 31.22 -11.08 -20.04
N GLU A 239 30.09 -11.19 -19.36
CA GLU A 239 29.02 -10.20 -19.44
C GLU A 239 29.36 -8.93 -18.67
N ALA A 240 30.25 -9.04 -17.69
CA ALA A 240 30.66 -7.90 -16.87
C ALA A 240 30.95 -6.69 -17.74
N PHE A 241 31.52 -6.91 -18.92
CA PHE A 241 31.79 -5.81 -19.82
C PHE A 241 30.44 -5.34 -20.36
N ASN A 242 29.71 -6.26 -20.98
CA ASN A 242 28.40 -5.96 -21.59
C ASN A 242 27.44 -5.20 -20.70
N TYR A 243 27.67 -5.27 -19.39
CA TYR A 243 26.84 -4.54 -18.45
C TYR A 243 27.17 -3.08 -18.61
N MET A 244 28.43 -2.74 -18.36
CA MET A 244 28.84 -1.35 -18.47
C MET A 244 28.53 -0.83 -19.86
N ASP A 245 28.91 -1.58 -20.89
CA ASP A 245 28.63 -1.12 -22.25
C ASP A 245 27.20 -0.62 -22.33
N LYS A 246 26.23 -1.47 -21.97
CA LYS A 246 24.84 -1.05 -22.01
C LYS A 246 24.58 0.08 -21.02
N PHE A 247 24.82 -0.18 -19.74
CA PHE A 247 24.59 0.80 -18.69
C PHE A 247 25.24 2.17 -18.84
N ASN A 248 26.29 2.27 -19.63
CA ASN A 248 26.95 3.56 -19.79
C ASN A 248 26.64 4.32 -21.06
N GLU A 249 25.80 3.74 -21.91
CA GLU A 249 25.44 4.40 -23.15
C GLU A 249 23.94 4.60 -23.25
N GLN A 250 23.17 3.64 -22.75
CA GLN A 250 21.71 3.73 -22.84
C GLN A 250 20.90 3.62 -21.54
N GLU A 251 21.29 2.75 -20.62
CA GLU A 251 20.54 2.56 -19.39
C GLU A 251 21.00 3.39 -18.19
N ILE A 252 21.73 4.48 -18.45
CA ILE A 252 22.24 5.35 -17.39
C ILE A 252 21.24 6.44 -17.03
N ASN A 253 20.72 7.12 -18.05
CA ASN A 253 19.73 8.19 -17.88
C ASN A 253 18.60 7.66 -17.03
N LEU A 254 18.06 6.53 -17.45
CA LEU A 254 16.95 5.92 -16.74
C LEU A 254 17.24 5.85 -15.26
N SER A 255 18.47 6.19 -14.86
CA SER A 255 18.82 6.19 -13.45
C SER A 255 18.91 7.65 -13.02
N LEU A 256 19.67 8.43 -13.75
CA LEU A 256 19.77 9.84 -13.41
C LEU A 256 18.35 10.32 -13.20
N GLU A 257 17.42 9.80 -13.98
CA GLU A 257 16.02 10.19 -13.88
C GLU A 257 15.49 9.77 -12.51
N GLU A 258 15.53 8.49 -12.20
CA GLU A 258 15.05 7.97 -10.92
C GLU A 258 15.64 8.84 -9.82
N LEU A 259 16.92 9.14 -9.93
CA LEU A 259 17.53 9.99 -8.93
C LEU A 259 16.65 11.22 -8.87
N LYS A 260 16.58 11.94 -9.99
CA LYS A 260 15.78 13.15 -10.10
C LYS A 260 14.34 12.99 -9.63
N ASP A 261 13.80 11.79 -9.66
CA ASP A 261 12.43 11.64 -9.21
C ASP A 261 12.36 11.33 -7.71
N GLN A 262 13.29 11.89 -6.95
CA GLN A 262 13.30 11.71 -5.51
C GLN A 262 13.61 13.06 -4.87
N ARG A 263 13.99 14.03 -5.71
CA ARG A 263 14.31 15.38 -5.28
C ARG A 263 13.03 16.18 -5.35
N MET A 264 12.76 16.98 -4.32
CA MET A 264 11.52 17.76 -4.31
C MET A 264 11.41 18.85 -5.35
N LEU A 265 12.00 20.00 -5.07
CA LEU A 265 11.91 21.12 -5.98
C LEU A 265 11.83 20.70 -7.44
N SER A 266 12.57 19.65 -7.79
CA SER A 266 12.56 19.16 -9.16
C SER A 266 11.24 18.43 -9.46
N ARG A 267 10.82 17.56 -8.56
CA ARG A 267 9.57 16.82 -8.71
C ARG A 267 8.40 17.72 -9.07
N TYR A 268 8.37 18.90 -8.43
CA TYR A 268 7.32 19.88 -8.66
C TYR A 268 7.73 20.86 -9.74
N GLU A 269 9.04 20.95 -9.94
CA GLU A 269 9.64 21.76 -11.02
C GLU A 269 8.96 21.29 -12.33
N LYS A 270 9.03 19.96 -12.51
CA LYS A 270 8.45 19.28 -13.68
C LYS A 270 6.92 19.38 -13.76
N TRP A 271 6.29 19.07 -12.64
CA TRP A 271 4.85 19.13 -12.54
C TRP A 271 4.31 20.48 -13.04
N GLU A 272 4.68 21.56 -12.35
CA GLU A 272 4.22 22.90 -12.71
C GLU A 272 4.53 23.22 -14.16
N LYS A 273 5.64 22.65 -14.64
CA LYS A 273 6.06 22.83 -16.02
C LYS A 273 5.01 22.24 -16.93
N ILE A 274 4.47 21.06 -16.59
CA ILE A 274 3.42 20.42 -17.39
C ILE A 274 2.10 21.10 -17.10
N LYS A 275 1.83 21.27 -15.81
CA LYS A 275 0.61 21.94 -15.36
C LYS A 275 0.38 23.21 -16.19
N GLN A 276 1.47 23.92 -16.45
CA GLN A 276 1.45 25.15 -17.23
C GLN A 276 1.00 24.84 -18.66
N HIS A 277 1.71 23.94 -19.35
CA HIS A 277 1.35 23.60 -20.72
C HIS A 277 -0.12 23.28 -20.94
N TYR A 278 -0.82 22.90 -19.88
CA TYR A 278 -2.23 22.61 -20.01
C TYR A 278 -3.02 23.71 -19.32
N GLN A 279 -2.32 24.69 -18.77
CA GLN A 279 -3.03 25.75 -18.04
C GLN A 279 -3.97 26.56 -18.92
N HIS A 280 -4.35 26.00 -20.05
CA HIS A 280 -5.30 26.69 -20.88
C HIS A 280 -6.40 25.70 -21.20
N TRP A 281 -6.03 24.44 -21.23
CA TRP A 281 -6.98 23.37 -21.48
C TRP A 281 -7.83 23.24 -20.20
N SER A 282 -7.17 22.92 -19.10
CA SER A 282 -7.82 22.74 -17.80
C SER A 282 -8.60 23.98 -17.41
N ASP A 283 -8.21 25.12 -17.98
CA ASP A 283 -8.84 26.40 -17.69
C ASP A 283 -10.05 26.68 -18.57
N SER A 284 -10.50 25.65 -19.28
CA SER A 284 -11.65 25.79 -20.15
C SER A 284 -12.40 24.48 -20.16
N LEU A 285 -13.11 24.18 -19.08
CA LEU A 285 -13.85 22.92 -19.03
C LEU A 285 -15.24 23.05 -18.44
N SER A 286 -16.22 22.54 -19.17
CA SER A 286 -17.60 22.58 -18.72
C SER A 286 -17.71 21.83 -17.42
N GLU A 287 -18.65 22.24 -16.55
CA GLU A 287 -18.84 21.54 -15.28
C GLU A 287 -19.43 20.18 -15.64
N GLU A 288 -19.53 19.94 -16.94
CA GLU A 288 -20.00 18.64 -17.45
C GLU A 288 -18.71 17.93 -17.84
N GLY A 289 -17.70 18.71 -18.22
CA GLY A 289 -16.43 18.14 -18.60
C GLY A 289 -15.73 17.54 -17.42
N ARG A 290 -15.45 18.36 -16.42
CA ARG A 290 -14.77 17.88 -15.22
C ARG A 290 -15.53 16.68 -14.71
N GLY A 291 -16.84 16.81 -14.62
CA GLY A 291 -17.66 15.73 -14.13
C GLY A 291 -17.51 14.46 -14.94
N LEU A 292 -17.15 14.61 -16.21
CA LEU A 292 -16.98 13.48 -17.10
C LEU A 292 -15.67 12.83 -16.75
N LEU A 293 -14.65 13.65 -16.53
CA LEU A 293 -13.35 13.11 -16.17
C LEU A 293 -13.44 12.30 -14.89
N LYS A 294 -13.88 12.96 -13.82
CA LYS A 294 -14.02 12.30 -12.54
C LYS A 294 -14.81 11.00 -12.65
N LYS A 295 -16.03 11.07 -13.15
CA LYS A 295 -16.86 9.87 -13.33
C LYS A 295 -15.95 8.73 -13.79
N LEU A 296 -15.18 8.99 -14.83
CA LEU A 296 -14.26 8.01 -15.38
C LEU A 296 -13.34 7.46 -14.32
N GLN A 297 -12.88 8.31 -13.40
CA GLN A 297 -11.97 7.87 -12.35
C GLN A 297 -12.62 6.87 -11.39
N ILE A 298 -13.83 7.17 -10.91
CA ILE A 298 -14.49 6.23 -9.99
C ILE A 298 -15.82 5.73 -10.51
N PRO A 299 -15.98 4.40 -10.60
CA PRO A 299 -17.21 3.78 -11.07
C PRO A 299 -18.37 4.25 -10.21
N ILE A 300 -19.54 3.62 -10.39
CA ILE A 300 -20.71 3.98 -9.61
C ILE A 300 -21.76 2.87 -9.55
N GLU A 301 -21.66 2.02 -8.54
CA GLU A 301 -22.59 0.92 -8.34
C GLU A 301 -24.01 1.53 -8.27
N PRO A 302 -24.96 0.99 -9.06
CA PRO A 302 -26.35 1.42 -9.14
C PRO A 302 -27.14 1.23 -7.87
N LYS A 303 -27.94 2.24 -7.53
CA LYS A 303 -28.76 2.28 -6.32
C LYS A 303 -29.82 1.20 -6.22
N LYS A 304 -30.06 0.75 -4.99
CA LYS A 304 -31.06 -0.27 -4.70
C LYS A 304 -32.38 0.17 -5.34
N ASP A 305 -32.95 1.23 -4.78
CA ASP A 305 -34.22 1.83 -5.20
C ASP A 305 -34.53 1.72 -6.70
N ASP A 306 -33.55 2.01 -7.55
CA ASP A 306 -33.75 1.94 -8.98
C ASP A 306 -34.01 0.53 -9.48
N ILE A 307 -33.23 -0.43 -8.97
CA ILE A 307 -33.37 -1.83 -9.37
C ILE A 307 -34.80 -2.30 -9.09
N ILE A 308 -35.21 -2.18 -7.82
CA ILE A 308 -36.54 -2.55 -7.36
C ILE A 308 -37.68 -2.07 -8.26
N HIS A 309 -37.83 -0.75 -8.40
CA HIS A 309 -38.91 -0.18 -9.24
C HIS A 309 -38.87 -0.67 -10.68
N SER A 310 -37.67 -0.76 -11.25
CA SER A 310 -37.54 -1.23 -12.62
C SER A 310 -37.59 -2.76 -12.77
N LEU A 311 -37.86 -3.47 -11.68
CA LEU A 311 -37.92 -4.94 -11.75
C LEU A 311 -39.26 -5.50 -12.27
N SER A 312 -40.35 -4.78 -12.01
CA SER A 312 -41.70 -5.14 -12.45
C SER A 312 -42.44 -6.06 -11.49
N GLN A 313 -43.65 -6.44 -11.91
CA GLN A 313 -44.56 -7.27 -11.13
C GLN A 313 -44.11 -8.70 -10.78
N GLU A 314 -44.17 -9.62 -11.74
CA GLU A 314 -43.78 -11.02 -11.49
C GLU A 314 -42.29 -11.18 -11.09
N GLU A 315 -41.43 -10.28 -11.56
CA GLU A 315 -40.02 -10.33 -11.19
C GLU A 315 -39.76 -9.96 -9.75
N LYS A 316 -40.36 -8.86 -9.31
CA LYS A 316 -40.20 -8.40 -7.93
C LYS A 316 -40.69 -9.50 -7.02
N GLU A 317 -41.88 -10.02 -7.32
CA GLU A 317 -42.50 -11.09 -6.53
C GLU A 317 -41.68 -12.38 -6.46
N LEU A 318 -40.99 -12.75 -7.54
CA LEU A 318 -40.18 -13.96 -7.52
C LEU A 318 -39.00 -13.70 -6.60
N LEU A 319 -38.42 -12.51 -6.74
CA LEU A 319 -37.28 -12.08 -5.96
C LEU A 319 -37.43 -12.38 -4.47
N LYS A 320 -38.66 -12.37 -3.98
CA LYS A 320 -38.95 -12.61 -2.57
C LYS A 320 -38.53 -13.98 -2.00
N ARG A 321 -38.58 -15.04 -2.79
CA ARG A 321 -38.18 -16.37 -2.29
C ARG A 321 -37.12 -17.04 -3.16
N ILE A 322 -35.90 -16.50 -3.11
CA ILE A 322 -34.81 -17.04 -3.92
C ILE A 322 -33.48 -17.07 -3.18
N GLN A 323 -33.19 -18.18 -2.49
CA GLN A 323 -31.93 -18.28 -1.78
C GLN A 323 -30.84 -18.01 -2.80
N ILE A 324 -30.30 -16.80 -2.75
CA ILE A 324 -29.25 -16.38 -3.67
C ILE A 324 -28.02 -17.27 -3.56
N ASP A 325 -27.64 -17.60 -2.33
CA ASP A 325 -26.47 -18.42 -2.04
C ASP A 325 -26.52 -19.82 -2.68
N SER A 326 -27.61 -20.13 -3.37
CA SER A 326 -27.77 -21.43 -4.00
C SER A 326 -27.33 -21.40 -5.47
N SER A 327 -26.64 -20.34 -5.85
CA SER A 327 -26.17 -20.17 -7.22
C SER A 327 -24.66 -20.41 -7.32
N ASP A 328 -24.19 -20.78 -8.51
CA ASP A 328 -22.76 -21.02 -8.71
C ASP A 328 -22.13 -19.74 -9.25
N PHE A 329 -22.70 -19.22 -10.34
CA PHE A 329 -22.21 -17.98 -10.92
C PHE A 329 -22.48 -16.90 -9.87
N LEU A 330 -22.36 -15.64 -10.24
CA LEU A 330 -22.61 -14.54 -9.29
C LEU A 330 -21.68 -14.58 -8.07
N SER A 331 -20.42 -14.24 -8.29
CA SER A 331 -19.42 -14.22 -7.22
C SER A 331 -19.91 -13.43 -5.99
N THR A 332 -19.27 -13.68 -4.85
CA THR A 332 -19.60 -13.04 -3.57
C THR A 332 -20.07 -11.59 -3.70
N GLU A 333 -19.19 -10.74 -4.20
CA GLU A 333 -19.48 -9.33 -4.40
C GLU A 333 -20.92 -9.09 -4.85
N GLU A 334 -21.32 -9.75 -5.93
CA GLU A 334 -22.66 -9.62 -6.50
C GLU A 334 -23.80 -10.04 -5.59
N LYS A 335 -23.91 -11.34 -5.33
CA LYS A 335 -24.97 -11.88 -4.48
C LYS A 335 -25.22 -11.06 -3.23
N GLU A 336 -24.16 -10.90 -2.44
CA GLU A 336 -24.21 -10.15 -1.20
C GLU A 336 -24.81 -8.77 -1.40
N PHE A 337 -25.16 -8.50 -2.65
CA PHE A 337 -25.77 -7.24 -3.04
C PHE A 337 -27.23 -7.52 -3.34
N LEU A 338 -27.46 -8.50 -4.21
CA LEU A 338 -28.82 -8.86 -4.56
C LEU A 338 -29.56 -9.25 -3.29
N LYS A 339 -28.83 -9.72 -2.28
CA LYS A 339 -29.45 -10.11 -1.01
C LYS A 339 -30.16 -8.91 -0.36
N LYS A 340 -29.52 -7.74 -0.37
CA LYS A 340 -30.10 -6.56 0.28
C LYS A 340 -31.48 -6.16 -0.28
N LEU A 341 -31.85 -6.64 -1.47
CA LEU A 341 -33.16 -6.32 -2.05
C LEU A 341 -34.26 -7.08 -1.33
N GLN A 342 -34.04 -8.33 -0.98
CA GLN A 342 -35.07 -9.07 -0.25
C GLN A 342 -35.38 -8.41 1.09
N ILE A 343 -34.36 -7.87 1.75
CA ILE A 343 -34.59 -7.24 3.03
C ILE A 343 -35.16 -5.85 2.95
N ASP A 344 -34.94 -5.15 1.84
CA ASP A 344 -35.52 -3.83 1.72
C ASP A 344 -36.96 -3.93 1.16
N ILE A 345 -37.23 -5.03 0.47
CA ILE A 345 -38.57 -5.20 -0.11
C ILE A 345 -39.61 -5.43 0.96
N ARG A 346 -39.23 -5.56 2.18
CA ARG A 346 -40.18 -5.91 3.21
C ARG A 346 -41.24 -4.92 3.68
N SER A 365 -32.63 -28.20 -0.68
CA SER A 365 -31.45 -27.73 0.09
C SER A 365 -30.37 -27.07 -0.81
N ASN A 366 -29.96 -27.74 -1.89
CA ASN A 366 -28.97 -27.22 -2.85
C ASN A 366 -29.53 -26.86 -4.25
N PRO A 367 -30.33 -27.76 -4.85
CA PRO A 367 -30.94 -27.55 -6.18
C PRO A 367 -31.88 -26.35 -6.22
N LEU A 368 -31.66 -25.49 -7.20
CA LEU A 368 -32.43 -24.26 -7.39
C LEU A 368 -33.61 -24.44 -8.33
N SER A 369 -33.41 -24.11 -9.61
CA SER A 369 -34.42 -24.21 -10.67
C SER A 369 -33.95 -23.32 -11.82
N GLU A 370 -34.17 -23.76 -13.06
CA GLU A 370 -33.72 -22.95 -14.18
C GLU A 370 -34.60 -21.79 -14.63
N LYS A 371 -35.87 -21.77 -14.22
CA LYS A 371 -36.71 -20.65 -14.59
C LYS A 371 -36.40 -19.55 -13.58
N GLU A 372 -35.91 -19.96 -12.41
CA GLU A 372 -35.53 -19.01 -11.40
C GLU A 372 -34.17 -18.45 -11.77
N LYS A 373 -33.25 -19.34 -12.10
CA LYS A 373 -31.90 -18.97 -12.49
C LYS A 373 -31.94 -17.84 -13.51
N GLU A 374 -32.88 -17.92 -14.45
CA GLU A 374 -33.04 -16.91 -15.49
C GLU A 374 -32.95 -15.53 -14.85
N PHE A 375 -33.80 -15.31 -13.86
CA PHE A 375 -33.87 -14.05 -13.15
C PHE A 375 -32.51 -13.58 -12.66
N LEU A 376 -31.88 -14.38 -11.80
CA LEU A 376 -30.57 -14.01 -11.28
C LEU A 376 -29.65 -13.71 -12.45
N LYS A 377 -29.73 -14.55 -13.48
CA LYS A 377 -28.91 -14.37 -14.68
C LYS A 377 -29.12 -12.96 -15.24
N LYS A 378 -30.36 -12.50 -15.24
CA LYS A 378 -30.66 -11.15 -15.73
C LYS A 378 -30.10 -10.09 -14.79
N LEU A 379 -30.42 -10.19 -13.50
CA LEU A 379 -29.94 -9.21 -12.53
C LEU A 379 -28.44 -9.04 -12.58
N LYS A 380 -27.72 -10.14 -12.83
CA LYS A 380 -26.27 -10.06 -12.90
C LYS A 380 -25.90 -8.95 -13.85
N LEU A 381 -26.68 -8.79 -14.91
CA LEU A 381 -26.42 -7.79 -15.93
C LEU A 381 -26.86 -6.37 -15.60
N ASP A 382 -27.57 -6.21 -14.50
CA ASP A 382 -28.03 -4.89 -14.08
C ASP A 382 -27.25 -4.39 -12.86
N ILE A 383 -26.72 -5.31 -12.06
CA ILE A 383 -25.99 -4.96 -10.85
C ILE A 383 -24.47 -4.81 -11.06
N GLN A 384 -24.10 -4.25 -12.21
CA GLN A 384 -22.71 -4.01 -12.57
C GLN A 384 -22.41 -2.49 -12.52
N PRO A 385 -21.44 -2.09 -11.68
CA PRO A 385 -21.08 -0.67 -11.55
C PRO A 385 -20.70 -0.10 -12.90
N TYR A 386 -21.30 1.02 -13.27
CA TYR A 386 -20.98 1.65 -14.54
C TYR A 386 -19.53 2.11 -14.54
N ASP A 387 -18.66 1.38 -15.24
CA ASP A 387 -17.23 1.70 -15.32
C ASP A 387 -16.77 1.95 -16.75
N ILE A 388 -16.44 3.20 -17.08
CA ILE A 388 -16.01 3.49 -18.43
C ILE A 388 -14.74 2.69 -18.76
N ASN A 389 -13.63 3.01 -18.13
CA ASN A 389 -12.40 2.31 -18.45
C ASN A 389 -12.48 0.78 -18.43
N GLN A 390 -13.26 0.21 -17.52
CA GLN A 390 -13.40 -1.23 -17.44
C GLN A 390 -14.16 -1.76 -18.65
N ARG A 391 -15.08 -0.95 -19.15
CA ARG A 391 -15.88 -1.32 -20.31
C ARG A 391 -15.00 -1.43 -21.54
N LEU A 392 -14.14 -0.43 -21.72
CA LEU A 392 -13.24 -0.41 -22.87
C LEU A 392 -12.28 -1.58 -22.80
N GLN A 393 -11.85 -1.94 -21.59
CA GLN A 393 -10.92 -3.05 -21.45
C GLN A 393 -11.57 -4.33 -21.92
N ASP A 394 -12.84 -4.52 -21.54
CA ASP A 394 -13.57 -5.73 -21.91
C ASP A 394 -13.77 -5.84 -23.41
N THR A 395 -14.36 -4.81 -24.01
CA THR A 395 -14.58 -4.82 -25.45
C THR A 395 -13.33 -4.54 -26.29
N GLY A 396 -12.28 -4.08 -25.62
CA GLY A 396 -11.03 -3.79 -26.31
C GLY A 396 -11.20 -2.70 -27.35
N GLY A 397 -11.94 -1.66 -27.00
CA GLY A 397 -12.15 -0.58 -27.94
C GLY A 397 -13.39 -0.87 -28.76
N LEU A 398 -13.75 -2.14 -28.87
CA LEU A 398 -14.94 -2.51 -29.62
C LEU A 398 -16.13 -2.11 -28.78
N ILE A 399 -16.42 -0.81 -28.71
CA ILE A 399 -17.53 -0.35 -27.87
C ILE A 399 -18.93 -0.64 -28.36
N ASP A 400 -19.09 -0.92 -29.66
CA ASP A 400 -20.41 -1.22 -30.21
C ASP A 400 -20.70 -2.71 -30.16
N SER A 401 -20.23 -3.40 -29.12
CA SER A 401 -20.42 -4.85 -29.01
C SER A 401 -21.58 -5.27 -28.14
N PRO A 402 -22.54 -6.02 -28.71
CA PRO A 402 -23.72 -6.49 -27.98
C PRO A 402 -23.47 -7.34 -26.73
N SER A 403 -22.49 -6.92 -25.92
CA SER A 403 -22.14 -7.63 -24.71
C SER A 403 -23.00 -7.26 -23.49
N ILE A 404 -23.76 -6.17 -23.63
CA ILE A 404 -24.63 -5.70 -22.55
C ILE A 404 -25.94 -5.12 -23.10
N ASN A 405 -26.85 -4.75 -22.19
CA ASN A 405 -28.15 -4.20 -22.54
C ASN A 405 -28.00 -3.17 -23.63
N LEU A 406 -29.11 -2.61 -24.09
CA LEU A 406 -29.04 -1.60 -25.14
C LEU A 406 -28.97 -0.19 -24.57
N ASP A 407 -29.82 0.09 -23.59
CA ASP A 407 -29.86 1.40 -22.97
C ASP A 407 -28.49 1.81 -22.43
N VAL A 408 -27.72 0.83 -21.97
CA VAL A 408 -26.40 1.07 -21.41
C VAL A 408 -25.27 1.05 -22.44
N ARG A 409 -25.27 0.06 -23.32
CA ARG A 409 -24.24 0.00 -24.34
C ARG A 409 -24.10 1.37 -24.99
N LYS A 410 -25.23 2.05 -25.19
CA LYS A 410 -25.26 3.36 -25.85
C LYS A 410 -24.75 4.54 -25.03
N GLN A 411 -24.85 4.46 -23.71
CA GLN A 411 -24.35 5.53 -22.86
C GLN A 411 -22.81 5.52 -22.93
N TYR A 412 -22.22 4.37 -22.58
CA TYR A 412 -20.77 4.21 -22.60
C TYR A 412 -20.19 4.85 -23.85
N LYS A 413 -20.92 4.74 -24.96
CA LYS A 413 -20.48 5.30 -26.22
C LYS A 413 -20.54 6.82 -26.23
N ARG A 414 -21.70 7.38 -25.90
CA ARG A 414 -21.85 8.83 -25.89
C ARG A 414 -20.69 9.39 -25.05
N ASP A 415 -20.58 8.89 -23.81
CA ASP A 415 -19.54 9.28 -22.87
C ASP A 415 -18.15 9.19 -23.48
N ILE A 416 -17.80 8.01 -23.98
CA ILE A 416 -16.48 7.75 -24.58
C ILE A 416 -16.07 8.71 -25.67
N GLN A 417 -16.82 8.73 -26.76
CA GLN A 417 -16.48 9.64 -27.85
C GLN A 417 -16.36 11.04 -27.27
N ASN A 418 -17.04 11.25 -26.15
CA ASN A 418 -16.99 12.54 -25.50
C ASN A 418 -15.65 12.69 -24.77
N ILE A 419 -15.14 11.61 -24.20
CA ILE A 419 -13.88 11.73 -23.49
C ILE A 419 -12.73 11.84 -24.47
N ASP A 420 -12.83 11.12 -25.57
CA ASP A 420 -11.80 11.14 -26.60
C ASP A 420 -11.64 12.56 -27.10
N ALA A 421 -12.75 13.29 -27.14
CA ALA A 421 -12.74 14.68 -27.60
C ALA A 421 -12.17 15.66 -26.57
N LEU A 422 -12.38 15.38 -25.28
CA LEU A 422 -11.85 16.26 -24.26
C LEU A 422 -10.35 16.12 -24.22
N LEU A 423 -9.84 15.08 -24.85
CA LEU A 423 -8.41 14.84 -24.88
C LEU A 423 -7.81 15.07 -26.27
N HIS A 424 -7.48 16.33 -26.56
CA HIS A 424 -6.94 16.73 -27.84
C HIS A 424 -5.61 17.47 -27.75
N GLN A 425 -5.27 17.89 -26.55
CA GLN A 425 -4.03 18.63 -26.33
C GLN A 425 -2.91 17.62 -26.06
N SER A 426 -1.97 17.52 -26.99
CA SER A 426 -0.85 16.61 -26.89
C SER A 426 0.19 17.04 -25.86
N ILE A 427 0.86 16.08 -25.25
CA ILE A 427 1.85 16.40 -24.24
C ILE A 427 2.90 17.29 -24.83
N GLY A 428 3.44 16.86 -25.96
CA GLY A 428 4.48 17.61 -26.65
C GLY A 428 4.48 19.10 -26.36
N SER A 429 5.49 19.56 -25.64
CA SER A 429 5.62 20.98 -25.32
C SER A 429 7.03 21.49 -25.57
N THR A 430 7.20 22.79 -25.36
CA THR A 430 8.46 23.47 -25.59
C THR A 430 9.16 23.79 -24.27
N LEU A 431 8.89 23.00 -23.24
CA LEU A 431 9.48 23.23 -21.93
C LEU A 431 10.14 21.96 -21.45
N TYR A 432 10.05 20.92 -22.27
CA TYR A 432 10.62 19.64 -21.90
C TYR A 432 10.72 18.67 -23.07
N ASN A 433 11.80 17.90 -23.07
CA ASN A 433 12.03 16.91 -24.11
C ASN A 433 11.33 15.57 -23.81
N LYS A 434 12.09 14.56 -23.40
CA LYS A 434 11.46 13.29 -23.08
C LYS A 434 10.68 13.49 -21.77
N ILE A 435 9.53 12.85 -21.69
CA ILE A 435 8.70 12.94 -20.49
C ILE A 435 8.41 11.55 -20.01
N TYR A 436 8.88 11.24 -18.82
CA TYR A 436 8.63 9.93 -18.28
C TYR A 436 7.47 9.97 -17.32
N LEU A 437 6.40 9.31 -17.67
CA LEU A 437 5.26 9.28 -16.79
C LEU A 437 5.25 7.89 -16.17
N TYR A 438 4.80 7.78 -14.92
CA TYR A 438 4.81 6.48 -14.27
C TYR A 438 3.43 5.91 -14.02
N GLU A 439 3.34 4.59 -13.85
CA GLU A 439 2.06 3.93 -13.60
C GLU A 439 2.24 2.59 -12.87
N ASN A 440 1.44 2.36 -11.82
CA ASN A 440 1.54 1.12 -11.08
C ASN A 440 0.39 0.23 -11.50
N MET A 441 0.69 -1.07 -11.58
CA MET A 441 -0.26 -2.07 -12.05
C MET A 441 -0.24 -3.36 -11.28
N ASN A 442 -1.36 -4.08 -11.36
CA ASN A 442 -1.52 -5.38 -10.71
C ASN A 442 -1.28 -6.46 -11.75
N ILE A 443 -0.26 -7.29 -11.57
CA ILE A 443 0.04 -8.29 -12.58
C ILE A 443 -1.13 -9.16 -12.98
N ASN A 444 -2.24 -9.08 -12.26
CA ASN A 444 -3.41 -9.87 -12.59
C ASN A 444 -4.12 -9.38 -13.84
N ASN A 445 -4.02 -8.08 -14.12
CA ASN A 445 -4.64 -7.51 -15.30
C ASN A 445 -3.78 -7.82 -16.51
N LEU A 446 -2.75 -8.63 -16.29
CA LEU A 446 -1.83 -9.01 -17.35
C LEU A 446 -1.76 -10.52 -17.52
N THR A 447 -1.77 -11.24 -16.41
CA THR A 447 -1.69 -12.69 -16.47
C THR A 447 -2.02 -13.31 -15.15
N ALA A 448 -3.29 -13.61 -14.95
CA ALA A 448 -3.75 -14.23 -13.72
C ALA A 448 -2.82 -15.36 -13.31
N THR A 449 -2.60 -16.27 -14.27
CA THR A 449 -1.75 -17.46 -14.15
C THR A 449 -0.46 -17.29 -13.37
N LEU A 450 0.36 -16.35 -13.81
CA LEU A 450 1.63 -16.05 -13.17
C LEU A 450 1.41 -15.25 -11.90
N GLY A 451 0.29 -14.54 -11.85
CA GLY A 451 -0.03 -13.71 -10.70
C GLY A 451 -0.33 -14.50 -9.44
N ALA A 452 -0.47 -15.81 -9.58
CA ALA A 452 -0.77 -16.63 -8.43
C ALA A 452 0.49 -17.22 -7.82
N ASP A 453 1.64 -16.95 -8.42
CA ASP A 453 2.91 -17.46 -7.91
C ASP A 453 3.94 -16.36 -7.87
N LEU A 454 3.64 -15.24 -8.52
CA LEU A 454 4.55 -14.09 -8.57
C LEU A 454 5.10 -13.65 -7.22
N VAL A 455 4.33 -13.81 -6.16
CA VAL A 455 4.80 -13.41 -4.84
C VAL A 455 5.29 -14.66 -4.10
N ASP A 456 6.40 -14.54 -3.37
CA ASP A 456 6.97 -15.68 -2.67
C ASP A 456 6.33 -16.03 -1.33
N SER A 457 5.50 -17.07 -1.37
CA SER A 457 4.74 -17.63 -0.25
C SER A 457 5.22 -17.33 1.19
N THR A 458 6.53 -17.31 1.41
CA THR A 458 7.09 -17.06 2.75
C THR A 458 7.50 -15.62 3.02
N ASP A 459 8.15 -14.97 2.04
CA ASP A 459 8.56 -13.58 2.19
C ASP A 459 7.87 -12.71 1.13
N ASN A 460 6.65 -12.31 1.47
CA ASN A 460 5.80 -11.49 0.63
C ASN A 460 6.45 -10.26 0.00
N THR A 461 7.66 -9.89 0.42
CA THR A 461 8.29 -8.71 -0.16
C THR A 461 9.18 -9.08 -1.33
N LYS A 462 9.39 -10.37 -1.53
CA LYS A 462 10.24 -10.83 -2.61
C LYS A 462 9.45 -11.37 -3.79
N ILE A 463 10.07 -11.29 -4.97
CA ILE A 463 9.47 -11.77 -6.21
C ILE A 463 10.07 -13.12 -6.59
N ASN A 464 9.23 -14.15 -6.69
CA ASN A 464 9.74 -15.47 -7.06
C ASN A 464 10.42 -15.41 -8.43
N ARG A 465 11.74 -15.54 -8.43
CA ARG A 465 12.53 -15.48 -9.66
C ARG A 465 12.01 -16.26 -10.86
N GLY A 466 11.72 -17.54 -10.68
CA GLY A 466 11.21 -18.33 -11.80
C GLY A 466 10.11 -17.58 -12.51
N ILE A 467 8.98 -17.47 -11.83
CA ILE A 467 7.80 -16.76 -12.33
C ILE A 467 8.20 -15.50 -13.10
N PHE A 468 9.03 -14.69 -12.48
CA PHE A 468 9.51 -13.45 -13.08
C PHE A 468 10.00 -13.64 -14.51
N ASN A 469 10.74 -14.72 -14.75
CA ASN A 469 11.30 -14.99 -16.08
C ASN A 469 10.23 -15.39 -17.08
N GLU A 470 9.22 -16.11 -16.62
CA GLU A 470 8.13 -16.57 -17.47
C GLU A 470 7.19 -15.40 -17.80
N PHE A 471 7.36 -14.29 -17.09
CA PHE A 471 6.53 -13.11 -17.32
C PHE A 471 7.31 -12.23 -18.27
N LYS A 472 8.57 -11.99 -17.92
CA LYS A 472 9.50 -11.19 -18.69
C LYS A 472 9.69 -11.81 -20.06
N LYS A 473 9.37 -13.10 -20.13
CA LYS A 473 9.47 -13.93 -21.32
C LYS A 473 9.13 -13.27 -22.65
N ASN A 474 7.99 -13.65 -23.23
CA ASN A 474 7.58 -13.12 -24.52
C ASN A 474 6.85 -11.80 -24.42
N PHE A 475 7.39 -10.87 -23.65
CA PHE A 475 6.76 -9.56 -23.46
C PHE A 475 7.60 -8.56 -24.23
N LYS A 476 7.15 -8.18 -25.42
CA LYS A 476 7.87 -7.24 -26.29
C LYS A 476 7.07 -5.99 -26.66
N TYR A 477 5.74 -6.08 -26.60
CA TYR A 477 4.88 -4.94 -26.91
C TYR A 477 3.55 -4.96 -26.15
N SER A 478 3.04 -3.77 -25.84
CA SER A 478 1.81 -3.65 -25.06
C SER A 478 0.81 -2.64 -25.62
N ILE A 479 -0.47 -3.01 -25.62
CA ILE A 479 -1.52 -2.12 -26.11
C ILE A 479 -2.35 -1.56 -24.98
N SER A 480 -2.85 -0.35 -25.19
CA SER A 480 -3.70 0.33 -24.21
C SER A 480 -4.90 0.84 -24.96
N SER A 481 -6.04 0.20 -24.75
CA SER A 481 -7.27 0.59 -25.43
C SER A 481 -8.25 1.31 -24.53
N ASN A 482 -7.84 1.54 -23.30
CA ASN A 482 -8.66 2.28 -22.37
C ASN A 482 -7.84 3.52 -22.05
N TYR A 483 -8.38 4.40 -21.22
CA TYR A 483 -7.69 5.62 -20.85
C TYR A 483 -6.71 5.41 -19.69
N MET A 484 -5.44 5.39 -20.03
CA MET A 484 -4.40 5.19 -19.04
C MET A 484 -4.29 6.38 -18.14
N ILE A 485 -4.52 6.14 -16.86
CA ILE A 485 -4.42 7.19 -15.85
C ILE A 485 -3.06 7.02 -15.14
N VAL A 486 -2.13 7.89 -15.51
CA VAL A 486 -0.78 7.83 -14.98
C VAL A 486 -0.41 9.02 -14.12
N ASP A 487 0.63 8.86 -13.33
CA ASP A 487 1.10 9.92 -12.43
C ASP A 487 2.33 10.64 -12.99
N ILE A 488 2.31 11.97 -12.89
CA ILE A 488 3.40 12.79 -13.39
C ILE A 488 4.70 12.48 -12.64
N ASN A 489 4.60 12.22 -11.35
CA ASN A 489 5.80 11.85 -10.59
C ASN A 489 5.59 10.56 -9.81
N GLU A 490 6.42 9.56 -10.08
CA GLU A 490 6.23 8.28 -9.43
C GLU A 490 5.80 8.45 -8.00
N ARG A 491 4.63 7.89 -7.69
CA ARG A 491 4.06 7.92 -6.34
C ARG A 491 3.94 6.41 -5.99
N PRO A 492 3.98 6.05 -4.69
CA PRO A 492 3.89 4.68 -4.21
C PRO A 492 2.72 3.95 -4.78
N ALA A 493 2.56 2.69 -4.40
CA ALA A 493 1.44 1.95 -4.91
C ALA A 493 0.86 1.00 -3.88
N LEU A 494 -0.27 0.40 -4.27
CA LEU A 494 -1.02 -0.55 -3.45
C LEU A 494 -0.40 -1.96 -3.42
N ASP A 495 -1.17 -2.94 -2.95
CA ASP A 495 -0.62 -4.26 -2.89
C ASP A 495 -0.71 -5.10 -4.13
N ASN A 496 -1.91 -5.36 -4.66
CA ASN A 496 -1.97 -6.16 -5.89
C ASN A 496 -1.02 -5.51 -6.91
N GLU A 497 -0.71 -4.24 -6.67
CA GLU A 497 0.19 -3.49 -7.54
C GLU A 497 1.66 -3.77 -7.22
N ARG A 498 2.29 -4.61 -8.06
CA ARG A 498 3.69 -4.98 -7.90
C ARG A 498 4.46 -4.65 -9.15
N LEU A 499 3.73 -4.32 -10.21
CA LEU A 499 4.33 -3.95 -11.48
C LEU A 499 4.41 -2.45 -11.56
N LYS A 500 5.62 -1.94 -11.78
CA LYS A 500 5.80 -0.53 -11.88
C LYS A 500 6.29 -0.13 -13.25
N TRP A 501 5.40 0.43 -14.04
CA TRP A 501 5.74 0.88 -15.36
C TRP A 501 6.58 2.14 -15.25
N ARG A 502 6.99 2.66 -16.40
CA ARG A 502 7.77 3.89 -16.51
C ARG A 502 7.68 4.17 -18.00
N ILE A 503 6.64 4.90 -18.38
CA ILE A 503 6.38 5.20 -19.78
C ILE A 503 7.04 6.43 -20.35
N GLN A 504 7.56 6.29 -21.56
CA GLN A 504 8.18 7.42 -22.25
C GLN A 504 7.11 7.78 -23.25
N LEU A 505 6.62 9.00 -23.19
CA LEU A 505 5.57 9.41 -24.10
C LEU A 505 6.05 9.84 -25.47
N SER A 506 5.12 10.04 -26.38
CA SER A 506 5.42 10.52 -27.72
C SER A 506 4.95 11.97 -27.62
N PRO A 507 5.80 12.94 -28.00
CA PRO A 507 5.31 14.31 -27.88
C PRO A 507 3.95 14.41 -28.53
N ASP A 508 3.71 13.54 -29.51
CA ASP A 508 2.43 13.48 -30.21
C ASP A 508 1.40 13.08 -29.16
N THR A 509 1.51 11.84 -28.69
CA THR A 509 0.61 11.31 -27.68
C THR A 509 -0.12 12.39 -26.89
N ARG A 510 -1.40 12.58 -27.17
CA ARG A 510 -2.21 13.58 -26.50
C ARG A 510 -2.73 13.07 -25.16
N ALA A 511 -2.91 14.00 -24.22
CA ALA A 511 -3.40 13.64 -22.90
C ALA A 511 -4.20 14.75 -22.24
N GLY A 512 -4.63 14.47 -21.01
CA GLY A 512 -5.40 15.44 -20.25
C GLY A 512 -4.76 15.62 -18.89
N TYR A 513 -4.60 16.87 -18.44
CA TYR A 513 -4.02 17.16 -17.15
C TYR A 513 -5.03 17.00 -16.04
N LEU A 514 -4.55 16.62 -14.86
CA LEU A 514 -5.41 16.42 -13.71
C LEU A 514 -4.88 17.22 -12.53
N GLU A 515 -5.78 17.63 -11.64
CA GLU A 515 -5.36 18.43 -10.51
C GLU A 515 -4.38 17.79 -9.56
N ASN A 516 -4.54 16.51 -9.28
CA ASN A 516 -3.67 15.82 -8.34
C ASN A 516 -2.32 15.33 -8.86
N GLY A 517 -1.84 15.90 -9.95
CA GLY A 517 -0.54 15.50 -10.48
C GLY A 517 -0.56 14.30 -11.41
N LYS A 518 -1.72 13.93 -11.89
CA LYS A 518 -1.83 12.80 -12.79
C LYS A 518 -2.23 13.24 -14.21
N LEU A 519 -2.21 12.32 -15.16
CA LEU A 519 -2.60 12.63 -16.53
C LEU A 519 -3.46 11.50 -17.07
N ILE A 520 -4.50 11.86 -17.80
CA ILE A 520 -5.35 10.85 -18.40
C ILE A 520 -4.94 10.83 -19.85
N LEU A 521 -4.49 9.68 -20.33
CA LEU A 521 -4.06 9.53 -21.71
C LEU A 521 -5.18 9.22 -22.70
N GLN A 522 -4.86 9.38 -23.98
CA GLN A 522 -5.81 9.09 -25.04
C GLN A 522 -5.92 7.57 -25.02
N ARG A 523 -6.90 7.03 -25.73
CA ARG A 523 -7.04 5.60 -25.77
C ARG A 523 -6.39 5.04 -27.04
N ASN A 524 -6.14 3.74 -27.04
CA ASN A 524 -5.51 3.08 -28.17
C ASN A 524 -4.06 3.53 -28.30
N ILE A 525 -3.32 3.42 -27.20
CA ILE A 525 -1.91 3.81 -27.22
C ILE A 525 -1.11 2.59 -27.58
N GLY A 526 0.07 2.83 -28.14
CA GLY A 526 0.93 1.74 -28.51
C GLY A 526 2.17 1.85 -27.66
N LEU A 527 2.40 0.88 -26.79
CA LEU A 527 3.60 0.91 -25.95
C LEU A 527 4.60 -0.05 -26.57
N GLU A 528 5.79 -0.17 -25.98
CA GLU A 528 6.82 -1.07 -26.53
C GLU A 528 7.87 -1.46 -25.50
N ILE A 529 7.58 -2.50 -24.71
CA ILE A 529 8.50 -2.94 -23.67
C ILE A 529 9.94 -2.87 -24.12
N LYS A 530 10.73 -1.99 -23.49
CA LYS A 530 12.15 -1.83 -23.83
C LYS A 530 13.10 -2.52 -22.82
N ASP A 531 12.63 -2.75 -21.59
CA ASP A 531 13.48 -3.42 -20.61
C ASP A 531 12.77 -3.73 -19.30
N VAL A 532 12.80 -4.99 -18.89
CA VAL A 532 12.17 -5.40 -17.63
C VAL A 532 13.19 -6.04 -16.69
N GLN A 533 13.36 -5.44 -15.50
CA GLN A 533 14.30 -5.93 -14.48
C GLN A 533 13.58 -5.84 -13.12
N ILE A 534 14.08 -6.57 -12.12
CA ILE A 534 13.45 -6.51 -10.79
C ILE A 534 14.13 -5.44 -9.98
N ILE A 535 13.37 -4.76 -9.14
CA ILE A 535 13.94 -3.71 -8.29
C ILE A 535 13.40 -3.69 -6.87
N LYS A 536 14.20 -3.07 -6.00
CA LYS A 536 13.84 -2.92 -4.60
C LYS A 536 13.53 -1.44 -4.40
N GLN A 537 12.44 -1.17 -3.67
CA GLN A 537 12.03 0.18 -3.42
C GLN A 537 11.21 0.27 -2.14
N SER A 538 11.62 1.15 -1.24
CA SER A 538 10.86 1.32 -0.01
C SER A 538 10.58 -0.02 0.65
N GLU A 539 11.60 -0.57 1.31
CA GLU A 539 11.54 -1.86 1.99
C GLU A 539 10.93 -3.03 1.21
N LYS A 540 10.59 -2.81 -0.07
CA LYS A 540 9.98 -3.88 -0.88
C LYS A 540 10.64 -4.20 -2.23
N GLU A 541 10.14 -5.23 -2.91
CA GLU A 541 10.67 -5.61 -4.23
C GLU A 541 9.58 -5.50 -5.30
N TYR A 542 9.83 -4.76 -6.38
CA TYR A 542 8.84 -4.60 -7.43
C TYR A 542 9.43 -4.84 -8.79
N ILE A 543 8.56 -5.09 -9.77
CA ILE A 543 8.95 -5.33 -11.15
C ILE A 543 8.88 -4.07 -11.99
N ARG A 544 10.02 -3.53 -12.39
CA ARG A 544 10.08 -2.31 -13.19
C ARG A 544 9.97 -2.63 -14.67
N ILE A 545 9.06 -1.95 -15.35
CA ILE A 545 8.88 -2.17 -16.77
C ILE A 545 9.13 -0.86 -17.51
N ASP A 546 9.96 -0.88 -18.54
CA ASP A 546 10.27 0.34 -19.29
C ASP A 546 9.77 0.26 -20.71
N ALA A 547 8.79 1.09 -21.04
CA ALA A 547 8.20 1.09 -22.37
C ALA A 547 8.22 2.47 -23.05
N LYS A 548 8.22 2.47 -24.38
CA LYS A 548 8.19 3.68 -25.19
C LYS A 548 6.93 3.69 -26.04
N VAL A 549 6.19 4.79 -25.94
CA VAL A 549 4.95 4.95 -26.69
C VAL A 549 5.30 5.03 -28.17
N VAL A 550 4.48 4.39 -28.98
CA VAL A 550 4.66 4.36 -30.44
C VAL A 550 3.27 4.21 -31.04
N PRO A 551 3.09 4.65 -32.30
CA PRO A 551 1.77 4.53 -32.93
C PRO A 551 1.23 3.11 -32.73
N LYS A 552 -0.07 3.00 -32.46
CA LYS A 552 -0.66 1.68 -32.27
C LYS A 552 -0.33 0.87 -33.52
N SER A 553 -0.32 1.54 -34.68
CA SER A 553 -0.02 0.88 -35.95
C SER A 553 1.17 -0.03 -35.79
N LYS A 554 2.35 0.57 -35.59
CA LYS A 554 3.60 -0.18 -35.43
C LYS A 554 3.30 -1.53 -34.78
N ILE A 555 2.50 -1.50 -33.73
CA ILE A 555 2.12 -2.68 -32.97
C ILE A 555 0.95 -3.46 -33.52
N ASP A 556 -0.10 -2.75 -33.90
CA ASP A 556 -1.28 -3.42 -34.43
C ASP A 556 -0.90 -4.31 -35.60
N THR A 557 0.06 -3.85 -36.39
CA THR A 557 0.55 -4.59 -37.56
C THR A 557 1.44 -5.77 -37.19
N LYS A 558 2.37 -5.56 -36.26
CA LYS A 558 3.25 -6.63 -35.84
C LYS A 558 2.38 -7.83 -35.52
N ILE A 559 1.18 -7.55 -35.01
CA ILE A 559 0.20 -8.58 -34.65
C ILE A 559 -0.38 -9.30 -35.87
N GLN A 560 -0.86 -8.55 -36.85
CA GLN A 560 -1.40 -9.18 -38.06
C GLN A 560 -0.25 -9.91 -38.74
N GLU A 561 0.80 -9.17 -39.09
CA GLU A 561 1.98 -9.73 -39.75
C GLU A 561 2.26 -11.11 -39.14
N ALA A 562 2.14 -11.20 -37.82
CA ALA A 562 2.36 -12.45 -37.13
C ALA A 562 1.17 -13.40 -37.31
N GLN A 563 -0.05 -12.90 -37.07
CA GLN A 563 -1.24 -13.73 -37.24
C GLN A 563 -1.10 -14.42 -38.58
N LEU A 564 -0.65 -13.66 -39.58
CA LEU A 564 -0.45 -14.17 -40.93
C LEU A 564 0.55 -15.33 -40.89
N ASN A 565 1.77 -15.05 -40.45
CA ASN A 565 2.78 -16.07 -40.36
C ASN A 565 2.29 -17.38 -39.71
N ILE A 566 1.77 -17.30 -38.49
CA ILE A 566 1.28 -18.50 -37.79
C ILE A 566 0.26 -19.35 -38.54
N ASN A 567 -0.38 -18.79 -39.56
CA ASN A 567 -1.34 -19.54 -40.36
C ASN A 567 -0.58 -20.04 -41.60
N GLN A 568 0.26 -19.17 -42.11
CA GLN A 568 1.11 -19.50 -43.25
C GLN A 568 2.11 -20.57 -42.79
N GLU A 569 1.64 -21.39 -41.83
CA GLU A 569 2.47 -22.46 -41.27
C GLU A 569 1.65 -23.63 -40.73
N TRP A 570 0.66 -23.35 -39.89
CA TRP A 570 -0.12 -24.43 -39.32
C TRP A 570 -1.11 -24.99 -40.32
N ASN A 571 -0.94 -24.66 -41.59
CA ASN A 571 -1.76 -25.23 -42.62
C ASN A 571 -0.96 -26.26 -43.39
N LYS A 572 0.32 -25.96 -43.57
CA LYS A 572 1.22 -26.88 -44.18
C LYS A 572 1.22 -28.11 -43.29
N ALA A 573 1.60 -27.89 -42.03
CA ALA A 573 1.64 -28.94 -41.03
C ALA A 573 0.27 -29.54 -40.75
N LEU A 574 -0.70 -29.32 -41.65
CA LEU A 574 -2.04 -29.84 -41.46
C LEU A 574 -2.68 -30.19 -42.80
N GLY A 575 -1.99 -29.88 -43.89
CA GLY A 575 -2.50 -30.18 -45.21
C GLY A 575 -3.74 -29.41 -45.63
N LEU A 576 -3.88 -28.20 -45.06
CA LEU A 576 -5.01 -27.32 -45.34
C LEU A 576 -4.65 -26.32 -46.44
N PRO A 577 -5.63 -25.55 -46.93
CA PRO A 577 -5.40 -24.56 -47.99
C PRO A 577 -4.54 -23.47 -47.38
N LYS A 578 -3.35 -23.24 -47.92
CA LYS A 578 -2.46 -22.23 -47.32
C LYS A 578 -3.17 -20.87 -47.14
N TYR A 579 -4.18 -20.59 -47.98
CA TYR A 579 -4.96 -19.35 -47.87
C TYR A 579 -6.26 -19.62 -47.09
N THR A 580 -6.13 -20.20 -45.92
CA THR A 580 -7.28 -20.46 -45.08
C THR A 580 -7.10 -19.70 -43.76
N LYS A 581 -8.20 -19.50 -43.06
CA LYS A 581 -8.14 -18.78 -41.79
C LYS A 581 -8.53 -19.73 -40.66
N LEU A 582 -7.49 -20.33 -40.08
CA LEU A 582 -7.68 -21.27 -39.00
C LEU A 582 -7.44 -20.56 -37.67
N ILE A 583 -6.21 -20.07 -37.46
CA ILE A 583 -5.85 -19.35 -36.24
C ILE A 583 -6.22 -17.90 -36.41
N THR A 584 -6.62 -17.27 -35.32
CA THR A 584 -7.01 -15.87 -35.37
C THR A 584 -6.62 -15.18 -34.07
N PHE A 585 -6.12 -13.96 -34.20
CA PHE A 585 -5.68 -13.17 -33.07
C PHE A 585 -6.62 -12.02 -32.82
N ASN A 586 -7.09 -11.90 -31.59
CA ASN A 586 -7.97 -10.80 -31.21
C ASN A 586 -7.24 -10.21 -30.02
N VAL A 587 -6.37 -9.24 -30.26
CA VAL A 587 -5.58 -8.64 -29.19
C VAL A 587 -5.66 -7.14 -29.18
N HIS A 588 -5.84 -6.59 -27.98
CA HIS A 588 -5.93 -5.14 -27.80
C HIS A 588 -5.49 -4.69 -26.41
N ASN A 589 -4.88 -5.57 -25.62
CA ASN A 589 -4.52 -5.15 -24.29
C ASN A 589 -3.05 -5.19 -23.88
N ARG A 590 -2.79 -4.58 -22.73
CA ARG A 590 -1.46 -4.44 -22.13
C ARG A 590 -0.45 -5.57 -22.13
N TYR A 591 -0.90 -6.81 -22.39
CA TYR A 591 0.03 -7.94 -22.39
C TYR A 591 0.06 -8.61 -23.75
N ALA A 592 -0.36 -7.88 -24.78
CA ALA A 592 -0.42 -8.34 -26.17
C ALA A 592 0.74 -9.20 -26.61
N SER A 593 1.93 -8.61 -26.59
CA SER A 593 3.15 -9.30 -26.98
C SER A 593 3.14 -10.79 -26.69
N ASN A 594 2.54 -11.18 -25.58
CA ASN A 594 2.52 -12.58 -25.20
C ASN A 594 1.30 -13.34 -25.67
N ILE A 595 0.18 -12.67 -25.85
CA ILE A 595 -1.02 -13.38 -26.28
C ILE A 595 -0.79 -14.00 -27.63
N VAL A 596 0.29 -13.60 -28.30
CA VAL A 596 0.62 -14.12 -29.62
C VAL A 596 1.66 -15.24 -29.56
N GLU A 597 2.79 -14.96 -28.94
CA GLU A 597 3.85 -15.96 -28.84
C GLU A 597 3.41 -17.21 -28.06
N SER A 598 2.38 -17.06 -27.22
CA SER A 598 1.85 -18.17 -26.42
C SER A 598 0.96 -19.04 -27.28
N ALA A 599 0.30 -18.41 -28.25
CA ALA A 599 -0.57 -19.14 -29.16
C ALA A 599 0.26 -20.24 -29.78
N TYR A 600 1.43 -19.87 -30.26
CA TYR A 600 2.33 -20.83 -30.87
C TYR A 600 2.50 -22.10 -30.01
N LEU A 601 3.08 -21.96 -28.83
CA LEU A 601 3.30 -23.12 -27.96
C LEU A 601 2.05 -23.91 -27.64
N ILE A 602 0.95 -23.21 -27.43
CA ILE A 602 -0.32 -23.85 -27.12
C ILE A 602 -0.67 -24.89 -28.16
N LEU A 603 -0.62 -24.50 -29.43
CA LEU A 603 -0.92 -25.40 -30.53
C LEU A 603 0.26 -26.36 -30.72
N ASN A 604 1.47 -25.81 -30.53
CA ASN A 604 2.73 -26.55 -30.68
C ASN A 604 2.80 -27.71 -29.71
N GLU A 605 1.89 -27.75 -28.73
CA GLU A 605 1.87 -28.82 -27.74
C GLU A 605 0.59 -29.64 -27.96
N TRP A 606 -0.49 -28.97 -28.31
CA TRP A 606 -1.76 -29.64 -28.58
C TRP A 606 -1.47 -30.68 -29.67
N LYS A 607 -0.40 -30.44 -30.42
CA LYS A 607 0.00 -31.33 -31.49
C LYS A 607 0.85 -32.50 -30.99
N ASN A 608 1.92 -32.18 -30.28
CA ASN A 608 2.85 -33.17 -29.75
C ASN A 608 2.24 -34.08 -28.68
N ASN A 609 0.91 -34.04 -28.54
CA ASN A 609 0.21 -34.87 -27.55
C ASN A 609 -1.01 -35.60 -28.07
N ILE A 610 -1.21 -35.57 -29.39
CA ILE A 610 -2.36 -36.24 -30.01
C ILE A 610 -1.99 -36.74 -31.41
N GLN A 611 -2.59 -37.87 -31.80
CA GLN A 611 -2.33 -38.47 -33.11
C GLN A 611 -2.67 -37.45 -34.17
N SER A 612 -1.69 -37.09 -35.00
CA SER A 612 -1.93 -36.10 -36.05
C SER A 612 -3.14 -36.47 -36.90
N ASP A 613 -3.55 -37.73 -36.84
CA ASP A 613 -4.70 -38.25 -37.59
C ASP A 613 -5.99 -37.59 -37.09
N LEU A 614 -6.19 -37.66 -35.77
CA LEU A 614 -7.37 -37.10 -35.12
C LEU A 614 -7.52 -35.63 -35.36
N ILE A 615 -6.41 -34.92 -35.20
CA ILE A 615 -6.36 -33.50 -35.45
C ILE A 615 -6.98 -33.20 -36.82
N LYS A 616 -6.20 -33.42 -37.87
CA LYS A 616 -6.62 -33.19 -39.26
C LYS A 616 -8.10 -33.43 -39.53
N LYS A 617 -8.58 -34.62 -39.21
CA LYS A 617 -9.99 -34.96 -39.41
C LYS A 617 -10.88 -33.92 -38.74
N VAL A 618 -10.70 -33.77 -37.43
CA VAL A 618 -11.49 -32.83 -36.66
C VAL A 618 -11.38 -31.40 -37.16
N THR A 619 -10.19 -30.82 -37.13
CA THR A 619 -10.05 -29.43 -37.56
C THR A 619 -10.48 -29.11 -38.98
N ASN A 620 -10.81 -30.13 -39.78
CA ASN A 620 -11.30 -29.85 -41.13
C ASN A 620 -12.79 -29.65 -40.99
N TYR A 621 -13.37 -30.32 -40.00
CA TYR A 621 -14.78 -30.19 -39.70
C TYR A 621 -14.96 -28.76 -39.25
N LEU A 622 -14.12 -28.34 -38.32
CA LEU A 622 -14.16 -26.98 -37.81
C LEU A 622 -13.99 -26.03 -38.98
N VAL A 623 -12.89 -26.18 -39.73
CA VAL A 623 -12.60 -25.32 -40.89
C VAL A 623 -13.77 -25.22 -41.86
N ASP A 624 -14.46 -26.33 -42.07
CA ASP A 624 -15.59 -26.38 -42.98
C ASP A 624 -16.73 -25.43 -42.64
N GLY A 625 -16.86 -25.07 -41.38
CA GLY A 625 -17.91 -24.15 -40.96
C GLY A 625 -17.30 -22.82 -40.49
N ASN A 626 -16.36 -22.32 -41.27
CA ASN A 626 -15.67 -21.08 -40.95
C ASN A 626 -15.12 -21.08 -39.53
N GLY A 627 -15.05 -22.26 -38.91
CA GLY A 627 -14.53 -22.37 -37.55
C GLY A 627 -13.26 -21.57 -37.33
N ARG A 628 -12.93 -21.34 -36.06
CA ARG A 628 -11.75 -20.53 -35.70
C ARG A 628 -11.02 -20.87 -34.38
N PHE A 629 -9.73 -20.59 -34.36
CA PHE A 629 -8.92 -20.78 -33.16
C PHE A 629 -8.63 -19.36 -32.76
N VAL A 630 -9.36 -18.88 -31.75
CA VAL A 630 -9.19 -17.52 -31.29
C VAL A 630 -8.44 -17.43 -29.97
N PHE A 631 -7.27 -16.77 -30.09
CA PHE A 631 -6.41 -16.45 -28.94
C PHE A 631 -6.55 -14.95 -28.75
N THR A 632 -7.41 -14.64 -27.78
CA THR A 632 -7.81 -13.27 -27.43
C THR A 632 -7.71 -12.91 -25.96
N ASP A 633 -7.76 -11.60 -25.69
CA ASP A 633 -7.71 -11.08 -24.33
C ASP A 633 -8.75 -9.97 -24.01
N ILE A 634 -9.95 -10.13 -24.55
CA ILE A 634 -11.04 -9.21 -24.27
C ILE A 634 -12.10 -10.15 -23.70
N THR A 635 -12.95 -9.66 -22.81
CA THR A 635 -13.98 -10.49 -22.22
C THR A 635 -14.50 -11.35 -23.35
N LEU A 636 -14.70 -12.63 -23.07
CA LEU A 636 -15.19 -13.57 -24.08
C LEU A 636 -16.58 -13.20 -24.57
N PRO A 637 -17.43 -12.69 -23.68
CA PRO A 637 -18.74 -12.34 -24.21
C PRO A 637 -18.65 -11.33 -25.35
N ASN A 638 -17.43 -10.96 -25.76
CA ASN A 638 -17.21 -9.97 -26.83
C ASN A 638 -16.60 -10.50 -28.12
N ILE A 639 -16.67 -11.81 -28.32
CA ILE A 639 -16.13 -12.46 -29.52
C ILE A 639 -17.27 -12.78 -30.47
N ALA A 640 -17.18 -12.30 -31.70
CA ALA A 640 -18.24 -12.53 -32.67
C ALA A 640 -18.66 -13.99 -32.66
N GLU A 641 -17.66 -14.86 -32.55
CA GLU A 641 -17.93 -16.28 -32.56
C GLU A 641 -18.84 -16.79 -31.44
N GLN A 642 -19.35 -15.91 -30.58
CA GLN A 642 -20.25 -16.36 -29.51
C GLN A 642 -21.50 -15.50 -29.46
N TYR A 643 -21.38 -14.23 -29.74
CA TYR A 643 -22.54 -13.40 -29.63
C TYR A 643 -23.37 -13.37 -30.92
N THR A 644 -22.80 -13.74 -32.06
CA THR A 644 -23.59 -13.78 -33.29
C THR A 644 -24.55 -14.97 -33.21
N HIS A 645 -24.30 -15.84 -32.24
CA HIS A 645 -25.07 -17.05 -32.06
C HIS A 645 -25.95 -17.14 -30.81
N GLN A 646 -25.87 -16.17 -29.91
CA GLN A 646 -26.69 -16.22 -28.71
C GLN A 646 -28.09 -15.62 -28.87
N ASP A 647 -29.08 -16.34 -28.33
CA ASP A 647 -30.45 -15.86 -28.39
C ASP A 647 -30.44 -14.55 -27.61
N GLU A 648 -30.67 -14.66 -26.30
CA GLU A 648 -30.70 -13.52 -25.38
C GLU A 648 -29.26 -13.27 -24.91
N ILE A 649 -28.98 -12.06 -24.45
CA ILE A 649 -27.63 -11.69 -24.02
C ILE A 649 -27.20 -12.24 -22.67
N TYR A 650 -28.13 -12.31 -21.73
CA TYR A 650 -27.80 -12.82 -20.41
C TYR A 650 -27.34 -14.25 -20.49
N GLU A 651 -27.38 -14.82 -21.70
CA GLU A 651 -26.97 -16.21 -21.92
C GLU A 651 -25.47 -16.31 -22.25
N GLN A 652 -24.88 -15.22 -22.71
CA GLN A 652 -23.46 -15.23 -23.03
C GLN A 652 -22.61 -15.64 -21.83
N VAL A 653 -21.39 -16.07 -22.08
CA VAL A 653 -20.52 -16.51 -21.00
C VAL A 653 -19.13 -15.94 -21.12
N HIS A 654 -18.38 -16.08 -20.03
CA HIS A 654 -16.99 -15.64 -20.00
C HIS A 654 -16.16 -16.67 -19.23
N SER A 655 -14.93 -16.91 -19.67
CA SER A 655 -14.09 -17.91 -19.03
C SER A 655 -12.71 -18.01 -19.67
N LYS A 656 -11.90 -18.97 -19.22
CA LYS A 656 -10.55 -19.17 -19.74
C LYS A 656 -10.57 -19.60 -21.21
N GLY A 657 -11.49 -20.50 -21.53
CA GLY A 657 -11.64 -21.00 -22.88
C GLY A 657 -13.09 -21.42 -23.06
N LEU A 658 -13.45 -21.79 -24.28
CA LEU A 658 -14.83 -22.20 -24.59
C LEU A 658 -14.96 -22.68 -26.02
N TYR A 659 -15.81 -23.66 -26.24
CA TYR A 659 -16.04 -24.15 -27.58
C TYR A 659 -17.51 -24.02 -27.94
N VAL A 660 -17.80 -23.48 -29.11
CA VAL A 660 -19.18 -23.33 -29.54
C VAL A 660 -19.48 -24.03 -30.85
N PRO A 661 -20.37 -25.02 -30.80
CA PRO A 661 -20.76 -25.80 -31.98
C PRO A 661 -21.08 -24.89 -33.14
N GLU A 662 -22.07 -24.02 -32.93
CA GLU A 662 -22.55 -23.09 -33.93
C GLU A 662 -21.50 -22.54 -34.89
N SER A 663 -20.46 -21.92 -34.36
CA SER A 663 -19.40 -21.35 -35.19
C SER A 663 -18.23 -22.33 -35.25
N ARG A 664 -18.31 -23.40 -34.46
CA ARG A 664 -17.26 -24.40 -34.42
C ARG A 664 -15.96 -23.66 -34.25
N SER A 665 -15.83 -22.97 -33.14
CA SER A 665 -14.62 -22.22 -32.91
C SER A 665 -14.21 -22.36 -31.48
N ILE A 666 -12.90 -22.41 -31.24
CA ILE A 666 -12.39 -22.52 -29.90
C ILE A 666 -11.91 -21.14 -29.48
N LEU A 667 -12.46 -20.66 -28.36
CA LEU A 667 -12.14 -19.35 -27.84
C LEU A 667 -11.25 -19.45 -26.62
N LEU A 668 -10.10 -18.79 -26.66
CA LEU A 668 -9.20 -18.84 -25.52
C LEU A 668 -8.79 -17.49 -24.96
N HIS A 669 -9.20 -17.24 -23.72
CA HIS A 669 -8.85 -16.00 -23.05
C HIS A 669 -7.37 -16.13 -22.79
N GLY A 670 -6.77 -15.18 -22.09
CA GLY A 670 -5.36 -15.29 -21.82
C GLY A 670 -5.05 -14.72 -20.46
N PRO A 671 -5.69 -13.62 -20.10
CA PRO A 671 -5.45 -13.01 -18.78
C PRO A 671 -6.31 -13.62 -17.67
N SER A 672 -6.24 -14.93 -17.48
CA SER A 672 -7.03 -15.59 -16.44
C SER A 672 -6.52 -16.98 -16.13
N LYS A 673 -7.12 -17.61 -15.13
CA LYS A 673 -6.72 -18.96 -14.75
C LYS A 673 -7.88 -19.92 -14.57
N GLY A 674 -7.79 -21.07 -15.21
CA GLY A 674 -8.83 -22.05 -15.04
C GLY A 674 -8.62 -22.64 -13.66
N VAL A 675 -9.69 -23.05 -12.99
CA VAL A 675 -9.56 -23.65 -11.68
C VAL A 675 -8.28 -24.48 -11.60
N GLU A 676 -7.23 -23.82 -11.12
CA GLU A 676 -5.91 -24.43 -10.99
C GLU A 676 -5.60 -25.26 -12.22
N LEU A 677 -5.01 -24.61 -13.22
CA LEU A 677 -4.61 -25.24 -14.47
C LEU A 677 -3.30 -24.65 -14.96
N ARG A 678 -2.25 -24.85 -14.17
CA ARG A 678 -0.90 -24.37 -14.48
C ARG A 678 -0.66 -23.77 -15.88
N ASN A 679 -0.91 -24.56 -16.93
CA ASN A 679 -0.70 -24.15 -18.32
C ASN A 679 -1.94 -23.69 -19.10
N ASP A 680 -1.75 -22.73 -19.99
CA ASP A 680 -2.85 -22.21 -20.82
C ASP A 680 -3.22 -23.32 -21.80
N SER A 681 -2.20 -23.92 -22.42
CA SER A 681 -2.41 -24.99 -23.39
C SER A 681 -3.48 -25.96 -22.91
N GLU A 682 -3.24 -26.59 -21.76
CA GLU A 682 -4.22 -27.54 -21.24
C GLU A 682 -5.62 -27.16 -21.67
N GLY A 683 -6.14 -26.11 -21.04
CA GLY A 683 -7.48 -25.64 -21.36
C GLY A 683 -7.79 -25.63 -22.84
N PHE A 684 -6.79 -25.33 -23.66
CA PHE A 684 -7.04 -25.33 -25.08
C PHE A 684 -7.45 -26.70 -25.50
N ILE A 685 -6.88 -27.71 -24.89
CA ILE A 685 -7.24 -29.05 -25.28
C ILE A 685 -8.61 -29.41 -24.74
N HIS A 686 -8.91 -29.04 -23.50
CA HIS A 686 -10.21 -29.32 -22.93
C HIS A 686 -11.31 -28.89 -23.88
N GLU A 687 -11.02 -27.90 -24.70
CA GLU A 687 -12.00 -27.39 -25.64
C GLU A 687 -12.00 -28.24 -26.90
N PHE A 688 -10.83 -28.72 -27.31
CA PHE A 688 -10.73 -29.54 -28.50
C PHE A 688 -11.60 -30.78 -28.29
N GLY A 689 -11.62 -31.27 -27.05
CA GLY A 689 -12.42 -32.44 -26.74
C GLY A 689 -13.84 -32.20 -27.21
N HIS A 690 -14.35 -31.00 -26.91
CA HIS A 690 -15.69 -30.62 -27.31
C HIS A 690 -15.76 -30.74 -28.83
N ALA A 691 -14.73 -30.28 -29.51
CA ALA A 691 -14.69 -30.38 -30.95
C ALA A 691 -14.87 -31.84 -31.33
N VAL A 692 -14.04 -32.70 -30.75
CA VAL A 692 -14.12 -34.11 -31.03
C VAL A 692 -15.51 -34.68 -30.74
N ASP A 693 -16.09 -34.32 -29.60
CA ASP A 693 -17.43 -34.79 -29.23
C ASP A 693 -18.46 -34.36 -30.25
N ASP A 694 -18.12 -33.37 -31.06
CA ASP A 694 -19.02 -32.86 -32.07
C ASP A 694 -18.96 -33.67 -33.36
N TYR A 695 -17.73 -34.00 -33.78
CA TYR A 695 -17.47 -34.74 -35.01
C TYR A 695 -17.94 -36.18 -34.91
N ALA A 696 -17.74 -36.78 -33.75
CA ALA A 696 -18.17 -38.14 -33.54
C ALA A 696 -19.67 -38.12 -33.80
N GLY A 697 -20.41 -37.54 -32.85
CA GLY A 697 -21.85 -37.45 -32.98
C GLY A 697 -22.25 -37.28 -34.43
N TYR A 698 -21.70 -36.23 -35.05
CA TYR A 698 -21.93 -35.92 -36.45
C TYR A 698 -21.84 -37.24 -37.20
N LEU A 699 -20.67 -37.85 -37.12
CA LEU A 699 -20.41 -39.12 -37.77
C LEU A 699 -21.45 -40.21 -37.51
N LEU A 700 -22.23 -40.10 -36.44
CA LEU A 700 -23.25 -41.10 -36.16
C LEU A 700 -24.42 -40.98 -37.13
N ASP A 701 -25.19 -39.90 -37.03
CA ASP A 701 -26.34 -39.63 -37.90
C ASP A 701 -26.07 -38.34 -38.68
N LYS A 702 -25.21 -38.43 -39.69
CA LYS A 702 -24.76 -37.33 -40.54
C LYS A 702 -25.59 -36.00 -40.55
N ASN A 703 -26.92 -36.00 -40.41
CA ASN A 703 -27.54 -34.68 -40.44
C ASN A 703 -28.22 -34.25 -39.13
N GLN A 704 -28.78 -35.18 -38.36
CA GLN A 704 -29.43 -34.77 -37.10
C GLN A 704 -28.38 -34.53 -36.02
N SER A 705 -27.31 -33.81 -36.39
CA SER A 705 -26.18 -33.47 -35.53
C SER A 705 -26.48 -33.30 -34.05
N ASP A 706 -25.84 -34.15 -33.24
CA ASP A 706 -26.01 -34.12 -31.81
C ASP A 706 -24.73 -34.60 -31.15
N LEU A 707 -24.19 -33.81 -30.22
CA LEU A 707 -22.96 -34.16 -29.52
C LEU A 707 -22.95 -35.65 -29.12
N VAL A 708 -21.81 -36.30 -29.33
CA VAL A 708 -21.65 -37.73 -29.02
C VAL A 708 -22.03 -38.07 -27.60
N THR A 709 -21.76 -37.17 -26.67
CA THR A 709 -22.07 -37.43 -25.28
C THR A 709 -23.54 -37.43 -24.92
N ASN A 710 -24.41 -37.22 -25.89
CA ASN A 710 -25.84 -37.22 -25.61
C ASN A 710 -26.35 -38.64 -25.89
N SER A 711 -25.43 -39.60 -25.84
CA SER A 711 -25.75 -41.00 -26.10
C SER A 711 -26.27 -41.71 -24.87
N LYS A 712 -27.18 -42.64 -25.10
CA LYS A 712 -27.76 -43.43 -24.02
C LYS A 712 -26.69 -44.31 -23.39
N LYS A 713 -25.65 -44.63 -24.17
CA LYS A 713 -24.53 -45.45 -23.71
C LYS A 713 -23.59 -44.65 -22.82
N PHE A 714 -23.46 -43.36 -23.12
CA PHE A 714 -22.56 -42.52 -22.36
C PHE A 714 -23.15 -42.12 -21.02
N ILE A 715 -24.39 -41.65 -21.04
CA ILE A 715 -25.03 -41.24 -19.80
C ILE A 715 -24.92 -42.41 -18.82
N ASP A 716 -24.92 -43.62 -19.36
CA ASP A 716 -24.81 -44.82 -18.53
C ASP A 716 -23.37 -44.98 -18.05
N ILE A 717 -22.48 -44.10 -18.52
CA ILE A 717 -21.08 -44.11 -18.13
C ILE A 717 -20.85 -42.92 -17.22
N PHE A 718 -21.54 -41.82 -17.53
CA PHE A 718 -21.44 -40.61 -16.75
C PHE A 718 -22.09 -40.88 -15.40
N LYS A 719 -23.07 -41.76 -15.41
CA LYS A 719 -23.76 -42.11 -14.18
C LYS A 719 -22.84 -42.87 -13.23
N GLU A 720 -22.30 -43.99 -13.71
CA GLU A 720 -21.40 -44.81 -12.91
C GLU A 720 -20.13 -44.03 -12.55
N GLU A 721 -19.04 -44.34 -13.25
CA GLU A 721 -17.76 -43.68 -13.01
C GLU A 721 -17.73 -42.20 -13.33
N GLY A 722 -18.78 -41.71 -13.99
CA GLY A 722 -18.83 -40.30 -14.36
C GLY A 722 -18.85 -39.28 -13.23
N SER A 723 -18.17 -39.59 -12.14
CA SER A 723 -18.12 -38.69 -10.99
C SER A 723 -16.92 -39.03 -10.11
N ASN A 724 -15.87 -39.56 -10.73
CA ASN A 724 -14.66 -39.94 -10.00
C ASN A 724 -13.43 -39.39 -10.70
N LEU A 725 -13.55 -38.18 -11.26
CA LEU A 725 -12.45 -37.55 -11.97
C LEU A 725 -12.13 -36.14 -11.49
N THR A 726 -12.77 -35.13 -12.09
CA THR A 726 -12.53 -33.75 -11.70
C THR A 726 -13.73 -33.11 -11.05
N SER A 727 -13.45 -32.18 -10.14
CA SER A 727 -14.48 -31.46 -9.43
C SER A 727 -15.45 -30.84 -10.45
N TYR A 728 -14.88 -30.38 -11.56
CA TYR A 728 -15.69 -29.83 -12.63
C TYR A 728 -16.46 -30.92 -13.35
N GLY A 729 -15.72 -31.94 -13.76
CA GLY A 729 -16.31 -33.05 -14.48
C GLY A 729 -17.65 -33.43 -13.88
N ARG A 730 -17.78 -33.25 -12.57
CA ARG A 730 -19.01 -33.57 -11.87
C ARG A 730 -20.22 -32.77 -12.39
N THR A 731 -19.97 -31.82 -13.30
CA THR A 731 -21.05 -30.99 -13.83
C THR A 731 -22.04 -31.76 -14.69
N ASN A 732 -21.66 -32.00 -15.94
CA ASN A 732 -22.48 -32.74 -16.90
C ASN A 732 -21.60 -33.55 -17.84
N GLU A 733 -22.17 -34.61 -18.41
CA GLU A 733 -21.44 -35.48 -19.32
C GLU A 733 -20.63 -34.73 -20.37
N ALA A 734 -21.29 -33.86 -21.12
CA ALA A 734 -20.63 -33.10 -22.15
C ALA A 734 -19.29 -32.57 -21.67
N GLU A 735 -19.29 -32.00 -20.47
CA GLU A 735 -18.07 -31.46 -19.89
C GLU A 735 -17.14 -32.57 -19.38
N PHE A 736 -17.70 -33.51 -18.64
CA PHE A 736 -16.92 -34.63 -18.11
C PHE A 736 -16.04 -35.19 -19.23
N PHE A 737 -16.69 -35.56 -20.33
CA PHE A 737 -15.99 -36.12 -21.47
C PHE A 737 -14.80 -35.23 -21.81
N ALA A 738 -15.03 -33.92 -21.84
CA ALA A 738 -13.98 -32.96 -22.16
C ALA A 738 -12.89 -32.91 -21.09
N GLU A 739 -13.29 -33.10 -19.83
CA GLU A 739 -12.31 -33.10 -18.74
C GLU A 739 -11.53 -34.38 -18.86
N ALA A 740 -12.23 -35.51 -18.92
CA ALA A 740 -11.60 -36.82 -19.06
C ALA A 740 -10.60 -36.73 -20.20
N PHE A 741 -11.11 -36.38 -21.37
CA PHE A 741 -10.29 -36.24 -22.56
C PHE A 741 -8.99 -35.54 -22.19
N ARG A 742 -9.05 -34.23 -22.01
CA ARG A 742 -7.87 -33.44 -21.66
C ARG A 742 -6.83 -34.21 -20.86
N LEU A 743 -7.26 -34.98 -19.87
CA LEU A 743 -6.31 -35.72 -19.07
C LEU A 743 -5.70 -36.84 -19.89
N MET A 744 -6.54 -37.58 -20.60
CA MET A 744 -6.07 -38.67 -21.44
C MET A 744 -5.05 -38.22 -22.46
N HIS A 745 -4.90 -36.92 -22.63
CA HIS A 745 -3.96 -36.41 -23.61
C HIS A 745 -3.10 -35.29 -23.06
N SER A 746 -2.87 -35.31 -21.75
CA SER A 746 -2.08 -34.29 -21.08
C SER A 746 -0.60 -34.55 -21.30
N THR A 747 0.21 -33.69 -20.70
CA THR A 747 1.66 -33.81 -20.80
C THR A 747 2.13 -34.74 -19.70
N ASP A 748 1.46 -34.64 -18.55
CA ASP A 748 1.82 -35.44 -17.39
C ASP A 748 1.16 -36.83 -17.41
N HIS A 749 1.96 -37.86 -17.66
CA HIS A 749 1.42 -39.20 -17.68
C HIS A 749 0.62 -39.43 -16.43
N ALA A 750 1.18 -38.97 -15.31
CA ALA A 750 0.54 -39.10 -14.02
C ALA A 750 -0.95 -38.87 -14.16
N GLU A 751 -1.31 -37.85 -14.95
CA GLU A 751 -2.71 -37.53 -15.16
C GLU A 751 -3.38 -38.48 -16.14
N ARG A 752 -2.60 -39.00 -17.07
CA ARG A 752 -3.17 -39.91 -18.04
C ARG A 752 -3.65 -41.20 -17.38
N LEU A 753 -2.89 -41.70 -16.42
CA LEU A 753 -3.23 -42.93 -15.72
C LEU A 753 -4.56 -42.91 -14.96
N LYS A 754 -4.65 -42.05 -13.95
CA LYS A 754 -5.85 -41.94 -13.12
C LYS A 754 -7.15 -42.08 -13.89
N VAL A 755 -7.21 -41.45 -15.05
CA VAL A 755 -8.40 -41.52 -15.86
C VAL A 755 -8.70 -42.97 -16.11
N GLN A 756 -7.66 -43.72 -16.44
CA GLN A 756 -7.76 -45.15 -16.73
C GLN A 756 -7.90 -45.99 -15.49
N LYS A 757 -7.49 -45.44 -14.35
CA LYS A 757 -7.57 -46.15 -13.09
C LYS A 757 -8.90 -45.94 -12.37
N ASN A 758 -9.47 -44.75 -12.50
CA ASN A 758 -10.74 -44.46 -11.85
C ASN A 758 -11.88 -44.26 -12.84
N ALA A 759 -11.53 -44.13 -14.12
CA ALA A 759 -12.53 -43.95 -15.16
C ALA A 759 -12.19 -44.88 -16.31
N PRO A 760 -12.33 -46.19 -16.09
CA PRO A 760 -12.03 -47.18 -17.12
C PRO A 760 -12.93 -47.10 -18.34
N LYS A 761 -14.18 -47.50 -18.17
CA LYS A 761 -15.11 -47.50 -19.30
C LYS A 761 -15.03 -46.22 -20.11
N THR A 762 -14.76 -45.11 -19.45
CA THR A 762 -14.66 -43.84 -20.15
C THR A 762 -13.42 -43.87 -21.03
N PHE A 763 -12.31 -44.32 -20.47
CA PHE A 763 -11.05 -44.40 -21.22
C PHE A 763 -11.30 -45.27 -22.43
N GLN A 764 -12.32 -46.12 -22.34
CA GLN A 764 -12.65 -47.01 -23.44
C GLN A 764 -13.53 -46.25 -24.42
N PHE A 765 -14.51 -45.53 -23.89
CA PHE A 765 -15.42 -44.76 -24.72
C PHE A 765 -14.67 -43.69 -25.50
N ILE A 766 -14.00 -42.78 -24.79
CA ILE A 766 -13.27 -41.70 -25.46
C ILE A 766 -12.24 -42.24 -26.45
N ASN A 767 -11.42 -43.18 -26.02
CA ASN A 767 -10.41 -43.73 -26.91
C ASN A 767 -11.08 -44.58 -27.97
N ASP A 768 -12.41 -44.71 -27.87
CA ASP A 768 -13.20 -45.49 -28.82
C ASP A 768 -13.62 -44.62 -29.99
N GLN A 769 -14.14 -43.43 -29.70
CA GLN A 769 -14.54 -42.52 -30.76
C GLN A 769 -13.29 -42.14 -31.54
N ILE A 770 -12.18 -42.01 -30.83
CA ILE A 770 -10.91 -41.65 -31.47
C ILE A 770 -10.65 -42.58 -32.65
N LYS A 771 -10.47 -43.85 -32.35
CA LYS A 771 -10.20 -44.86 -33.36
C LYS A 771 -11.31 -44.93 -34.40
N PHE A 772 -12.42 -44.24 -34.12
CA PHE A 772 -13.55 -44.20 -35.04
C PHE A 772 -13.30 -43.06 -36.00
N ILE A 773 -13.08 -41.87 -35.44
CA ILE A 773 -12.83 -40.68 -36.23
C ILE A 773 -11.60 -40.80 -37.12
N ILE A 774 -10.56 -41.44 -36.60
CA ILE A 774 -9.33 -41.62 -37.37
C ILE A 774 -9.59 -42.48 -38.61
N ASN A 775 -10.74 -43.14 -38.66
CA ASN A 775 -11.13 -43.99 -39.79
C ASN A 775 -12.22 -43.35 -40.66
N SER A 776 -13.16 -42.67 -40.00
CA SER A 776 -14.31 -41.99 -40.64
C SER A 776 -14.70 -42.44 -42.05
N GLU B 27 19.41 31.72 31.47
CA GLU B 27 20.09 31.03 30.33
C GLU B 27 19.12 29.97 29.74
N ARG B 28 18.02 30.44 29.14
CA ARG B 28 17.01 29.54 28.56
C ARG B 28 16.70 29.51 27.04
N ASN B 29 16.12 30.59 26.47
CA ASN B 29 15.77 30.55 25.04
C ASN B 29 16.15 31.68 24.06
N LYS B 30 16.90 32.71 24.46
CA LYS B 30 17.24 33.75 23.48
C LYS B 30 18.50 33.42 22.66
N THR B 31 19.24 32.42 23.12
CA THR B 31 20.47 31.99 22.45
C THR B 31 20.19 31.80 20.94
N GLN B 32 19.15 31.02 20.65
CA GLN B 32 18.74 30.69 19.28
C GLN B 32 18.50 31.87 18.36
N GLU B 33 17.95 32.96 18.89
CA GLU B 33 17.64 34.15 18.09
C GLU B 33 18.75 34.76 17.23
N GLU B 34 19.76 33.97 16.94
CA GLU B 34 20.84 34.42 16.07
C GLU B 34 20.27 34.01 14.71
N HIS B 35 19.93 32.73 14.66
CA HIS B 35 19.35 32.02 13.50
C HIS B 35 18.56 32.88 12.51
N LEU B 36 17.76 33.80 13.01
CA LEU B 36 16.97 34.67 12.14
C LEU B 36 17.88 35.57 11.29
N LYS B 37 18.94 36.09 11.90
CA LYS B 37 19.90 36.94 11.20
C LYS B 37 20.77 36.08 10.30
N GLU B 38 20.87 34.80 10.63
CA GLU B 38 21.67 33.85 9.86
C GLU B 38 21.03 33.53 8.52
N ILE B 39 19.73 33.25 8.55
CA ILE B 39 18.96 32.93 7.36
C ILE B 39 18.88 34.14 6.44
N MET B 40 18.44 35.27 7.00
CA MET B 40 18.33 36.49 6.21
C MET B 40 19.64 36.83 5.47
N LYS B 41 20.77 36.58 6.11
CA LYS B 41 22.06 36.86 5.48
C LYS B 41 22.37 35.78 4.46
N HIS B 42 21.31 35.16 3.92
CA HIS B 42 21.45 34.13 2.90
C HIS B 42 20.18 34.00 2.07
N ILE B 43 19.19 34.83 2.39
CA ILE B 43 17.94 34.85 1.64
C ILE B 43 17.55 36.30 1.46
N VAL B 44 17.93 37.12 2.42
CA VAL B 44 17.63 38.55 2.41
C VAL B 44 18.76 39.35 1.76
N LYS B 45 18.57 39.71 0.49
CA LYS B 45 19.57 40.48 -0.27
C LYS B 45 19.14 41.95 -0.34
N ILE B 46 20.01 42.85 0.11
CA ILE B 46 19.73 44.28 0.12
C ILE B 46 20.08 45.01 -1.19
N GLU B 47 19.33 44.75 -2.25
CA GLU B 47 19.57 45.40 -3.54
C GLU B 47 18.93 46.79 -3.50
N VAL B 48 19.54 47.71 -2.75
CA VAL B 48 19.00 49.08 -2.60
C VAL B 48 19.48 50.18 -3.52
N LYS B 49 19.60 51.38 -2.95
CA LYS B 49 20.03 52.58 -3.64
C LYS B 49 20.98 53.41 -2.76
N GLY B 50 20.44 54.47 -2.15
CA GLY B 50 21.27 55.34 -1.32
C GLY B 50 21.15 55.10 0.18
N GLU B 51 22.31 55.22 0.88
CA GLU B 51 22.42 55.05 2.34
C GLU B 51 22.06 53.68 2.86
N GLU B 52 22.71 52.64 2.30
CA GLU B 52 22.49 51.30 2.80
C GLU B 52 22.78 51.33 4.28
N ALA B 53 21.75 51.47 5.07
CA ALA B 53 21.91 51.55 6.53
C ALA B 53 20.66 51.14 7.28
N VAL B 54 19.81 52.13 7.62
CA VAL B 54 18.56 51.90 8.31
C VAL B 54 17.74 50.92 7.51
N LYS B 55 17.70 51.10 6.20
CA LYS B 55 16.95 50.19 5.33
C LYS B 55 17.14 48.75 5.78
N LYS B 56 18.35 48.42 6.22
CA LYS B 56 18.65 47.07 6.68
C LYS B 56 17.98 46.86 8.03
N GLU B 57 18.43 47.62 9.03
CA GLU B 57 17.89 47.54 10.39
C GLU B 57 16.36 47.59 10.34
N ALA B 58 15.84 48.08 9.22
CA ALA B 58 14.41 48.19 9.02
C ALA B 58 13.85 46.80 8.82
N ALA B 59 14.26 46.18 7.70
CA ALA B 59 13.82 44.85 7.34
C ALA B 59 13.71 43.96 8.55
N GLU B 60 14.69 44.02 9.43
CA GLU B 60 14.66 43.20 10.63
C GLU B 60 13.32 43.44 11.30
N LYS B 61 13.16 44.62 11.87
CA LYS B 61 11.92 44.96 12.55
C LYS B 61 10.70 44.65 11.67
N LEU B 62 10.93 44.40 10.39
CA LEU B 62 9.85 44.09 9.48
C LEU B 62 9.64 42.58 9.39
N LEU B 63 10.66 41.89 8.90
CA LEU B 63 10.59 40.46 8.74
C LEU B 63 10.59 39.70 10.07
N GLU B 64 11.16 40.30 11.11
CA GLU B 64 11.23 39.65 12.41
C GLU B 64 9.91 39.17 13.01
N LYS B 65 8.79 39.71 12.56
CA LYS B 65 7.50 39.24 13.10
C LYS B 65 7.19 37.84 12.59
N VAL B 66 7.68 37.57 11.38
CA VAL B 66 7.53 36.30 10.72
C VAL B 66 8.32 35.27 11.51
N PRO B 67 7.72 34.11 11.81
CA PRO B 67 8.47 33.09 12.57
C PRO B 67 9.50 32.44 11.64
N SER B 68 10.78 32.58 11.97
CA SER B 68 11.87 32.06 11.16
C SER B 68 11.51 30.81 10.34
N ASP B 69 10.91 29.83 11.01
CA ASP B 69 10.53 28.59 10.35
C ASP B 69 9.82 28.82 9.04
N VAL B 70 9.26 30.01 8.86
CA VAL B 70 8.57 30.30 7.61
C VAL B 70 9.58 30.85 6.62
N LEU B 71 10.65 31.46 7.13
CA LEU B 71 11.68 31.99 6.27
C LEU B 71 12.61 30.84 5.95
N GLU B 72 12.74 29.92 6.90
CA GLU B 72 13.59 28.76 6.71
C GLU B 72 12.93 27.82 5.73
N MET B 73 11.60 27.70 5.82
CA MET B 73 10.91 26.84 4.89
C MET B 73 10.96 27.57 3.56
N TYR B 74 10.85 28.88 3.62
CA TYR B 74 10.89 29.67 2.40
C TYR B 74 12.21 29.44 1.72
N LYS B 75 13.19 29.01 2.51
CA LYS B 75 14.50 28.77 1.96
C LYS B 75 14.52 27.43 1.25
N ALA B 76 13.99 26.40 1.90
CA ALA B 76 13.99 25.07 1.29
C ALA B 76 13.50 25.18 -0.14
N ILE B 77 12.55 26.08 -0.37
CA ILE B 77 12.02 26.30 -1.70
C ILE B 77 12.93 27.31 -2.40
N GLY B 78 13.97 27.72 -1.71
CA GLY B 78 14.91 28.65 -2.28
C GLY B 78 14.34 30.03 -2.54
N GLY B 79 13.26 30.37 -1.85
CA GLY B 79 12.67 31.68 -2.06
C GLY B 79 13.59 32.81 -1.68
N LYS B 80 13.76 33.79 -2.56
CA LYS B 80 14.63 34.93 -2.26
C LYS B 80 13.82 36.16 -1.81
N ILE B 81 14.35 36.87 -0.81
CA ILE B 81 13.70 38.05 -0.25
C ILE B 81 14.50 39.32 -0.56
N TYR B 82 14.05 40.05 -1.58
CA TYR B 82 14.71 41.28 -2.03
C TYR B 82 14.08 42.59 -1.50
N ILE B 83 14.95 43.51 -1.08
CA ILE B 83 14.54 44.80 -0.55
C ILE B 83 15.10 45.90 -1.45
N VAL B 84 14.26 46.84 -1.89
CA VAL B 84 14.76 47.91 -2.76
C VAL B 84 13.85 49.16 -2.78
N ASP B 85 14.42 50.30 -3.17
CA ASP B 85 13.68 51.57 -3.24
C ASP B 85 13.21 51.87 -4.65
N GLY B 86 12.36 52.88 -4.80
CA GLY B 86 11.85 53.23 -6.12
C GLY B 86 10.80 52.23 -6.54
N ASP B 87 10.63 52.01 -7.84
CA ASP B 87 9.65 51.05 -8.32
C ASP B 87 10.27 49.65 -8.40
N ILE B 88 9.62 48.67 -7.78
CA ILE B 88 10.12 47.31 -7.75
C ILE B 88 10.12 46.53 -9.07
N THR B 89 9.19 46.83 -9.96
CA THR B 89 9.11 46.13 -11.23
C THR B 89 10.40 46.26 -12.05
N LYS B 90 11.28 47.17 -11.63
CA LYS B 90 12.54 47.37 -12.36
C LYS B 90 13.71 46.59 -11.77
N HIS B 91 13.40 45.50 -11.07
CA HIS B 91 14.41 44.59 -10.53
C HIS B 91 14.57 43.45 -11.49
N ILE B 92 15.81 43.07 -11.60
CA ILE B 92 16.08 41.99 -12.51
C ILE B 92 15.30 40.80 -12.06
N SER B 93 14.99 40.77 -10.79
CA SER B 93 14.34 39.60 -10.37
C SER B 93 13.01 39.40 -11.06
N LEU B 94 12.12 40.37 -11.02
CA LEU B 94 10.80 40.18 -11.61
C LEU B 94 10.83 40.27 -13.14
N GLU B 95 11.94 40.62 -13.80
CA GLU B 95 11.90 40.85 -15.29
C GLU B 95 11.16 39.72 -16.09
N ALA B 96 9.75 39.85 -16.11
CA ALA B 96 8.66 39.03 -16.75
C ALA B 96 7.30 39.71 -16.46
N LEU B 97 7.22 40.99 -16.81
CA LEU B 97 6.03 41.83 -16.61
C LEU B 97 5.07 41.50 -17.76
N SER B 98 3.82 41.16 -17.44
CA SER B 98 2.85 40.79 -18.46
C SER B 98 1.57 41.64 -18.39
N GLU B 99 0.43 40.96 -18.26
CA GLU B 99 -0.87 41.64 -18.19
C GLU B 99 -1.67 41.20 -16.95
N ASP B 100 -1.80 39.89 -16.74
CA ASP B 100 -2.55 39.35 -15.61
C ASP B 100 -1.92 39.58 -14.24
N LYS B 101 -0.60 39.78 -14.21
CA LYS B 101 0.08 39.99 -12.93
C LYS B 101 0.40 41.46 -12.61
N LYS B 102 -0.40 42.36 -13.15
CA LYS B 102 -0.24 43.80 -12.92
C LYS B 102 -1.41 44.33 -12.08
N LYS B 103 -2.55 43.65 -12.17
CA LYS B 103 -3.77 44.01 -11.44
C LYS B 103 -3.81 43.33 -10.06
N ILE B 104 -2.85 43.64 -9.19
CA ILE B 104 -2.81 43.04 -7.85
C ILE B 104 -3.76 43.71 -6.86
N LYS B 105 -4.39 42.90 -6.01
CA LYS B 105 -5.33 43.37 -4.99
C LYS B 105 -4.71 43.26 -3.60
N ASP B 106 -4.91 44.29 -2.78
CA ASP B 106 -4.37 44.32 -1.42
C ASP B 106 -5.23 43.66 -0.36
N ILE B 107 -4.64 43.47 0.80
CA ILE B 107 -5.26 42.82 1.93
C ILE B 107 -6.72 43.20 2.17
N TYR B 108 -7.08 44.46 1.96
CA TYR B 108 -8.47 44.89 2.20
C TYR B 108 -9.41 44.68 1.02
N GLY B 109 -8.85 44.53 -0.17
CA GLY B 109 -9.67 44.30 -1.36
C GLY B 109 -9.51 45.37 -2.43
N LYS B 110 -8.88 46.48 -2.04
CA LYS B 110 -8.67 47.61 -2.93
C LYS B 110 -7.64 47.26 -4.03
N ASP B 111 -8.02 47.54 -5.28
CA ASP B 111 -7.16 47.26 -6.42
C ASP B 111 -6.18 48.39 -6.70
N ALA B 112 -4.89 48.07 -6.71
CA ALA B 112 -3.85 49.04 -7.00
C ALA B 112 -2.76 48.33 -7.80
N LEU B 113 -1.94 49.10 -8.53
CA LEU B 113 -0.90 48.50 -9.35
C LEU B 113 0.51 48.60 -8.79
N LEU B 114 1.24 47.49 -8.90
CA LEU B 114 2.61 47.36 -8.41
C LEU B 114 3.48 48.61 -8.54
N HIS B 115 3.39 49.30 -9.68
CA HIS B 115 4.18 50.52 -9.89
C HIS B 115 3.75 51.55 -8.85
N GLU B 116 2.43 51.73 -8.70
CA GLU B 116 1.88 52.67 -7.74
C GLU B 116 1.83 51.93 -6.40
N HIS B 117 2.46 50.76 -6.36
CA HIS B 117 2.50 49.91 -5.16
C HIS B 117 3.93 49.56 -4.72
N TYR B 118 4.05 48.65 -3.75
CA TYR B 118 5.34 48.32 -3.21
C TYR B 118 5.72 46.86 -3.00
N VAL B 119 4.85 46.10 -2.34
CA VAL B 119 5.18 44.70 -2.06
C VAL B 119 4.59 43.66 -2.99
N TYR B 120 5.45 42.83 -3.57
CA TYR B 120 4.92 41.78 -4.39
C TYR B 120 5.67 40.49 -4.22
N ALA B 121 4.91 39.40 -4.25
CA ALA B 121 5.41 38.05 -4.12
C ALA B 121 5.11 37.37 -5.45
N LYS B 122 6.13 36.79 -6.08
CA LYS B 122 5.92 36.13 -7.36
C LYS B 122 5.70 34.63 -7.14
N GLU B 123 4.84 34.03 -7.98
CA GLU B 123 4.53 32.61 -7.88
C GLU B 123 5.65 31.79 -8.50
N GLY B 124 5.26 30.83 -9.33
CA GLY B 124 6.22 29.96 -10.01
C GLY B 124 7.12 29.19 -9.05
N TYR B 125 8.07 28.43 -9.61
CA TYR B 125 8.99 27.68 -8.77
C TYR B 125 10.40 28.23 -8.90
N GLU B 126 10.42 29.56 -8.97
CA GLU B 126 11.60 30.40 -9.05
C GLU B 126 11.09 31.54 -8.15
N PRO B 127 10.74 31.23 -6.88
CA PRO B 127 10.21 32.13 -5.85
C PRO B 127 11.00 33.37 -5.49
N VAL B 128 10.27 34.42 -5.14
CA VAL B 128 10.86 35.68 -4.76
C VAL B 128 9.84 36.58 -4.09
N LEU B 129 10.29 37.34 -3.10
CA LEU B 129 9.42 38.27 -2.41
C LEU B 129 10.07 39.62 -2.62
N VAL B 130 9.32 40.57 -3.19
CA VAL B 130 9.86 41.91 -3.42
C VAL B 130 9.41 42.94 -2.40
N ILE B 131 10.09 42.96 -1.27
CA ILE B 131 9.75 43.94 -0.27
C ILE B 131 10.34 45.20 -0.83
N GLN B 132 9.68 46.32 -0.56
CA GLN B 132 10.17 47.60 -1.05
C GLN B 132 10.92 48.31 0.08
N SER B 133 12.16 48.72 -0.19
CA SER B 133 12.96 49.42 0.79
C SER B 133 12.24 50.65 1.28
N SER B 134 12.04 50.75 2.59
CA SER B 134 11.36 51.89 3.16
C SER B 134 11.71 52.07 4.63
N GLU B 135 11.04 53.02 5.26
CA GLU B 135 11.26 53.33 6.66
C GLU B 135 9.90 53.44 7.35
N ASP B 136 8.86 53.63 6.54
CA ASP B 136 7.49 53.75 7.04
C ASP B 136 6.84 52.38 7.32
N TYR B 137 7.24 51.76 8.42
CA TYR B 137 6.71 50.45 8.83
C TYR B 137 6.18 50.44 10.27
N VAL B 138 7.02 50.80 11.23
CA VAL B 138 6.61 50.82 12.63
C VAL B 138 5.42 51.79 12.76
N GLU B 139 5.62 53.02 12.28
CA GLU B 139 4.61 54.07 12.31
C GLU B 139 3.39 53.68 11.48
N ASN B 140 3.65 53.19 10.28
CA ASN B 140 2.59 52.77 9.37
C ASN B 140 2.29 51.28 9.47
N THR B 141 1.12 50.94 9.99
CA THR B 141 0.74 49.54 10.15
C THR B 141 0.18 48.94 8.86
N GLU B 142 -0.84 49.57 8.30
CA GLU B 142 -1.45 49.07 7.07
C GLU B 142 -0.53 48.88 5.87
N LYS B 143 0.74 49.19 6.05
CA LYS B 143 1.68 48.98 4.96
C LYS B 143 2.32 47.64 5.27
N ALA B 144 2.76 47.49 6.51
CA ALA B 144 3.39 46.24 6.95
C ALA B 144 2.35 45.15 6.93
N LEU B 145 1.11 45.51 7.25
CA LEU B 145 0.03 44.55 7.24
C LEU B 145 0.09 43.93 5.86
N ASN B 146 -0.12 44.73 4.83
CA ASN B 146 -0.07 44.23 3.46
C ASN B 146 1.16 43.42 3.14
N VAL B 147 2.24 43.60 3.89
CA VAL B 147 3.44 42.83 3.64
C VAL B 147 3.21 41.44 4.19
N TYR B 148 2.85 41.40 5.47
CA TYR B 148 2.58 40.12 6.09
C TYR B 148 1.45 39.39 5.42
N TYR B 149 0.75 40.02 4.53
CA TYR B 149 -0.32 39.37 3.80
C TYR B 149 0.32 38.69 2.60
N GLU B 150 1.46 39.20 2.20
CA GLU B 150 2.17 38.63 1.07
C GLU B 150 3.02 37.48 1.56
N ILE B 151 3.62 37.63 2.73
CA ILE B 151 4.42 36.58 3.31
C ILE B 151 3.47 35.44 3.66
N GLY B 152 2.21 35.80 3.94
CA GLY B 152 1.20 34.82 4.28
C GLY B 152 0.57 34.12 3.09
N LYS B 153 1.09 34.40 1.90
CA LYS B 153 0.63 33.79 0.67
C LYS B 153 1.79 32.89 0.24
N ILE B 154 2.97 33.47 0.21
CA ILE B 154 4.17 32.75 -0.13
C ILE B 154 4.12 31.46 0.69
N LEU B 155 3.69 31.59 1.94
CA LEU B 155 3.62 30.47 2.87
C LEU B 155 2.62 29.40 2.52
N SER B 156 1.38 29.78 2.30
CA SER B 156 0.40 28.79 1.96
C SER B 156 0.05 28.75 0.49
N ARG B 157 1.05 28.42 -0.31
CA ARG B 157 0.90 28.27 -1.75
C ARG B 157 2.23 27.72 -2.26
N ASP B 158 3.31 28.28 -1.73
CA ASP B 158 4.64 27.86 -2.15
C ASP B 158 5.42 27.27 -0.97
N ILE B 159 4.74 26.98 0.13
CA ILE B 159 5.41 26.41 1.29
C ILE B 159 4.59 25.33 1.95
N LEU B 160 3.27 25.43 1.84
CA LEU B 160 2.41 24.43 2.44
C LEU B 160 1.92 23.40 1.41
N SER B 161 1.71 23.88 0.19
CA SER B 161 1.25 23.06 -0.91
C SER B 161 2.26 21.95 -1.14
N LYS B 162 3.42 22.05 -0.49
CA LYS B 162 4.48 21.05 -0.63
C LYS B 162 4.22 19.85 0.29
N ILE B 163 3.61 20.11 1.44
CA ILE B 163 3.30 19.04 2.37
C ILE B 163 1.79 18.79 2.40
N ASN B 164 1.11 19.10 1.29
CA ASN B 164 -0.33 18.90 1.15
C ASN B 164 -1.18 19.54 2.24
N GLN B 165 -0.71 20.67 2.75
CA GLN B 165 -1.43 21.42 3.76
C GLN B 165 -1.62 22.73 3.02
N PRO B 166 -2.66 23.49 3.34
CA PRO B 166 -3.67 23.18 4.33
C PRO B 166 -4.55 22.13 3.74
N TYR B 167 -5.30 21.47 4.61
CA TYR B 167 -6.22 20.41 4.22
C TYR B 167 -7.37 20.45 5.23
N GLN B 168 -7.87 19.29 5.63
CA GLN B 168 -9.00 19.25 6.54
C GLN B 168 -9.08 20.29 7.64
N LYS B 169 -8.36 20.09 8.73
CA LYS B 169 -8.43 21.01 9.88
C LYS B 169 -8.71 22.50 9.64
N PHE B 170 -8.09 23.08 8.61
CA PHE B 170 -8.29 24.50 8.33
C PHE B 170 -9.70 24.73 7.85
N LEU B 171 -10.21 23.77 7.10
CA LEU B 171 -11.56 23.87 6.58
C LEU B 171 -12.54 23.67 7.72
N ASP B 172 -12.05 23.31 8.89
CA ASP B 172 -12.92 23.12 10.04
C ASP B 172 -13.04 24.48 10.73
N VAL B 173 -12.05 25.32 10.50
CA VAL B 173 -12.07 26.66 11.06
C VAL B 173 -12.95 27.45 10.10
N LEU B 174 -12.60 27.43 8.83
CA LEU B 174 -13.39 28.15 7.84
C LEU B 174 -14.86 27.72 7.89
N ASN B 175 -15.10 26.47 8.22
CA ASN B 175 -16.46 25.98 8.25
C ASN B 175 -17.23 26.52 9.48
N THR B 176 -16.55 26.69 10.60
CA THR B 176 -17.20 27.20 11.83
C THR B 176 -17.71 28.61 11.57
N ILE B 177 -16.79 29.46 11.15
CA ILE B 177 -17.11 30.84 10.84
C ILE B 177 -18.28 30.85 9.85
N LYS B 178 -18.16 30.11 8.77
CA LYS B 178 -19.23 30.05 7.79
C LYS B 178 -20.54 29.72 8.47
N ASN B 179 -20.46 29.08 9.63
CA ASN B 179 -21.67 28.69 10.35
C ASN B 179 -22.01 29.44 11.64
N ALA B 180 -21.02 29.99 12.33
CA ALA B 180 -21.28 30.72 13.56
C ALA B 180 -22.43 31.71 13.38
N SER B 181 -22.93 32.25 14.49
CA SER B 181 -24.02 33.23 14.45
C SER B 181 -23.53 34.57 13.90
N ASP B 182 -22.78 35.28 14.73
CA ASP B 182 -22.22 36.59 14.37
C ASP B 182 -21.44 36.46 13.06
N SER B 183 -21.87 37.19 12.03
CA SER B 183 -21.20 37.16 10.74
C SER B 183 -19.94 38.02 10.80
N ASP B 184 -19.70 38.62 11.96
CA ASP B 184 -18.53 39.46 12.18
C ASP B 184 -17.28 38.71 11.73
N GLY B 185 -17.13 37.47 12.19
CA GLY B 185 -15.98 36.69 11.80
C GLY B 185 -16.04 36.34 10.32
N GLN B 186 -17.22 35.92 9.87
CA GLN B 186 -17.42 35.55 8.48
C GLN B 186 -16.95 36.71 7.61
N ASP B 187 -17.53 37.89 7.83
CA ASP B 187 -17.20 39.06 7.07
C ASP B 187 -15.70 39.35 6.99
N LEU B 188 -15.15 39.93 8.06
CA LEU B 188 -13.74 40.29 8.10
C LEU B 188 -12.79 39.46 7.25
N LEU B 189 -12.86 38.15 7.41
CA LEU B 189 -11.99 37.19 6.71
C LEU B 189 -12.35 36.71 5.31
N PHE B 190 -13.51 36.05 5.20
CA PHE B 190 -13.96 35.49 3.92
C PHE B 190 -14.13 36.46 2.75
N THR B 191 -14.00 35.91 1.55
CA THR B 191 -14.17 36.66 0.32
C THR B 191 -15.64 36.50 -0.04
N ASN B 192 -16.05 37.09 -1.15
CA ASN B 192 -17.45 37.03 -1.56
C ASN B 192 -17.92 35.63 -1.97
N GLN B 193 -17.30 35.05 -3.00
CA GLN B 193 -17.68 33.73 -3.45
C GLN B 193 -17.37 32.69 -2.38
N LEU B 194 -16.98 33.16 -1.20
CA LEU B 194 -16.62 32.27 -0.11
C LEU B 194 -17.63 32.24 1.04
N LYS B 195 -18.74 32.95 0.90
CA LYS B 195 -19.74 32.95 1.96
C LYS B 195 -21.09 32.54 1.39
N GLU B 196 -21.28 32.77 0.10
CA GLU B 196 -22.54 32.41 -0.53
C GLU B 196 -22.66 30.88 -0.44
N HIS B 197 -21.64 30.19 -0.94
CA HIS B 197 -21.57 28.72 -0.96
C HIS B 197 -22.41 28.07 0.14
N PRO B 198 -23.59 27.56 -0.24
CA PRO B 198 -24.56 26.90 0.64
C PRO B 198 -24.00 25.91 1.66
N THR B 199 -23.52 24.79 1.17
CA THR B 199 -22.96 23.73 1.99
C THR B 199 -21.49 23.89 2.37
N ASP B 200 -21.13 23.34 3.53
CA ASP B 200 -19.78 23.38 4.06
C ASP B 200 -18.70 23.17 3.03
N PHE B 201 -17.51 23.66 3.33
CA PHE B 201 -16.38 23.50 2.43
C PHE B 201 -15.81 22.14 2.74
N SER B 202 -15.50 21.36 1.72
CA SER B 202 -14.94 20.04 1.97
C SER B 202 -13.73 19.78 1.12
N VAL B 203 -12.93 18.80 1.52
CA VAL B 203 -11.72 18.44 0.81
C VAL B 203 -11.92 18.57 -0.70
N GLU B 204 -13.19 18.52 -1.15
CA GLU B 204 -13.48 18.65 -2.58
C GLU B 204 -13.22 20.12 -2.98
N PHE B 205 -13.92 21.02 -2.29
CA PHE B 205 -13.81 22.44 -2.53
C PHE B 205 -12.35 22.83 -2.69
N LEU B 206 -11.49 22.23 -1.87
CA LEU B 206 -10.05 22.54 -1.87
C LEU B 206 -9.31 22.18 -3.17
N GLU B 207 -9.94 21.40 -4.05
CA GLU B 207 -9.29 21.01 -5.30
C GLU B 207 -9.50 22.05 -6.38
N GLN B 208 -10.77 22.33 -6.67
CA GLN B 208 -11.13 23.32 -7.68
C GLN B 208 -10.81 24.72 -7.13
N ASN B 209 -11.44 25.04 -6.00
CA ASN B 209 -11.22 26.33 -5.34
C ASN B 209 -10.08 26.34 -4.34
N SER B 210 -8.84 26.22 -4.82
CA SER B 210 -7.70 26.25 -3.92
C SER B 210 -7.59 27.68 -3.42
N ASN B 211 -6.71 28.46 -4.06
CA ASN B 211 -6.47 29.84 -3.68
C ASN B 211 -7.40 30.34 -2.61
N GLU B 212 -8.69 30.34 -2.92
CA GLU B 212 -9.69 30.81 -1.99
C GLU B 212 -9.46 30.37 -0.55
N VAL B 213 -8.92 29.18 -0.34
CA VAL B 213 -8.66 28.72 1.02
C VAL B 213 -7.30 29.26 1.46
N GLN B 214 -6.40 29.38 0.51
CA GLN B 214 -5.07 29.91 0.79
C GLN B 214 -5.22 31.38 1.11
N GLU B 215 -6.17 32.00 0.42
CA GLU B 215 -6.44 33.41 0.59
C GLU B 215 -6.87 33.66 2.02
N VAL B 216 -7.89 32.95 2.47
CA VAL B 216 -8.38 33.11 3.84
C VAL B 216 -7.25 32.87 4.82
N PHE B 217 -6.35 31.98 4.43
CA PHE B 217 -5.20 31.67 5.27
C PHE B 217 -4.25 32.89 5.34
N ALA B 218 -4.03 33.51 4.18
CA ALA B 218 -3.15 34.66 4.10
C ALA B 218 -3.67 35.82 4.90
N LYS B 219 -4.90 36.26 4.62
CA LYS B 219 -5.50 37.38 5.33
C LYS B 219 -5.41 37.17 6.84
N ALA B 220 -5.98 36.06 7.30
CA ALA B 220 -5.97 35.72 8.71
C ALA B 220 -4.56 35.58 9.25
N PHE B 221 -3.59 35.35 8.37
CA PHE B 221 -2.23 35.22 8.84
C PHE B 221 -1.74 36.59 9.23
N ALA B 222 -1.84 37.53 8.30
CA ALA B 222 -1.37 38.89 8.52
C ALA B 222 -1.98 39.43 9.80
N TYR B 223 -3.30 39.53 9.82
CA TYR B 223 -3.99 40.03 10.99
C TYR B 223 -3.34 39.44 12.22
N TYR B 224 -2.96 38.16 12.15
CA TYR B 224 -2.32 37.53 13.29
C TYR B 224 -0.87 37.88 13.52
N ILE B 225 -0.10 38.07 12.45
CA ILE B 225 1.31 38.40 12.64
C ILE B 225 1.48 39.88 12.97
N GLU B 226 0.64 40.72 12.36
CA GLU B 226 0.69 42.15 12.60
C GLU B 226 0.26 42.33 14.06
N PRO B 227 1.03 43.09 14.86
CA PRO B 227 0.76 43.36 16.27
C PRO B 227 -0.58 44.00 16.61
N GLN B 228 -0.77 45.25 16.20
CA GLN B 228 -2.02 45.98 16.51
C GLN B 228 -3.31 45.37 15.92
N HIS B 229 -3.23 44.84 14.70
CA HIS B 229 -4.41 44.24 14.07
C HIS B 229 -4.82 42.95 14.77
N ARG B 230 -3.84 42.23 15.28
CA ARG B 230 -4.11 40.98 15.95
C ARG B 230 -5.27 41.10 16.92
N ASP B 231 -5.30 42.17 17.69
CA ASP B 231 -6.38 42.36 18.65
C ASP B 231 -7.76 42.20 18.02
N VAL B 232 -7.87 42.46 16.72
CA VAL B 232 -9.15 42.32 16.05
C VAL B 232 -9.48 40.86 15.81
N LEU B 233 -8.59 40.17 15.11
CA LEU B 233 -8.78 38.76 14.80
C LEU B 233 -9.18 37.97 16.04
N GLN B 234 -8.80 38.43 17.23
CA GLN B 234 -9.13 37.73 18.46
C GLN B 234 -10.57 37.91 18.92
N LEU B 235 -11.29 38.92 18.43
CA LEU B 235 -12.68 39.10 18.87
C LEU B 235 -13.79 38.94 17.83
N TYR B 236 -13.46 39.02 16.54
CA TYR B 236 -14.47 38.86 15.53
C TYR B 236 -14.34 37.51 14.83
N ALA B 237 -13.10 37.05 14.69
CA ALA B 237 -12.82 35.76 14.09
C ALA B 237 -12.02 34.99 15.14
N PRO B 238 -12.61 34.75 16.31
CA PRO B 238 -11.93 34.03 17.39
C PRO B 238 -11.26 32.76 16.89
N GLU B 239 -12.05 31.86 16.32
CA GLU B 239 -11.46 30.63 15.83
C GLU B 239 -10.24 30.95 14.98
N ALA B 240 -10.45 31.65 13.88
CA ALA B 240 -9.36 32.01 12.99
C ALA B 240 -8.14 32.37 13.80
N PHE B 241 -8.35 33.15 14.84
CA PHE B 241 -7.27 33.54 15.70
C PHE B 241 -6.62 32.31 16.29
N ASN B 242 -7.43 31.47 16.93
CA ASN B 242 -6.95 30.24 17.61
C ASN B 242 -6.01 29.49 16.75
N TYR B 243 -6.56 28.77 15.88
CA TYR B 243 -5.74 28.11 14.97
C TYR B 243 -4.49 28.92 14.61
N MET B 244 -4.70 30.05 13.93
CA MET B 244 -3.63 30.94 13.47
C MET B 244 -2.63 31.30 14.54
N ASP B 245 -2.92 30.96 15.79
CA ASP B 245 -2.02 31.24 16.91
C ASP B 245 -1.37 29.94 17.35
N LYS B 246 -2.18 28.91 17.54
CA LYS B 246 -1.69 27.62 17.96
C LYS B 246 -0.73 27.06 16.90
N PHE B 247 -0.77 27.64 15.71
CA PHE B 247 0.10 27.20 14.61
C PHE B 247 1.46 27.90 14.64
N ASN B 248 1.46 29.22 14.70
CA ASN B 248 2.71 29.98 14.74
C ASN B 248 3.55 29.73 15.99
N GLU B 249 2.96 29.07 16.97
CA GLU B 249 3.64 28.75 18.22
C GLU B 249 3.48 27.26 18.51
N GLN B 250 3.63 26.43 17.49
CA GLN B 250 3.51 24.97 17.64
C GLN B 250 3.75 24.22 16.34
N GLU B 251 2.75 24.17 15.48
CA GLU B 251 2.86 23.46 14.21
C GLU B 251 3.70 24.13 13.14
N ILE B 252 4.46 25.14 13.48
CA ILE B 252 5.25 25.77 12.45
C ILE B 252 6.55 24.99 12.30
N ASN B 253 7.04 24.44 13.42
CA ASN B 253 8.28 23.66 13.40
C ASN B 253 8.06 22.22 12.89
N LEU B 254 6.80 21.79 12.78
CA LEU B 254 6.53 20.46 12.27
C LEU B 254 6.44 20.62 10.78
N SER B 255 5.73 21.66 10.35
CA SER B 255 5.57 21.92 8.94
C SER B 255 6.93 22.06 8.31
N LEU B 256 7.88 22.61 9.05
CA LEU B 256 9.23 22.71 8.51
C LEU B 256 9.70 21.27 8.35
N GLU B 257 9.79 20.58 9.48
CA GLU B 257 10.23 19.19 9.46
C GLU B 257 9.61 18.46 8.29
N GLU B 258 8.30 18.27 8.33
CA GLU B 258 7.61 17.58 7.26
C GLU B 258 8.19 18.01 5.91
N LEU B 259 8.22 19.31 5.63
CA LEU B 259 8.78 19.76 4.37
C LEU B 259 10.14 19.13 4.15
N LYS B 260 10.91 18.98 5.23
CA LYS B 260 12.24 18.37 5.14
C LYS B 260 12.16 16.94 4.67
N ASP B 261 11.13 16.24 5.13
CA ASP B 261 10.94 14.85 4.81
C ASP B 261 10.64 14.64 3.33
N GLN B 262 10.55 15.72 2.58
CA GLN B 262 10.26 15.63 1.15
C GLN B 262 11.56 15.60 0.35
N ARG B 263 12.58 16.28 0.88
CA ARG B 263 13.90 16.38 0.26
C ARG B 263 14.71 15.11 0.40
N MET B 264 15.62 14.88 -0.54
CA MET B 264 16.47 13.69 -0.49
C MET B 264 17.61 13.90 0.47
N LEU B 265 18.60 14.68 0.04
CA LEU B 265 19.76 14.96 0.89
C LEU B 265 19.34 15.33 2.32
N SER B 266 18.07 15.70 2.48
CA SER B 266 17.61 16.04 3.81
C SER B 266 17.38 14.77 4.60
N ARG B 267 16.92 13.73 3.93
CA ARG B 267 16.67 12.46 4.59
C ARG B 267 17.99 11.76 4.87
N TYR B 268 18.85 11.80 3.87
CA TYR B 268 20.16 11.17 3.94
C TYR B 268 21.00 11.75 5.07
N GLU B 269 20.81 13.04 5.39
CA GLU B 269 21.58 13.67 6.47
C GLU B 269 21.06 13.26 7.85
N LYS B 270 19.75 13.25 8.02
CA LYS B 270 19.17 12.86 9.29
C LYS B 270 19.57 11.43 9.62
N TRP B 271 19.67 10.61 8.56
CA TRP B 271 20.05 9.21 8.69
C TRP B 271 21.51 9.09 9.07
N GLU B 272 22.37 9.69 8.26
CA GLU B 272 23.81 9.60 8.51
C GLU B 272 24.22 10.04 9.91
N LYS B 273 23.50 10.99 10.49
CA LYS B 273 23.83 11.46 11.84
C LYS B 273 23.53 10.39 12.87
N ILE B 274 22.32 9.85 12.80
CA ILE B 274 21.83 8.81 13.70
C ILE B 274 22.63 7.53 13.54
N LYS B 275 22.99 7.22 12.30
CA LYS B 275 23.76 6.01 12.02
C LYS B 275 25.14 6.16 12.63
N GLN B 276 25.68 7.38 12.53
CA GLN B 276 26.98 7.74 13.05
C GLN B 276 27.00 7.70 14.57
N HIS B 277 26.08 8.45 15.17
CA HIS B 277 25.97 8.48 16.61
C HIS B 277 26.17 7.04 17.09
N TYR B 278 25.23 6.18 16.70
CA TYR B 278 25.26 4.78 17.09
C TYR B 278 26.37 3.97 16.46
N GLN B 279 27.22 4.58 15.65
CA GLN B 279 28.27 3.79 15.03
C GLN B 279 29.06 2.94 16.02
N HIS B 280 29.03 3.30 17.29
CA HIS B 280 29.78 2.53 18.27
C HIS B 280 28.95 1.37 18.83
N TRP B 281 27.84 1.69 19.49
CA TRP B 281 26.97 0.65 20.04
C TRP B 281 26.67 -0.34 18.94
N SER B 282 27.04 0.01 17.72
CA SER B 282 26.82 -0.86 16.57
C SER B 282 28.01 -1.78 16.30
N ASP B 283 29.21 -1.22 16.37
CA ASP B 283 30.40 -2.03 16.12
C ASP B 283 30.82 -2.80 17.38
N SER B 284 30.02 -2.69 18.43
CA SER B 284 30.28 -3.40 19.67
C SER B 284 29.14 -4.37 19.96
N LEU B 285 28.75 -5.12 18.92
CA LEU B 285 27.66 -6.08 19.01
C LEU B 285 28.03 -7.54 18.89
N SER B 286 27.85 -8.28 19.99
CA SER B 286 28.15 -9.71 20.01
C SER B 286 27.30 -10.42 18.94
N GLU B 287 27.62 -11.67 18.64
CA GLU B 287 26.86 -12.44 17.65
C GLU B 287 25.50 -12.77 18.26
N GLU B 288 25.50 -12.96 19.57
CA GLU B 288 24.28 -13.26 20.31
C GLU B 288 23.36 -12.08 20.13
N GLY B 289 23.96 -10.89 20.11
CA GLY B 289 23.23 -9.64 19.94
C GLY B 289 22.43 -9.51 18.65
N ARG B 290 23.11 -9.50 17.50
CA ARG B 290 22.40 -9.39 16.24
C ARG B 290 21.32 -10.46 16.25
N GLY B 291 21.68 -11.62 16.80
CA GLY B 291 20.78 -12.76 16.90
C GLY B 291 19.49 -12.50 17.66
N LEU B 292 19.56 -11.67 18.69
CA LEU B 292 18.37 -11.30 19.44
C LEU B 292 17.61 -10.34 18.55
N LEU B 293 18.23 -9.19 18.30
CA LEU B 293 17.62 -8.13 17.49
C LEU B 293 16.99 -8.57 16.18
N LYS B 294 17.35 -9.75 15.68
CA LYS B 294 16.72 -10.18 14.45
C LYS B 294 15.53 -11.05 14.83
N LYS B 295 15.65 -11.83 15.89
CA LYS B 295 14.52 -12.66 16.27
C LYS B 295 13.53 -11.78 17.01
N LEU B 296 13.77 -10.49 16.95
CA LEU B 296 12.90 -9.52 17.58
C LEU B 296 12.03 -8.98 16.47
N GLN B 297 12.67 -8.57 15.38
CA GLN B 297 11.97 -8.04 14.24
C GLN B 297 11.30 -9.19 13.52
N ILE B 298 11.90 -10.37 13.62
CA ILE B 298 11.36 -11.55 12.96
C ILE B 298 10.83 -12.63 13.89
N PRO B 299 9.56 -12.99 13.72
CA PRO B 299 8.98 -14.03 14.58
C PRO B 299 9.56 -15.36 14.09
N ILE B 300 9.52 -16.38 14.95
CA ILE B 300 10.05 -17.71 14.61
C ILE B 300 8.96 -18.73 14.32
N GLU B 301 8.56 -18.86 13.06
CA GLU B 301 7.53 -19.84 12.70
C GLU B 301 7.90 -21.20 13.26
N PRO B 302 6.96 -21.89 13.90
CA PRO B 302 7.22 -23.22 14.48
C PRO B 302 7.76 -24.27 13.49
N LYS B 303 8.27 -25.39 14.02
CA LYS B 303 8.84 -26.45 13.18
C LYS B 303 7.99 -27.72 13.08
N LYS B 304 7.37 -27.93 11.92
CA LYS B 304 6.51 -29.10 11.66
C LYS B 304 7.02 -30.35 12.39
N ASP B 305 8.27 -30.69 12.15
CA ASP B 305 8.87 -31.84 12.79
C ASP B 305 8.84 -31.63 14.31
N ASP B 306 9.40 -30.51 14.75
CA ASP B 306 9.45 -30.21 16.19
C ASP B 306 8.10 -30.31 16.89
N ILE B 307 7.01 -30.38 16.12
CA ILE B 307 5.69 -30.51 16.75
C ILE B 307 5.32 -31.97 16.64
N ILE B 308 6.17 -32.75 16.01
CA ILE B 308 5.95 -34.17 15.85
C ILE B 308 6.89 -34.88 16.80
N HIS B 309 8.09 -34.32 16.95
CA HIS B 309 9.09 -34.92 17.82
C HIS B 309 8.83 -34.58 19.29
N SER B 310 7.60 -34.85 19.74
CA SER B 310 7.19 -34.60 21.12
C SER B 310 5.70 -34.89 21.27
N LEU B 311 5.26 -36.05 20.78
CA LEU B 311 3.87 -36.44 20.85
C LEU B 311 3.71 -37.81 21.47
N SER B 312 2.95 -37.90 22.56
CA SER B 312 2.72 -39.19 23.18
C SER B 312 2.13 -40.03 22.04
N GLN B 313 2.52 -41.29 21.94
CA GLN B 313 1.97 -42.11 20.87
C GLN B 313 0.48 -41.82 20.81
N GLU B 314 -0.15 -41.77 21.98
CA GLU B 314 -1.59 -41.51 22.12
C GLU B 314 -2.02 -40.23 21.40
N GLU B 315 -1.06 -39.50 20.86
CA GLU B 315 -1.36 -38.28 20.14
C GLU B 315 -0.99 -38.39 18.67
N LYS B 316 0.18 -38.95 18.38
CA LYS B 316 0.56 -39.11 16.99
C LYS B 316 -0.50 -39.94 16.28
N GLU B 317 -1.19 -40.80 17.05
CA GLU B 317 -2.24 -41.67 16.52
C GLU B 317 -3.56 -40.93 16.46
N LEU B 318 -3.81 -40.10 17.45
CA LEU B 318 -5.05 -39.34 17.50
C LEU B 318 -5.00 -38.21 16.49
N LEU B 319 -3.79 -37.90 16.05
CA LEU B 319 -3.54 -36.85 15.09
C LEU B 319 -3.85 -37.37 13.70
N LYS B 320 -3.83 -38.69 13.55
CA LYS B 320 -4.09 -39.33 12.27
C LYS B 320 -5.56 -39.36 11.87
N ARG B 321 -6.39 -39.95 12.73
CA ARG B 321 -7.82 -40.08 12.48
C ARG B 321 -8.62 -38.77 12.57
N ILE B 322 -8.07 -37.80 13.30
CA ILE B 322 -8.73 -36.51 13.51
C ILE B 322 -8.91 -35.65 12.25
N GLN B 323 -10.13 -35.13 12.09
CA GLN B 323 -10.48 -34.27 10.96
C GLN B 323 -10.43 -32.84 11.44
N ILE B 324 -9.39 -32.12 11.05
CA ILE B 324 -9.25 -30.74 11.47
C ILE B 324 -10.47 -29.91 11.07
N ASP B 325 -10.54 -29.47 9.83
CA ASP B 325 -11.66 -28.66 9.33
C ASP B 325 -12.99 -29.01 10.04
N SER B 326 -13.11 -28.56 11.28
CA SER B 326 -14.29 -28.80 12.11
C SER B 326 -14.10 -28.05 13.42
N SER B 327 -13.02 -27.28 13.47
CA SER B 327 -12.67 -26.50 14.65
C SER B 327 -13.37 -25.13 14.68
N ASP B 328 -14.21 -24.93 15.70
CA ASP B 328 -14.91 -23.66 15.88
C ASP B 328 -14.02 -22.82 16.78
N PHE B 329 -12.71 -23.09 16.68
CA PHE B 329 -11.70 -22.39 17.47
C PHE B 329 -10.29 -22.40 16.88
N LEU B 330 -10.17 -22.57 15.56
CA LEU B 330 -8.85 -22.57 14.96
C LEU B 330 -8.72 -21.55 13.84
N SER B 331 -7.59 -20.84 13.85
CA SER B 331 -7.29 -19.83 12.86
C SER B 331 -7.09 -20.46 11.50
N THR B 332 -7.34 -19.68 10.46
CA THR B 332 -7.20 -20.15 9.09
C THR B 332 -5.75 -20.46 8.72
N GLU B 333 -4.84 -19.52 9.01
CA GLU B 333 -3.42 -19.70 8.73
C GLU B 333 -2.88 -20.79 9.66
N GLU B 334 -3.64 -21.11 10.70
CA GLU B 334 -3.26 -22.09 11.69
C GLU B 334 -3.75 -23.50 11.42
N LYS B 335 -4.99 -23.64 10.94
CA LYS B 335 -5.51 -24.96 10.60
C LYS B 335 -4.58 -25.53 9.55
N GLU B 336 -4.38 -24.77 8.49
CA GLU B 336 -3.50 -25.17 7.40
C GLU B 336 -2.17 -25.68 7.92
N PHE B 337 -1.83 -25.36 9.15
CA PHE B 337 -0.58 -25.83 9.72
C PHE B 337 -0.78 -27.23 10.28
N LEU B 338 -1.69 -27.34 11.24
CA LEU B 338 -1.97 -28.64 11.83
C LEU B 338 -2.28 -29.66 10.72
N LYS B 339 -3.07 -29.22 9.72
CA LYS B 339 -3.41 -30.07 8.58
C LYS B 339 -2.13 -30.55 7.89
N LYS B 340 -1.40 -29.60 7.32
CA LYS B 340 -0.15 -29.93 6.66
C LYS B 340 0.70 -30.81 7.57
N LEU B 341 0.54 -30.64 8.87
CA LEU B 341 1.24 -31.46 9.86
C LEU B 341 0.74 -32.92 9.72
N GLN B 342 -0.57 -33.04 9.71
CA GLN B 342 -1.24 -34.31 9.63
C GLN B 342 -0.81 -35.07 8.41
N ILE B 343 -0.65 -34.41 7.31
CA ILE B 343 -0.24 -35.13 6.13
C ILE B 343 1.17 -35.64 6.15
N ASP B 344 2.01 -35.00 6.96
CA ASP B 344 3.39 -35.45 7.15
C ASP B 344 3.43 -36.84 7.71
N ILE B 345 2.35 -37.21 8.41
CA ILE B 345 2.22 -38.52 9.04
C ILE B 345 1.59 -39.56 8.06
N ARG B 346 1.42 -39.11 6.78
CA ARG B 346 0.88 -39.91 5.62
C ARG B 346 2.06 -40.79 5.07
N ASP B 347 3.19 -40.61 5.74
CA ASP B 347 4.46 -41.26 5.40
C ASP B 347 4.55 -42.75 5.75
N SER B 348 3.73 -43.34 6.68
CA SER B 348 3.85 -44.78 7.08
C SER B 348 4.00 -45.76 5.93
N SER B 365 -20.95 -38.23 13.24
CA SER B 365 -20.59 -37.91 11.81
C SER B 365 -19.98 -36.53 11.70
N ASN B 366 -20.69 -35.55 12.27
CA ASN B 366 -20.27 -34.13 12.21
C ASN B 366 -19.25 -33.60 13.25
N PRO B 367 -19.74 -33.04 14.37
CA PRO B 367 -18.81 -32.53 15.38
C PRO B 367 -17.66 -33.46 15.77
N LEU B 368 -16.84 -32.96 16.69
CA LEU B 368 -15.67 -33.64 17.25
C LEU B 368 -15.95 -34.42 18.56
N SER B 369 -14.91 -35.04 19.10
CA SER B 369 -15.03 -35.79 20.34
C SER B 369 -14.54 -34.90 21.46
N GLU B 370 -15.21 -34.92 22.61
CA GLU B 370 -14.82 -34.08 23.74
C GLU B 370 -13.38 -34.30 24.21
N LYS B 371 -12.61 -35.06 23.45
CA LYS B 371 -11.22 -35.31 23.87
C LYS B 371 -10.37 -34.73 22.79
N GLU B 372 -10.86 -35.05 21.64
CA GLU B 372 -10.27 -34.52 20.48
C GLU B 372 -10.28 -33.02 20.62
N LYS B 373 -11.31 -32.51 21.30
CA LYS B 373 -11.44 -31.08 21.59
C LYS B 373 -10.21 -30.62 22.36
N GLU B 374 -9.91 -31.31 23.44
CA GLU B 374 -8.75 -30.93 24.25
C GLU B 374 -7.43 -31.02 23.49
N PHE B 375 -7.12 -32.20 22.95
CA PHE B 375 -5.87 -32.37 22.22
C PHE B 375 -5.51 -31.23 21.31
N LEU B 376 -6.42 -30.85 20.42
CA LEU B 376 -6.14 -29.76 19.50
C LEU B 376 -5.76 -28.45 20.20
N LYS B 377 -6.41 -28.13 21.30
CA LYS B 377 -6.05 -26.91 21.99
C LYS B 377 -4.55 -26.98 22.23
N LYS B 378 -4.08 -28.07 22.86
CA LYS B 378 -2.66 -28.24 23.14
C LYS B 378 -1.78 -27.80 21.98
N LEU B 379 -1.99 -28.38 20.81
CA LEU B 379 -1.22 -28.00 19.64
C LEU B 379 -1.32 -26.51 19.49
N LYS B 380 -2.55 -26.06 19.28
CA LYS B 380 -2.86 -24.65 19.14
C LYS B 380 -1.85 -23.87 19.96
N LEU B 381 -1.76 -24.24 21.22
CA LEU B 381 -0.84 -23.55 22.08
C LEU B 381 0.58 -23.70 21.56
N ASP B 382 1.08 -24.94 21.45
CA ASP B 382 2.46 -25.16 21.00
C ASP B 382 2.84 -24.60 19.63
N ILE B 383 1.87 -24.49 18.73
CA ILE B 383 2.14 -24.01 17.36
C ILE B 383 1.94 -22.52 17.04
N GLN B 384 2.30 -21.62 17.95
CA GLN B 384 2.14 -20.19 17.68
C GLN B 384 3.51 -19.53 17.59
N PRO B 385 3.75 -18.76 16.51
CA PRO B 385 5.01 -18.06 16.26
C PRO B 385 5.61 -17.46 17.51
N TYR B 386 6.93 -17.55 17.64
CA TYR B 386 7.64 -17.01 18.79
C TYR B 386 7.90 -15.52 18.55
N ASP B 387 7.05 -14.66 19.12
CA ASP B 387 7.22 -13.22 18.92
C ASP B 387 7.33 -12.38 20.18
N ILE B 388 8.52 -11.88 20.46
CA ILE B 388 8.72 -11.07 21.63
C ILE B 388 7.69 -9.98 21.70
N ASN B 389 7.76 -9.04 20.77
CA ASN B 389 6.82 -7.93 20.74
C ASN B 389 5.43 -8.43 20.95
N GLN B 390 5.07 -9.52 20.29
CA GLN B 390 3.72 -10.02 20.45
C GLN B 390 3.46 -10.51 21.86
N ARG B 391 4.52 -10.83 22.59
CA ARG B 391 4.39 -11.29 23.98
C ARG B 391 4.22 -10.07 24.87
N LEU B 392 5.20 -9.18 24.82
CA LEU B 392 5.14 -7.97 25.61
C LEU B 392 3.81 -7.27 25.45
N GLN B 393 3.28 -7.19 24.24
CA GLN B 393 2.02 -6.50 24.06
C GLN B 393 0.87 -7.29 24.68
N ASP B 394 0.72 -8.54 24.27
CA ASP B 394 -0.33 -9.43 24.76
C ASP B 394 -0.43 -9.44 26.27
N THR B 395 0.70 -9.23 26.91
CA THR B 395 0.78 -9.25 28.36
C THR B 395 0.84 -7.87 29.00
N GLY B 396 1.56 -6.94 28.39
CA GLY B 396 1.64 -5.61 28.95
C GLY B 396 2.95 -5.39 29.68
N GLY B 397 3.47 -6.44 30.30
CA GLY B 397 4.71 -6.30 31.02
C GLY B 397 4.87 -7.44 32.00
N LEU B 398 3.75 -8.06 32.35
CA LEU B 398 3.75 -9.18 33.28
C LEU B 398 4.23 -10.39 32.51
N ILE B 399 5.41 -10.25 31.88
CA ILE B 399 6.03 -11.28 31.07
C ILE B 399 5.98 -12.60 31.83
N ASP B 400 5.92 -12.51 33.15
CA ASP B 400 5.84 -13.69 34.01
C ASP B 400 4.39 -14.12 34.23
N SER B 401 3.51 -13.86 33.26
CA SER B 401 2.12 -14.26 33.40
C SER B 401 1.99 -15.73 33.05
N PRO B 402 1.26 -16.49 33.86
CA PRO B 402 1.00 -17.93 33.71
C PRO B 402 0.05 -18.33 32.59
N SER B 403 0.19 -17.70 31.44
CA SER B 403 -0.70 -17.97 30.32
C SER B 403 -0.13 -18.85 29.21
N ILE B 404 1.10 -19.34 29.38
CA ILE B 404 1.73 -20.22 28.40
C ILE B 404 2.51 -21.32 29.10
N ASN B 405 3.03 -22.29 28.35
CA ASN B 405 3.81 -23.35 28.96
C ASN B 405 5.04 -22.68 29.59
N LEU B 406 5.74 -23.39 30.48
CA LEU B 406 6.86 -22.79 31.19
C LEU B 406 8.16 -22.56 30.43
N ASP B 407 8.71 -23.60 29.81
CA ASP B 407 9.96 -23.43 29.09
C ASP B 407 9.90 -22.39 27.98
N VAL B 408 8.75 -21.77 27.76
CA VAL B 408 8.63 -20.75 26.71
C VAL B 408 8.69 -19.38 27.36
N ARG B 409 8.16 -19.33 28.58
CA ARG B 409 8.13 -18.10 29.35
C ARG B 409 9.55 -17.72 29.71
N LYS B 410 10.23 -18.60 30.43
CA LYS B 410 11.60 -18.35 30.84
C LYS B 410 12.44 -18.10 29.58
N GLN B 411 11.92 -18.52 28.42
CA GLN B 411 12.63 -18.31 27.16
C GLN B 411 12.55 -16.87 26.74
N TYR B 412 11.30 -16.43 26.64
CA TYR B 412 10.95 -15.05 26.37
C TYR B 412 11.63 -14.15 27.37
N LYS B 413 11.23 -14.32 28.64
CA LYS B 413 11.80 -13.59 29.76
C LYS B 413 13.32 -13.49 29.68
N ARG B 414 13.94 -14.55 29.20
CA ARG B 414 15.39 -14.55 29.08
C ARG B 414 15.79 -13.59 27.97
N ASP B 415 15.13 -13.69 26.82
CA ASP B 415 15.47 -12.82 25.70
C ASP B 415 15.08 -11.39 25.94
N ILE B 416 14.12 -11.16 26.82
CA ILE B 416 13.73 -9.78 27.09
C ILE B 416 14.85 -9.14 27.88
N GLN B 417 15.05 -9.59 29.12
CA GLN B 417 16.09 -9.04 29.96
C GLN B 417 17.38 -8.77 29.20
N ASN B 418 17.54 -9.46 28.06
CA ASN B 418 18.74 -9.32 27.23
C ASN B 418 18.64 -8.20 26.20
N ILE B 419 17.49 -8.05 25.59
CA ILE B 419 17.29 -6.99 24.62
C ILE B 419 17.32 -5.66 25.35
N ASP B 420 16.63 -5.59 26.49
CA ASP B 420 16.54 -4.37 27.28
C ASP B 420 17.89 -3.76 27.62
N ALA B 421 18.75 -4.55 28.25
CA ALA B 421 20.07 -4.05 28.64
C ALA B 421 20.96 -3.82 27.44
N LEU B 422 20.45 -4.12 26.25
CA LEU B 422 21.24 -3.96 25.03
C LEU B 422 20.90 -2.67 24.33
N LEU B 423 19.85 -2.03 24.81
CA LEU B 423 19.40 -0.76 24.27
C LEU B 423 19.56 0.22 25.43
N HIS B 424 20.79 0.69 25.61
CA HIS B 424 21.11 1.61 26.70
C HIS B 424 21.74 2.90 26.18
N GLN B 425 21.61 3.16 24.89
CA GLN B 425 22.16 4.38 24.28
C GLN B 425 21.14 5.45 24.00
N SER B 426 21.22 6.52 24.78
CA SER B 426 20.35 7.69 24.70
C SER B 426 20.33 8.21 23.27
N ILE B 427 19.14 8.39 22.72
CA ILE B 427 19.02 8.88 21.35
C ILE B 427 19.77 10.18 21.11
N GLY B 428 19.55 11.16 21.98
CA GLY B 428 20.19 12.46 21.84
C GLY B 428 21.70 12.41 21.70
N SER B 429 22.26 13.51 21.21
CA SER B 429 23.70 13.64 21.03
C SER B 429 24.01 15.12 20.82
N THR B 430 25.20 15.39 20.30
CA THR B 430 25.65 16.75 20.02
C THR B 430 25.44 17.03 18.55
N LEU B 431 25.35 15.93 17.79
CA LEU B 431 25.16 15.98 16.35
C LEU B 431 23.79 16.45 15.88
N TYR B 432 22.97 16.97 16.78
CA TYR B 432 21.65 17.44 16.42
C TYR B 432 20.74 17.88 17.55
N ASN B 433 19.70 18.61 17.18
CA ASN B 433 18.72 19.13 18.11
C ASN B 433 17.50 18.21 18.27
N LYS B 434 16.37 18.58 17.67
CA LYS B 434 15.14 17.79 17.75
C LYS B 434 15.17 16.56 16.87
N ILE B 435 14.47 15.51 17.30
CA ILE B 435 14.39 14.27 16.51
C ILE B 435 13.00 13.67 16.55
N TYR B 436 12.44 13.47 15.36
CA TYR B 436 11.13 12.88 15.18
C TYR B 436 11.25 11.60 14.38
N LEU B 437 10.74 10.51 14.91
CA LEU B 437 10.79 9.28 14.17
C LEU B 437 9.34 8.96 13.83
N TYR B 438 9.10 8.21 12.76
CA TYR B 438 7.72 7.93 12.40
C TYR B 438 7.32 6.49 12.55
N GLU B 439 6.03 6.22 12.36
CA GLU B 439 5.51 4.89 12.50
C GLU B 439 4.12 4.68 11.85
N ASN B 440 4.05 3.74 10.92
CA ASN B 440 2.80 3.40 10.24
C ASN B 440 2.14 2.38 11.14
N MET B 441 0.80 2.35 11.17
CA MET B 441 0.11 1.42 12.06
C MET B 441 -1.31 1.13 11.65
N ASN B 442 -1.76 -0.09 11.85
CA ASN B 442 -3.12 -0.45 11.45
C ASN B 442 -4.12 -0.04 12.50
N ILE B 443 -5.11 0.75 12.08
CA ILE B 443 -6.15 1.23 12.99
C ILE B 443 -6.70 0.14 13.90
N ASN B 444 -6.75 -1.10 13.42
CA ASN B 444 -7.26 -2.23 14.18
C ASN B 444 -6.43 -2.64 15.39
N ASN B 445 -5.16 -2.24 15.42
CA ASN B 445 -4.29 -2.58 16.55
C ASN B 445 -4.67 -1.73 17.73
N LEU B 446 -5.28 -0.58 17.45
CA LEU B 446 -5.73 0.35 18.49
C LEU B 446 -7.22 0.16 18.71
N THR B 447 -7.99 -0.13 17.66
CA THR B 447 -9.42 -0.37 17.87
C THR B 447 -10.29 -0.81 16.71
N ALA B 448 -10.45 -2.13 16.60
CA ALA B 448 -11.24 -2.75 15.56
C ALA B 448 -12.57 -2.10 15.29
N THR B 449 -13.41 -2.01 16.33
CA THR B 449 -14.73 -1.43 16.22
C THR B 449 -14.72 -0.22 15.30
N LEU B 450 -13.71 0.63 15.46
CA LEU B 450 -13.60 1.84 14.65
C LEU B 450 -13.07 1.62 13.21
N GLY B 451 -11.90 0.97 13.05
CA GLY B 451 -11.35 0.74 11.73
C GLY B 451 -12.29 0.03 10.78
N ALA B 452 -13.33 -0.56 11.36
CA ALA B 452 -14.36 -1.31 10.63
C ALA B 452 -15.21 -0.46 9.68
N ASP B 453 -15.21 0.85 9.91
CA ASP B 453 -15.99 1.76 9.08
C ASP B 453 -15.09 2.93 8.71
N LEU B 454 -13.91 2.98 9.32
CA LEU B 454 -12.97 4.05 9.09
C LEU B 454 -12.73 4.36 7.63
N VAL B 455 -12.03 3.48 6.95
CA VAL B 455 -11.75 3.70 5.53
C VAL B 455 -13.09 3.86 4.80
N ASP B 456 -13.36 5.08 4.32
CA ASP B 456 -14.58 5.41 3.59
C ASP B 456 -14.93 4.29 2.64
N SER B 457 -16.21 3.94 2.56
CA SER B 457 -16.69 2.83 1.73
C SER B 457 -16.78 2.92 0.19
N THR B 458 -16.74 4.12 -0.37
CA THR B 458 -16.81 4.28 -1.84
C THR B 458 -15.42 4.46 -2.45
N ASP B 459 -14.85 5.62 -2.12
CA ASP B 459 -13.55 6.07 -2.58
C ASP B 459 -12.51 5.66 -1.56
N ASN B 460 -11.73 4.62 -1.85
CA ASN B 460 -10.72 4.13 -0.89
C ASN B 460 -9.78 5.20 -0.31
N THR B 461 -9.44 6.21 -1.11
CA THR B 461 -8.56 7.24 -0.61
C THR B 461 -9.20 8.18 0.41
N LYS B 462 -10.48 7.99 0.72
CA LYS B 462 -11.13 8.87 1.69
C LYS B 462 -11.29 8.23 3.07
N ILE B 463 -11.15 9.04 4.13
CA ILE B 463 -11.31 8.56 5.50
C ILE B 463 -12.62 9.09 6.06
N ASN B 464 -13.53 8.17 6.41
CA ASN B 464 -14.83 8.54 6.95
C ASN B 464 -14.78 9.50 8.12
N ARG B 465 -15.03 10.77 7.84
CA ARG B 465 -15.02 11.82 8.86
C ARG B 465 -15.75 11.40 10.12
N GLY B 466 -16.90 10.78 9.96
CA GLY B 466 -17.64 10.34 11.12
C GLY B 466 -16.70 9.61 12.06
N ILE B 467 -16.41 8.35 11.75
CA ILE B 467 -15.52 7.56 12.59
C ILE B 467 -14.37 8.43 13.03
N PHE B 468 -13.54 8.81 12.08
CA PHE B 468 -12.38 9.62 12.37
C PHE B 468 -12.52 10.41 13.68
N ASN B 469 -13.58 11.20 13.77
CA ASN B 469 -13.76 12.03 14.95
C ASN B 469 -13.79 11.23 16.25
N GLU B 470 -14.72 10.29 16.32
CA GLU B 470 -14.86 9.47 17.50
C GLU B 470 -13.52 8.87 17.96
N PHE B 471 -12.70 8.51 16.98
CA PHE B 471 -11.39 7.93 17.23
C PHE B 471 -10.58 8.79 18.17
N LYS B 472 -10.61 10.12 17.93
CA LYS B 472 -9.85 11.08 18.74
C LYS B 472 -10.50 11.49 20.04
N LYS B 473 -11.83 11.54 20.07
CA LYS B 473 -12.50 11.91 21.30
C LYS B 473 -11.91 11.08 22.41
N ASN B 474 -11.11 11.72 23.25
CA ASN B 474 -10.45 11.06 24.37
C ASN B 474 -9.21 10.28 23.98
N PHE B 475 -8.24 10.96 23.38
CA PHE B 475 -7.02 10.31 23.01
C PHE B 475 -5.93 11.16 23.58
N LYS B 476 -5.89 11.21 24.91
CA LYS B 476 -4.89 12.00 25.61
C LYS B 476 -3.51 11.34 25.56
N TYR B 477 -3.39 10.19 26.23
CA TYR B 477 -2.12 9.45 26.32
C TYR B 477 -2.08 8.11 25.65
N SER B 478 -0.87 7.56 25.52
CA SER B 478 -0.67 6.27 24.89
C SER B 478 0.55 5.62 25.49
N ILE B 479 0.42 4.35 25.86
CA ILE B 479 1.53 3.60 26.46
C ILE B 479 2.00 2.54 25.48
N SER B 480 3.32 2.35 25.38
CA SER B 480 3.89 1.31 24.51
C SER B 480 4.70 0.37 25.40
N SER B 481 4.29 -0.91 25.46
CA SER B 481 4.93 -1.90 26.30
C SER B 481 6.04 -2.72 25.65
N ASN B 482 6.02 -2.82 24.32
CA ASN B 482 7.04 -3.58 23.59
C ASN B 482 8.03 -2.66 22.90
N TYR B 483 8.90 -3.25 22.07
CA TYR B 483 9.91 -2.46 21.38
C TYR B 483 9.42 -1.80 20.13
N MET B 484 8.99 -0.57 20.32
CA MET B 484 8.46 0.25 19.27
C MET B 484 9.53 0.38 18.20
N ILE B 485 9.23 -0.13 17.00
CA ILE B 485 10.20 -0.05 15.91
C ILE B 485 9.77 1.00 14.88
N VAL B 486 10.45 2.14 14.90
CA VAL B 486 10.16 3.26 14.03
C VAL B 486 11.24 3.62 13.01
N ASP B 487 10.95 4.61 12.16
CA ASP B 487 11.87 5.02 11.11
C ASP B 487 12.45 6.41 11.23
N ILE B 488 13.67 6.56 10.71
CA ILE B 488 14.40 7.84 10.69
C ILE B 488 13.60 8.86 9.88
N ASN B 489 13.18 8.45 8.68
CA ASN B 489 12.40 9.30 7.80
C ASN B 489 11.03 8.68 7.58
N GLU B 490 10.06 9.46 7.12
CA GLU B 490 8.73 8.91 6.89
C GLU B 490 8.75 7.88 5.77
N ARG B 491 7.87 6.90 5.86
CA ARG B 491 7.80 5.86 4.84
C ARG B 491 6.36 5.41 4.53
N PRO B 492 6.17 4.80 3.35
CA PRO B 492 4.90 4.30 2.82
C PRO B 492 4.27 3.24 3.73
N ALA B 493 2.96 3.06 3.59
CA ALA B 493 2.22 2.11 4.42
C ALA B 493 1.73 0.92 3.63
N LEU B 494 0.74 0.23 4.20
CA LEU B 494 0.11 -0.94 3.57
C LEU B 494 -1.41 -0.70 3.59
N ASP B 495 -2.09 -1.06 2.51
CA ASP B 495 -3.52 -0.89 2.37
C ASP B 495 -4.38 -0.76 3.64
N ASN B 496 -3.93 -1.34 4.74
CA ASN B 496 -4.69 -1.27 6.01
C ASN B 496 -4.10 -0.34 7.10
N GLU B 497 -2.86 0.12 6.91
CA GLU B 497 -2.26 1.02 7.87
C GLU B 497 -2.79 2.43 7.61
N ARG B 498 -3.72 2.89 8.44
CA ARG B 498 -4.30 4.22 8.25
C ARG B 498 -3.86 5.30 9.22
N LEU B 499 -3.05 4.91 10.22
CA LEU B 499 -2.54 5.85 11.22
C LEU B 499 -1.07 6.13 10.93
N LYS B 500 -0.67 7.39 10.97
CA LYS B 500 0.71 7.76 10.70
C LYS B 500 1.32 8.44 11.93
N TRP B 501 1.90 7.67 12.83
CA TRP B 501 2.48 8.28 14.02
C TRP B 501 3.75 9.05 13.76
N ARG B 502 3.85 10.23 14.36
CA ARG B 502 5.07 11.04 14.27
C ARG B 502 5.45 11.35 15.69
N ILE B 503 6.47 10.66 16.18
CA ILE B 503 6.90 10.83 17.54
C ILE B 503 8.12 11.68 17.72
N GLN B 504 7.98 12.67 18.59
CA GLN B 504 9.05 13.59 18.94
C GLN B 504 9.74 12.87 20.10
N LEU B 505 10.79 12.12 19.80
CA LEU B 505 11.50 11.38 20.83
C LEU B 505 12.07 12.25 21.90
N SER B 506 12.35 11.64 23.04
CA SER B 506 12.95 12.33 24.17
C SER B 506 14.45 12.09 24.08
N PRO B 507 15.26 13.10 24.38
CA PRO B 507 16.72 12.97 24.33
C PRO B 507 17.24 11.76 25.13
N ASP B 508 16.87 11.71 26.41
CA ASP B 508 17.29 10.65 27.32
C ASP B 508 16.85 9.22 26.96
N THR B 509 15.94 9.11 25.99
CA THR B 509 15.42 7.81 25.53
C THR B 509 16.49 6.88 25.00
N ARG B 510 16.31 5.58 25.24
CA ARG B 510 17.28 4.58 24.81
C ARG B 510 16.75 3.70 23.66
N ALA B 511 17.51 3.63 22.58
CA ALA B 511 17.08 2.82 21.45
C ALA B 511 18.28 2.31 20.66
N GLY B 512 18.06 1.25 19.89
CA GLY B 512 19.11 0.66 19.08
C GLY B 512 18.94 1.02 17.62
N TYR B 513 20.01 0.92 16.85
CA TYR B 513 19.93 1.28 15.44
C TYR B 513 19.99 0.08 14.51
N LEU B 514 19.21 0.14 13.46
CA LEU B 514 19.17 -0.93 12.50
C LEU B 514 19.51 -0.38 11.13
N GLU B 515 20.56 -0.95 10.55
CA GLU B 515 21.11 -0.60 9.24
C GLU B 515 20.19 -0.12 8.10
N ASN B 516 18.94 -0.58 8.10
CA ASN B 516 17.98 -0.19 7.07
C ASN B 516 17.39 1.19 7.31
N GLY B 517 17.92 1.91 8.29
CA GLY B 517 17.41 3.23 8.61
C GLY B 517 16.20 3.21 9.53
N LYS B 518 16.26 2.32 10.52
CA LYS B 518 15.19 2.15 11.51
C LYS B 518 15.83 2.04 12.90
N LEU B 519 15.26 2.72 13.88
CA LEU B 519 15.75 2.66 15.25
C LEU B 519 14.75 1.79 16.01
N ILE B 520 15.24 0.93 16.88
CA ILE B 520 14.38 0.08 17.69
C ILE B 520 14.39 0.74 19.05
N LEU B 521 13.27 1.30 19.46
CA LEU B 521 13.20 1.99 20.73
C LEU B 521 13.16 1.07 21.95
N GLN B 522 13.23 1.67 23.13
CA GLN B 522 13.17 0.90 24.37
C GLN B 522 11.71 0.69 24.73
N ARG B 523 11.41 -0.26 25.61
CA ARG B 523 10.03 -0.52 26.02
C ARG B 523 9.73 0.39 27.19
N ASN B 524 8.50 0.32 27.69
CA ASN B 524 8.03 1.14 28.82
C ASN B 524 8.04 2.63 28.47
N ILE B 525 7.69 2.91 27.23
CA ILE B 525 7.63 4.26 26.71
C ILE B 525 6.28 4.95 26.93
N GLY B 526 6.35 6.22 27.34
CA GLY B 526 5.16 7.00 27.58
C GLY B 526 4.90 7.86 26.35
N LEU B 527 3.63 8.18 26.11
CA LEU B 527 3.28 8.99 24.97
C LEU B 527 2.08 9.90 25.26
N GLU B 528 2.24 11.19 25.02
CA GLU B 528 1.17 12.17 25.22
C GLU B 528 0.73 12.67 23.87
N ILE B 529 -0.47 12.29 23.46
CA ILE B 529 -1.01 12.71 22.19
C ILE B 529 -0.99 14.23 22.15
N LYS B 530 -0.56 14.83 21.03
CA LYS B 530 -0.51 16.28 20.96
C LYS B 530 -1.33 16.88 19.84
N ASP B 531 -1.91 16.03 19.00
CA ASP B 531 -2.69 16.50 17.84
C ASP B 531 -3.10 15.33 16.93
N VAL B 532 -4.41 15.15 16.73
CA VAL B 532 -4.95 14.09 15.87
C VAL B 532 -5.74 14.70 14.68
N GLN B 533 -5.16 14.69 13.48
CA GLN B 533 -5.84 15.23 12.28
C GLN B 533 -5.70 14.35 11.04
N ILE B 534 -6.52 14.64 10.04
CA ILE B 534 -6.51 13.89 8.77
C ILE B 534 -5.58 14.53 7.76
N ILE B 535 -4.70 13.74 7.15
CA ILE B 535 -3.79 14.30 6.17
C ILE B 535 -3.83 13.54 4.85
N LYS B 536 -3.43 14.22 3.79
CA LYS B 536 -3.43 13.63 2.46
C LYS B 536 -2.02 13.43 1.96
N GLN B 537 -1.43 12.29 2.30
CA GLN B 537 -0.08 11.97 1.86
C GLN B 537 -0.17 11.09 0.60
N SER B 538 0.67 11.39 -0.38
CA SER B 538 0.68 10.65 -1.64
C SER B 538 -0.73 10.37 -2.15
N GLU B 539 -1.56 11.41 -2.12
CA GLU B 539 -2.95 11.38 -2.55
C GLU B 539 -3.88 10.42 -1.82
N LYS B 540 -3.34 9.60 -0.93
CA LYS B 540 -4.20 8.71 -0.18
C LYS B 540 -4.54 9.58 1.02
N GLU B 541 -5.49 9.17 1.87
CA GLU B 541 -5.81 9.99 3.02
C GLU B 541 -5.53 9.17 4.28
N TYR B 542 -4.70 9.70 5.17
CA TYR B 542 -4.32 9.03 6.43
C TYR B 542 -4.64 9.86 7.67
N ILE B 543 -4.53 9.24 8.84
CA ILE B 543 -4.77 9.92 10.11
C ILE B 543 -3.42 10.09 10.82
N ARG B 544 -2.99 11.35 10.95
CA ARG B 544 -1.72 11.70 11.59
C ARG B 544 -1.79 11.68 13.11
N ILE B 545 -0.72 11.26 13.78
CA ILE B 545 -0.74 11.26 15.25
C ILE B 545 0.56 11.77 15.81
N ASP B 546 0.66 13.08 16.04
CA ASP B 546 1.88 13.63 16.62
C ASP B 546 1.85 13.30 18.10
N ALA B 547 3.02 13.11 18.70
CA ALA B 547 3.08 12.78 20.13
C ALA B 547 4.45 12.96 20.75
N LYS B 548 4.45 13.46 21.99
CA LYS B 548 5.67 13.70 22.73
C LYS B 548 5.91 12.49 23.64
N VAL B 549 7.13 11.94 23.61
CA VAL B 549 7.44 10.80 24.45
C VAL B 549 7.61 11.35 25.85
N VAL B 550 7.09 10.64 26.83
CA VAL B 550 7.20 11.07 28.21
C VAL B 550 7.37 9.86 29.13
N PRO B 551 7.94 10.08 30.32
CA PRO B 551 8.14 9.00 31.26
C PRO B 551 6.82 8.26 31.48
N LYS B 552 6.82 6.97 31.16
CA LYS B 552 5.62 6.18 31.29
C LYS B 552 5.03 6.46 32.65
N SER B 553 5.87 6.33 33.68
CA SER B 553 5.45 6.55 35.06
C SER B 553 4.68 7.83 35.37
N LYS B 554 4.23 8.52 34.33
CA LYS B 554 3.46 9.73 34.54
C LYS B 554 2.07 9.45 34.01
N ILE B 555 1.97 8.40 33.17
CA ILE B 555 0.71 8.00 32.56
C ILE B 555 -0.08 7.03 33.42
N ASP B 556 0.61 6.01 33.95
CA ASP B 556 -0.06 5.07 34.81
C ASP B 556 -0.80 5.90 35.84
N THR B 557 -0.10 6.88 36.39
CA THR B 557 -0.66 7.76 37.41
C THR B 557 -2.00 8.24 36.93
N LYS B 558 -2.03 8.79 35.73
CA LYS B 558 -3.28 9.25 35.16
C LYS B 558 -4.36 8.20 35.38
N ILE B 559 -3.99 6.94 35.14
CA ILE B 559 -4.90 5.81 35.29
C ILE B 559 -5.26 5.56 36.75
N GLN B 560 -4.24 5.25 37.55
CA GLN B 560 -4.44 4.99 38.97
C GLN B 560 -5.36 6.00 39.63
N GLU B 561 -5.39 7.21 39.10
CA GLU B 561 -6.24 8.24 39.66
C GLU B 561 -7.60 8.04 39.01
N ALA B 562 -7.58 7.86 37.70
CA ALA B 562 -8.82 7.64 36.96
C ALA B 562 -9.59 6.44 37.51
N GLN B 563 -8.88 5.39 37.91
CA GLN B 563 -9.57 4.23 38.44
C GLN B 563 -10.26 4.71 39.68
N LEU B 564 -9.55 5.50 40.48
CA LEU B 564 -10.13 6.01 41.73
C LEU B 564 -11.39 6.82 41.46
N ASN B 565 -11.29 7.78 40.56
CA ASN B 565 -12.43 8.61 40.26
C ASN B 565 -13.61 7.89 39.62
N ILE B 566 -13.41 6.71 39.04
CA ILE B 566 -14.56 6.04 38.45
C ILE B 566 -15.20 5.12 39.49
N ASN B 567 -14.37 4.49 40.31
CA ASN B 567 -14.86 3.59 41.35
C ASN B 567 -15.59 4.42 42.36
N GLN B 568 -15.03 5.59 42.64
CA GLN B 568 -15.58 6.54 43.60
C GLN B 568 -16.96 6.97 43.16
N GLU B 569 -17.07 7.29 41.88
CA GLU B 569 -18.32 7.75 41.31
C GLU B 569 -19.37 6.64 41.22
N TRP B 570 -19.06 5.55 40.53
CA TRP B 570 -20.05 4.50 40.40
C TRP B 570 -20.43 3.81 41.69
N ASN B 571 -19.74 4.13 42.78
CA ASN B 571 -20.08 3.53 44.06
C ASN B 571 -21.35 4.15 44.55
N LYS B 572 -21.37 5.47 44.65
CA LYS B 572 -22.57 6.14 45.10
C LYS B 572 -23.76 5.77 44.22
N ALA B 573 -23.53 5.64 42.91
CA ALA B 573 -24.60 5.32 41.97
C ALA B 573 -25.33 4.00 42.24
N LEU B 574 -24.58 2.95 42.55
CA LEU B 574 -25.23 1.66 42.81
C LEU B 574 -25.60 1.57 44.29
N GLY B 575 -25.49 2.70 44.99
CA GLY B 575 -25.82 2.70 46.40
C GLY B 575 -25.04 1.66 47.16
N LEU B 576 -23.73 1.62 46.91
CA LEU B 576 -22.84 0.68 47.58
C LEU B 576 -22.00 1.35 48.65
N PRO B 577 -21.31 0.54 49.46
CA PRO B 577 -20.47 1.08 50.52
C PRO B 577 -19.45 2.00 49.89
N LYS B 578 -18.74 2.77 50.72
CA LYS B 578 -17.72 3.67 50.19
C LYS B 578 -16.44 2.80 50.22
N TYR B 579 -15.40 3.21 49.49
CA TYR B 579 -14.15 2.45 49.50
C TYR B 579 -14.28 1.09 48.86
N THR B 580 -15.44 0.81 48.27
CA THR B 580 -15.64 -0.47 47.60
C THR B 580 -14.81 -0.49 46.31
N LYS B 581 -14.32 -1.67 45.94
CA LYS B 581 -13.49 -1.78 44.74
C LYS B 581 -14.17 -2.63 43.68
N LEU B 582 -14.92 -2.00 42.77
CA LEU B 582 -15.64 -2.74 41.73
C LEU B 582 -14.98 -2.73 40.35
N ILE B 583 -14.65 -1.52 39.90
CA ILE B 583 -14.05 -1.34 38.61
C ILE B 583 -12.53 -1.48 38.75
N THR B 584 -11.88 -1.93 37.68
CA THR B 584 -10.43 -2.08 37.64
C THR B 584 -9.92 -1.87 36.24
N PHE B 585 -8.99 -0.93 36.10
CA PHE B 585 -8.40 -0.63 34.80
C PHE B 585 -7.06 -1.34 34.65
N ASN B 586 -6.94 -2.17 33.62
CA ASN B 586 -5.69 -2.88 33.34
C ASN B 586 -5.24 -2.51 31.94
N VAL B 587 -4.75 -1.28 31.83
CA VAL B 587 -4.31 -0.73 30.57
C VAL B 587 -2.81 -0.78 30.46
N HIS B 588 -2.31 -0.94 29.24
CA HIS B 588 -0.87 -1.00 29.04
C HIS B 588 -0.47 -0.70 27.61
N ASN B 589 -1.46 -0.61 26.73
CA ASN B 589 -1.14 -0.39 25.33
C ASN B 589 -1.20 0.99 24.74
N ARG B 590 -1.24 1.01 23.41
CA ARG B 590 -1.19 2.22 22.60
C ARG B 590 -2.50 3.03 22.54
N TYR B 591 -3.58 2.58 23.19
CA TYR B 591 -4.84 3.32 23.15
C TYR B 591 -5.36 3.52 24.57
N ALA B 592 -4.40 3.68 25.48
CA ALA B 592 -4.75 3.87 26.87
C ALA B 592 -5.84 4.90 27.02
N SER B 593 -5.45 6.17 27.01
CA SER B 593 -6.38 7.29 27.15
C SER B 593 -7.80 6.88 26.90
N ASN B 594 -8.12 6.51 25.66
CA ASN B 594 -9.47 6.08 25.31
C ASN B 594 -10.00 4.96 26.22
N ILE B 595 -9.39 3.80 26.15
CA ILE B 595 -9.80 2.67 26.98
C ILE B 595 -10.31 3.11 28.35
N VAL B 596 -9.54 3.99 28.98
CA VAL B 596 -9.90 4.51 30.27
C VAL B 596 -11.23 5.22 30.21
N GLU B 597 -11.31 6.29 29.40
CA GLU B 597 -12.54 7.08 29.26
C GLU B 597 -13.80 6.39 28.72
N SER B 598 -13.67 5.52 27.72
CA SER B 598 -14.83 4.85 27.17
C SER B 598 -15.44 3.95 28.24
N ALA B 599 -14.61 3.57 29.21
CA ALA B 599 -15.02 2.72 30.33
C ALA B 599 -16.19 3.35 31.09
N TYR B 600 -16.20 4.68 31.17
CA TYR B 600 -17.26 5.41 31.85
C TYR B 600 -18.53 5.24 31.03
N LEU B 601 -18.36 5.37 29.72
CA LEU B 601 -19.46 5.22 28.79
C LEU B 601 -20.08 3.85 28.92
N ILE B 602 -19.28 2.84 28.60
CA ILE B 602 -19.75 1.46 28.68
C ILE B 602 -20.64 1.23 29.90
N LEU B 603 -20.22 1.75 31.05
CA LEU B 603 -21.01 1.60 32.28
C LEU B 603 -22.27 2.43 32.23
N ASN B 604 -22.24 3.49 31.44
CA ASN B 604 -23.38 4.39 31.32
C ASN B 604 -24.53 3.79 30.53
N GLU B 605 -24.24 3.15 29.39
CA GLU B 605 -25.29 2.54 28.59
C GLU B 605 -25.88 1.45 29.49
N TRP B 606 -25.00 0.89 30.32
CA TRP B 606 -25.37 -0.15 31.25
C TRP B 606 -26.55 0.26 32.10
N LYS B 607 -26.39 1.36 32.84
CA LYS B 607 -27.45 1.82 33.71
C LYS B 607 -28.61 2.43 32.93
N ASN B 608 -28.33 2.89 31.72
CA ASN B 608 -29.37 3.51 30.90
C ASN B 608 -30.28 2.47 30.24
N ASN B 609 -30.05 1.19 30.50
CA ASN B 609 -30.88 0.14 29.91
C ASN B 609 -31.47 -0.82 30.94
N ILE B 610 -30.63 -1.58 31.62
CA ILE B 610 -31.12 -2.52 32.60
C ILE B 610 -31.83 -1.81 33.74
N GLN B 611 -33.01 -2.35 34.07
CA GLN B 611 -33.83 -1.84 35.15
C GLN B 611 -32.92 -1.49 36.35
N SER B 612 -33.06 -0.28 36.88
CA SER B 612 -32.21 0.17 37.99
C SER B 612 -32.10 -0.70 39.23
N ASP B 613 -33.18 -1.33 39.67
CA ASP B 613 -33.09 -2.17 40.87
C ASP B 613 -32.40 -3.49 40.57
N LEU B 614 -32.36 -3.88 39.30
CA LEU B 614 -31.72 -5.14 38.91
C LEU B 614 -30.21 -4.99 39.00
N ILE B 615 -29.72 -3.83 38.57
CA ILE B 615 -28.30 -3.54 38.63
C ILE B 615 -27.83 -3.70 40.05
N LYS B 616 -28.27 -2.79 40.91
CA LYS B 616 -27.89 -2.85 42.31
C LYS B 616 -27.95 -4.29 42.82
N LYS B 617 -29.16 -4.82 42.95
CA LYS B 617 -29.31 -6.17 43.47
C LYS B 617 -28.35 -7.22 42.88
N VAL B 618 -28.11 -7.16 41.58
CA VAL B 618 -27.21 -8.13 40.93
C VAL B 618 -25.74 -7.82 41.17
N THR B 619 -25.35 -6.57 41.01
CA THR B 619 -23.96 -6.16 41.21
C THR B 619 -23.55 -6.38 42.64
N ASN B 620 -24.53 -6.38 43.53
CA ASN B 620 -24.22 -6.57 44.93
C ASN B 620 -23.89 -8.02 45.20
N TYR B 621 -24.17 -8.86 44.22
CA TYR B 621 -23.84 -10.27 44.34
C TYR B 621 -22.37 -10.35 44.00
N LEU B 622 -21.97 -9.67 42.92
CA LEU B 622 -20.58 -9.66 42.47
C LEU B 622 -19.62 -9.05 43.48
N VAL B 623 -20.02 -7.96 44.10
CA VAL B 623 -19.16 -7.30 45.07
C VAL B 623 -19.02 -8.15 46.31
N ASP B 624 -19.97 -9.07 46.48
CA ASP B 624 -19.99 -9.93 47.64
C ASP B 624 -18.89 -10.99 47.55
N GLY B 625 -18.81 -11.65 46.40
CA GLY B 625 -17.78 -12.66 46.23
C GLY B 625 -16.49 -11.97 45.83
N ASN B 626 -16.50 -10.66 45.94
CA ASN B 626 -15.34 -9.85 45.60
C ASN B 626 -15.03 -9.97 44.13
N GLY B 627 -15.88 -9.37 43.30
CA GLY B 627 -15.68 -9.42 41.87
C GLY B 627 -14.98 -8.18 41.37
N ARG B 628 -15.07 -7.91 40.07
CA ARG B 628 -14.43 -6.75 39.48
C ARG B 628 -14.90 -6.62 38.05
N PHE B 629 -15.24 -5.41 37.64
CA PHE B 629 -15.61 -5.16 36.25
C PHE B 629 -14.23 -4.75 35.74
N VAL B 630 -13.70 -5.52 34.79
CA VAL B 630 -12.37 -5.25 34.24
C VAL B 630 -12.32 -4.70 32.83
N PHE B 631 -11.66 -3.55 32.69
CA PHE B 631 -11.52 -2.89 31.40
C PHE B 631 -10.05 -2.97 31.04
N THR B 632 -9.73 -3.83 30.08
CA THR B 632 -8.35 -4.02 29.70
C THR B 632 -8.05 -3.88 28.25
N ASP B 633 -6.75 -3.82 27.95
CA ASP B 633 -6.26 -3.71 26.59
C ASP B 633 -5.17 -4.75 26.29
N ILE B 634 -5.19 -5.86 27.03
CA ILE B 634 -4.25 -6.98 26.85
C ILE B 634 -5.08 -8.27 26.92
N THR B 635 -4.67 -9.32 26.23
CA THR B 635 -5.46 -10.54 26.22
C THR B 635 -5.84 -11.03 27.62
N LEU B 636 -7.08 -11.45 27.75
CA LEU B 636 -7.58 -11.95 29.02
C LEU B 636 -6.75 -13.10 29.58
N PRO B 637 -6.24 -13.99 28.72
CA PRO B 637 -5.44 -15.08 29.28
C PRO B 637 -4.56 -14.57 30.38
N ASN B 638 -4.03 -13.37 30.21
CA ASN B 638 -3.14 -12.86 31.21
C ASN B 638 -3.77 -12.02 32.30
N ILE B 639 -5.09 -12.05 32.43
CA ILE B 639 -5.73 -11.28 33.49
C ILE B 639 -5.97 -12.20 34.68
N ALA B 640 -5.16 -12.03 35.71
CA ALA B 640 -5.26 -12.85 36.92
C ALA B 640 -6.69 -13.20 37.28
N GLU B 641 -7.59 -12.24 37.13
CA GLU B 641 -8.99 -12.48 37.45
C GLU B 641 -9.47 -13.74 36.67
N GLN B 642 -8.64 -14.28 35.77
CA GLN B 642 -9.00 -15.49 35.04
C GLN B 642 -8.01 -16.61 35.31
N TYR B 643 -6.75 -16.31 35.19
CA TYR B 643 -5.77 -17.37 35.38
C TYR B 643 -5.61 -17.87 36.82
N THR B 644 -6.13 -17.15 37.80
CA THR B 644 -6.04 -17.68 39.17
C THR B 644 -7.05 -18.79 39.31
N HIS B 645 -7.91 -18.94 38.30
CA HIS B 645 -8.97 -19.96 38.32
C HIS B 645 -8.95 -20.83 37.04
N GLN B 646 -7.91 -20.64 36.23
CA GLN B 646 -7.67 -21.37 34.97
C GLN B 646 -7.17 -22.76 35.33
N ASP B 647 -7.97 -23.79 35.02
CA ASP B 647 -7.61 -25.19 35.31
C ASP B 647 -6.23 -25.53 34.75
N GLU B 648 -6.19 -25.69 33.43
CA GLU B 648 -4.96 -26.00 32.70
C GLU B 648 -4.72 -24.79 31.79
N ILE B 649 -3.46 -24.54 31.47
CA ILE B 649 -3.09 -23.40 30.64
C ILE B 649 -3.75 -23.29 29.27
N TYR B 650 -4.09 -24.44 28.68
CA TYR B 650 -4.68 -24.49 27.35
C TYR B 650 -6.17 -24.23 27.27
N GLU B 651 -6.82 -24.14 28.42
CA GLU B 651 -8.26 -23.89 28.46
C GLU B 651 -8.58 -22.39 28.63
N GLN B 652 -7.60 -21.55 28.28
CA GLN B 652 -7.74 -20.10 28.33
C GLN B 652 -8.67 -19.65 27.24
N VAL B 653 -9.15 -18.42 27.37
CA VAL B 653 -10.04 -17.88 26.38
C VAL B 653 -9.69 -16.43 26.17
N HIS B 654 -9.60 -16.03 24.92
CA HIS B 654 -9.33 -14.64 24.59
C HIS B 654 -10.55 -14.24 23.79
N SER B 655 -11.39 -13.37 24.36
CA SER B 655 -12.60 -12.97 23.69
C SER B 655 -12.76 -11.47 23.71
N LYS B 656 -13.98 -11.01 23.40
CA LYS B 656 -14.28 -9.60 23.42
C LYS B 656 -14.61 -9.23 24.85
N GLY B 657 -15.35 -10.11 25.51
CA GLY B 657 -15.72 -9.87 26.89
C GLY B 657 -15.78 -11.21 27.58
N LEU B 658 -15.86 -11.25 28.90
CA LEU B 658 -15.91 -12.54 29.56
C LEU B 658 -16.33 -12.53 31.02
N TYR B 659 -17.00 -13.61 31.42
CA TYR B 659 -17.47 -13.74 32.78
C TYR B 659 -16.81 -14.95 33.40
N VAL B 660 -16.22 -14.72 34.58
CA VAL B 660 -15.56 -15.78 35.31
C VAL B 660 -16.45 -15.93 36.57
N PRO B 661 -17.28 -16.98 36.62
CA PRO B 661 -18.16 -17.21 37.77
C PRO B 661 -17.29 -17.45 38.96
N GLU B 662 -16.25 -18.22 38.70
CA GLU B 662 -15.28 -18.58 39.71
C GLU B 662 -14.77 -17.34 40.44
N SER B 663 -15.03 -16.18 39.87
CA SER B 663 -14.60 -14.92 40.46
C SER B 663 -15.73 -13.90 40.48
N ARG B 664 -16.76 -14.15 39.68
CA ARG B 664 -17.89 -13.24 39.58
C ARG B 664 -17.29 -11.91 39.14
N SER B 665 -16.58 -11.91 38.04
CA SER B 665 -15.98 -10.68 37.58
C SER B 665 -15.89 -10.51 36.06
N ILE B 666 -16.81 -9.72 35.54
CA ILE B 666 -16.87 -9.43 34.11
C ILE B 666 -15.48 -9.09 33.59
N LEU B 667 -15.33 -9.13 32.27
CA LEU B 667 -14.06 -8.81 31.64
C LEU B 667 -14.33 -8.22 30.27
N LEU B 668 -13.75 -7.06 30.00
CA LEU B 668 -13.99 -6.40 28.73
C LEU B 668 -12.74 -5.98 27.95
N HIS B 669 -12.55 -6.59 26.80
CA HIS B 669 -11.40 -6.27 25.98
C HIS B 669 -11.77 -4.97 25.30
N GLY B 670 -10.79 -4.19 24.88
CA GLY B 670 -11.09 -2.92 24.25
C GLY B 670 -10.72 -2.78 22.80
N PRO B 671 -9.60 -3.35 22.36
CA PRO B 671 -9.17 -3.24 20.97
C PRO B 671 -9.69 -4.39 20.14
N SER B 672 -10.91 -4.82 20.43
CA SER B 672 -11.51 -5.94 19.73
C SER B 672 -12.74 -5.48 18.93
N LYS B 673 -13.64 -6.42 18.62
CA LYS B 673 -14.84 -6.10 17.83
C LYS B 673 -15.85 -7.25 17.82
N GLY B 674 -16.39 -7.55 19.00
CA GLY B 674 -17.37 -8.62 19.13
C GLY B 674 -18.12 -8.87 17.86
N VAL B 675 -18.03 -10.08 17.35
CA VAL B 675 -18.71 -10.46 16.13
C VAL B 675 -20.17 -10.04 16.19
N GLU B 676 -20.63 -9.39 15.13
CA GLU B 676 -22.01 -8.94 15.09
C GLU B 676 -22.34 -8.05 16.27
N LEU B 677 -21.52 -7.02 16.44
CA LEU B 677 -21.67 -6.03 17.51
C LEU B 677 -21.07 -4.73 17.02
N ARG B 678 -21.56 -3.60 17.52
CA ARG B 678 -21.01 -2.31 17.11
C ARG B 678 -20.67 -1.44 18.32
N ASN B 679 -21.17 -1.83 19.49
CA ASN B 679 -20.92 -1.11 20.73
C ASN B 679 -20.28 -2.00 21.77
N ASP B 680 -19.01 -1.77 22.05
CA ASP B 680 -18.29 -2.53 23.05
C ASP B 680 -19.24 -2.75 24.22
N SER B 681 -20.09 -1.76 24.47
CA SER B 681 -21.05 -1.85 25.55
C SER B 681 -21.92 -3.08 25.36
N GLU B 682 -22.51 -3.21 24.17
CA GLU B 682 -23.36 -4.36 23.88
C GLU B 682 -22.69 -5.58 24.41
N GLY B 683 -21.36 -5.60 24.33
CA GLY B 683 -20.60 -6.71 24.84
C GLY B 683 -20.75 -6.81 26.36
N PHE B 684 -20.45 -5.71 27.06
CA PHE B 684 -20.54 -5.69 28.52
C PHE B 684 -21.90 -6.23 28.87
N ILE B 685 -22.95 -5.62 28.33
CA ILE B 685 -24.29 -6.07 28.63
C ILE B 685 -24.43 -7.57 28.54
N HIS B 686 -23.90 -8.18 27.48
CA HIS B 686 -23.99 -9.63 27.31
C HIS B 686 -23.38 -10.35 28.50
N GLU B 687 -22.18 -9.91 28.86
CA GLU B 687 -21.44 -10.48 29.97
C GLU B 687 -22.23 -10.32 31.26
N PHE B 688 -23.11 -9.33 31.28
CA PHE B 688 -23.94 -9.09 32.44
C PHE B 688 -25.02 -10.15 32.48
N GLY B 689 -25.19 -10.83 31.36
CA GLY B 689 -26.20 -11.86 31.28
C GLY B 689 -25.88 -13.02 32.18
N HIS B 690 -24.65 -13.52 32.07
CA HIS B 690 -24.20 -14.65 32.86
C HIS B 690 -24.19 -14.35 34.36
N ALA B 691 -24.17 -13.08 34.73
CA ALA B 691 -24.18 -12.75 36.15
C ALA B 691 -25.61 -12.74 36.66
N VAL B 692 -26.54 -12.47 35.75
CA VAL B 692 -27.96 -12.45 36.08
C VAL B 692 -28.35 -13.90 36.11
N ASP B 693 -27.73 -14.66 35.22
CA ASP B 693 -27.96 -16.08 35.09
C ASP B 693 -27.37 -16.77 36.33
N ASP B 694 -26.38 -16.12 36.93
CA ASP B 694 -25.73 -16.65 38.13
C ASP B 694 -26.53 -16.37 39.40
N TYR B 695 -26.86 -15.11 39.64
CA TYR B 695 -27.61 -14.76 40.84
C TYR B 695 -28.90 -15.53 40.88
N ALA B 696 -29.53 -15.69 39.73
CA ALA B 696 -30.78 -16.45 39.66
C ALA B 696 -30.52 -17.83 40.27
N GLY B 697 -29.58 -18.56 39.67
CA GLY B 697 -29.26 -19.87 40.18
C GLY B 697 -29.14 -19.86 41.68
N TYR B 698 -28.14 -19.15 42.19
CA TYR B 698 -27.90 -19.05 43.61
C TYR B 698 -29.15 -18.89 44.47
N LEU B 699 -30.07 -18.03 44.06
CA LEU B 699 -31.28 -17.78 44.84
C LEU B 699 -32.19 -18.96 45.21
N LEU B 700 -32.10 -20.07 44.49
CA LEU B 700 -32.94 -21.23 44.78
C LEU B 700 -32.09 -22.39 45.30
N ASP B 701 -30.78 -22.28 45.07
CA ASP B 701 -29.80 -23.28 45.49
C ASP B 701 -28.72 -22.56 46.26
N LYS B 702 -29.04 -22.14 47.48
CA LYS B 702 -28.05 -21.43 48.29
C LYS B 702 -26.96 -22.38 48.86
N ASN B 703 -27.00 -23.66 48.48
CA ASN B 703 -25.97 -24.63 48.87
C ASN B 703 -25.13 -24.87 47.61
N GLN B 704 -25.87 -25.48 46.66
CA GLN B 704 -25.41 -25.95 45.36
C GLN B 704 -25.56 -24.85 44.28
N SER B 705 -24.73 -23.81 44.35
CA SER B 705 -24.79 -22.74 43.36
C SER B 705 -24.51 -23.32 41.96
N ASP B 706 -25.46 -23.14 41.06
CA ASP B 706 -25.35 -23.63 39.70
C ASP B 706 -26.26 -22.76 38.83
N LEU B 707 -25.80 -22.44 37.61
CA LEU B 707 -26.57 -21.61 36.69
C LEU B 707 -28.01 -22.09 36.51
N VAL B 708 -28.94 -21.14 36.44
CA VAL B 708 -30.35 -21.47 36.28
C VAL B 708 -30.59 -22.10 34.90
N THR B 709 -29.89 -21.61 33.89
CA THR B 709 -30.05 -22.15 32.54
C THR B 709 -29.85 -23.67 32.54
N ASN B 710 -29.00 -24.14 33.45
CA ASN B 710 -28.70 -25.57 33.59
C ASN B 710 -29.94 -26.28 34.07
N SER B 711 -30.85 -25.53 34.67
CA SER B 711 -32.07 -26.12 35.17
C SER B 711 -32.97 -26.58 34.01
N LYS B 712 -33.54 -27.76 34.19
CA LYS B 712 -34.43 -28.39 33.21
C LYS B 712 -35.36 -27.41 32.47
N LYS B 713 -36.21 -26.73 33.23
CA LYS B 713 -37.18 -25.78 32.66
C LYS B 713 -36.69 -25.06 31.40
N PHE B 714 -35.50 -24.46 31.50
CA PHE B 714 -34.91 -23.69 30.39
C PHE B 714 -34.42 -24.55 29.22
N ILE B 715 -33.79 -25.67 29.53
CA ILE B 715 -33.25 -26.54 28.50
C ILE B 715 -34.27 -26.87 27.43
N ASP B 716 -35.51 -27.17 27.83
CA ASP B 716 -36.54 -27.46 26.84
C ASP B 716 -36.83 -26.24 25.98
N ILE B 717 -36.74 -25.07 26.60
CA ILE B 717 -36.99 -23.81 25.92
C ILE B 717 -35.86 -23.55 24.92
N PHE B 718 -34.70 -24.12 25.23
CA PHE B 718 -33.51 -24.00 24.41
C PHE B 718 -33.73 -24.76 23.09
N LYS B 719 -34.04 -26.04 23.20
CA LYS B 719 -34.25 -26.85 22.02
C LYS B 719 -35.38 -26.32 21.14
N GLU B 720 -36.24 -25.47 21.68
CA GLU B 720 -37.31 -24.96 20.86
C GLU B 720 -36.96 -23.62 20.21
N GLU B 721 -36.71 -22.61 21.03
CA GLU B 721 -36.38 -21.27 20.53
C GLU B 721 -34.87 -21.06 20.39
N GLY B 722 -34.09 -22.14 20.45
CA GLY B 722 -32.65 -22.03 20.35
C GLY B 722 -32.04 -21.42 19.09
N SER B 723 -32.41 -21.95 17.93
CA SER B 723 -31.87 -21.46 16.67
C SER B 723 -32.65 -20.23 16.18
N ASN B 724 -33.34 -19.56 17.09
CA ASN B 724 -34.16 -18.40 16.73
C ASN B 724 -33.60 -17.02 17.03
N LEU B 725 -32.31 -16.93 17.35
CA LEU B 725 -31.71 -15.62 17.64
C LEU B 725 -30.36 -15.44 16.93
N THR B 726 -29.39 -14.82 17.58
CA THR B 726 -28.11 -14.64 16.91
C THR B 726 -27.51 -15.98 16.59
N SER B 727 -26.86 -16.08 15.44
CA SER B 727 -26.24 -17.32 15.03
C SER B 727 -25.29 -17.84 16.10
N TYR B 728 -24.90 -16.97 17.03
CA TYR B 728 -23.99 -17.37 18.08
C TYR B 728 -24.71 -17.84 19.32
N GLY B 729 -25.89 -17.31 19.55
CA GLY B 729 -26.62 -17.71 20.73
C GLY B 729 -26.89 -19.19 20.75
N ARG B 730 -26.64 -19.85 19.63
CA ARG B 730 -26.92 -21.28 19.50
C ARG B 730 -26.06 -22.33 20.23
N THR B 731 -24.89 -21.97 20.72
CA THR B 731 -24.08 -22.96 21.43
C THR B 731 -24.86 -23.40 22.67
N ASN B 732 -24.20 -23.44 23.82
CA ASN B 732 -24.90 -23.83 25.04
C ASN B 732 -26.13 -22.94 25.21
N GLU B 733 -26.91 -23.18 26.25
CA GLU B 733 -28.10 -22.36 26.48
C GLU B 733 -27.79 -21.27 27.46
N ALA B 734 -26.57 -21.27 27.97
CA ALA B 734 -26.17 -20.25 28.91
C ALA B 734 -25.91 -19.00 28.08
N GLU B 735 -25.32 -19.20 26.90
CA GLU B 735 -25.04 -18.11 25.99
C GLU B 735 -26.36 -17.59 25.46
N PHE B 736 -27.09 -18.43 24.72
CA PHE B 736 -28.40 -18.08 24.18
C PHE B 736 -29.10 -17.18 25.22
N PHE B 737 -29.25 -17.72 26.44
CA PHE B 737 -29.87 -16.99 27.54
C PHE B 737 -29.30 -15.58 27.56
N ALA B 738 -27.99 -15.49 27.74
CA ALA B 738 -27.34 -14.18 27.77
C ALA B 738 -27.55 -13.45 26.45
N GLU B 739 -27.51 -14.17 25.35
CA GLU B 739 -27.71 -13.55 24.06
C GLU B 739 -29.08 -12.93 24.03
N ALA B 740 -30.01 -13.57 24.72
CA ALA B 740 -31.38 -13.07 24.81
C ALA B 740 -31.36 -11.81 25.67
N PHE B 741 -30.82 -11.94 26.86
CA PHE B 741 -30.72 -10.82 27.78
C PHE B 741 -30.10 -9.60 27.09
N ARG B 742 -29.05 -9.82 26.32
CA ARG B 742 -28.37 -8.73 25.63
C ARG B 742 -29.33 -8.02 24.70
N LEU B 743 -29.78 -8.73 23.68
CA LEU B 743 -30.69 -8.18 22.72
C LEU B 743 -31.85 -7.53 23.46
N MET B 744 -32.59 -8.31 24.23
CA MET B 744 -33.71 -7.77 25.01
C MET B 744 -33.40 -6.37 25.57
N HIS B 745 -32.31 -6.31 26.32
CA HIS B 745 -31.89 -5.08 26.95
C HIS B 745 -30.95 -4.22 26.11
N SER B 746 -31.36 -3.89 24.88
CA SER B 746 -30.50 -3.07 24.04
C SER B 746 -31.01 -1.65 23.82
N THR B 747 -30.08 -0.77 23.48
CA THR B 747 -30.40 0.63 23.22
C THR B 747 -31.38 0.68 22.07
N ASP B 748 -30.93 0.34 20.87
CA ASP B 748 -31.82 0.32 19.72
C ASP B 748 -32.97 -0.61 20.05
N HIS B 749 -34.20 -0.07 20.05
CA HIS B 749 -35.37 -0.88 20.40
C HIS B 749 -35.82 -1.94 19.40
N ALA B 750 -35.74 -1.63 18.12
CA ALA B 750 -36.15 -2.57 17.08
C ALA B 750 -35.98 -4.02 17.51
N GLU B 751 -34.76 -4.35 17.91
CA GLU B 751 -34.39 -5.70 18.33
C GLU B 751 -34.96 -6.14 19.67
N ARG B 752 -35.36 -5.17 20.49
CA ARG B 752 -35.95 -5.53 21.77
C ARG B 752 -37.26 -6.22 21.43
N LEU B 753 -37.71 -6.04 20.20
CA LEU B 753 -38.93 -6.67 19.74
C LEU B 753 -38.59 -8.00 19.12
N LYS B 754 -37.57 -8.01 18.27
CA LYS B 754 -37.14 -9.24 17.61
C LYS B 754 -37.21 -10.45 18.54
N VAL B 755 -36.89 -10.25 19.82
CA VAL B 755 -36.94 -11.35 20.77
C VAL B 755 -38.38 -11.71 21.05
N GLN B 756 -39.08 -10.80 21.69
CA GLN B 756 -40.49 -11.00 22.04
C GLN B 756 -41.25 -11.64 20.89
N LYS B 757 -40.82 -11.32 19.67
CA LYS B 757 -41.44 -11.87 18.48
C LYS B 757 -40.97 -13.29 18.21
N ASN B 758 -39.71 -13.42 17.79
CA ASN B 758 -39.15 -14.72 17.47
C ASN B 758 -38.81 -15.64 18.63
N ALA B 759 -38.63 -15.08 19.83
CA ALA B 759 -38.29 -15.91 21.00
C ALA B 759 -39.22 -15.63 22.18
N PRO B 760 -40.52 -15.88 22.02
CA PRO B 760 -41.55 -15.67 23.04
C PRO B 760 -41.32 -16.30 24.41
N LYS B 761 -41.33 -17.63 24.46
CA LYS B 761 -41.15 -18.34 25.72
C LYS B 761 -39.88 -17.92 26.43
N THR B 762 -38.91 -17.41 25.65
CA THR B 762 -37.62 -16.96 26.20
C THR B 762 -37.79 -15.57 26.76
N PHE B 763 -38.24 -14.67 25.89
CA PHE B 763 -38.50 -13.29 26.26
C PHE B 763 -39.19 -13.30 27.60
N GLN B 764 -39.95 -14.35 27.85
CA GLN B 764 -40.67 -14.50 29.09
C GLN B 764 -39.76 -15.06 30.18
N PHE B 765 -39.17 -16.22 29.94
CA PHE B 765 -38.29 -16.83 30.93
C PHE B 765 -37.31 -15.84 31.53
N ILE B 766 -36.53 -15.19 30.68
CA ILE B 766 -35.56 -14.20 31.12
C ILE B 766 -36.28 -13.10 31.88
N ASN B 767 -37.15 -12.38 31.19
CA ASN B 767 -37.91 -11.28 31.79
C ASN B 767 -38.72 -11.75 32.98
N ASP B 768 -38.58 -13.02 33.32
CA ASP B 768 -39.29 -13.60 34.45
C ASP B 768 -38.30 -13.69 35.59
N GLN B 769 -37.11 -14.19 35.28
CA GLN B 769 -36.05 -14.30 36.27
C GLN B 769 -35.77 -12.90 36.81
N ILE B 770 -35.71 -11.90 35.94
CA ILE B 770 -35.45 -10.54 36.37
C ILE B 770 -36.35 -10.15 37.53
N LYS B 771 -37.64 -10.38 37.39
CA LYS B 771 -38.56 -10.04 38.44
C LYS B 771 -38.29 -10.85 39.69
N PHE B 772 -37.74 -12.04 39.52
CA PHE B 772 -37.44 -12.90 40.67
C PHE B 772 -36.42 -12.22 41.57
N ILE B 773 -35.41 -11.60 40.98
CA ILE B 773 -34.38 -10.92 41.74
C ILE B 773 -34.92 -9.60 42.25
N ILE B 774 -35.46 -8.81 41.34
CA ILE B 774 -36.04 -7.51 41.66
C ILE B 774 -36.95 -7.52 42.88
N ASN B 775 -37.59 -8.66 43.12
CA ASN B 775 -38.50 -8.81 44.25
C ASN B 775 -37.87 -9.62 45.37
N SER B 776 -36.60 -10.00 45.20
CA SER B 776 -35.89 -10.78 46.21
C SER B 776 -35.87 -10.04 47.56
#